data_4BEI
#
_entry.id   4BEI
#
_cell.length_a   136.885
_cell.length_b   136.885
_cell.length_c   116.312
_cell.angle_alpha   90.00
_cell.angle_beta   90.00
_cell.angle_gamma   120.00
#
_symmetry.space_group_name_H-M   'P 31'
#
loop_
_entity.id
_entity.type
_entity.pdbx_description
1 polymer RBMA
2 non-polymer 1,4,7,10,13,16-HEXAOXACYCLOOCTADECANE
3 non-polymer DI(HYDROXYETHYL)ETHER
4 water water
#
_entity_poly.entity_id   1
_entity_poly.type   'polypeptide(L)'
_entity_poly.pdbx_seq_one_letter_code
;MGSSHHHHHHSSGLVPRGSHMEVDCELQPVIEANLSLNQNQLASNGGYISSQLGIRNESCETVKFKYWLSIKGPEGIYFP
AKAVVGVDTAQQESDALTDGRMLNVTRGFWVPEYMADGKYTVSLQVVAENGKVFKANQEFVKGVDLNSLPELNGLTIDIK
NQFGINSVESTGGFVPFTVDLNNGREGEANVEFWMTAVGPDGLIIPVNAREKWVIASGDTYSKVRGINFDKSYPAGEYTI
NAQVVDIVSGERVEQSMTVVKK
;
_entity_poly.pdbx_strand_id   A,B,C,D,E,F,G,H
#
# COMPACT_ATOMS: atom_id res chain seq x y z
N VAL A 30 9.42 -2.51 29.91
CA VAL A 30 10.12 -3.24 28.82
C VAL A 30 11.35 -2.44 28.35
N ILE A 31 11.14 -1.28 27.71
CA ILE A 31 12.25 -0.40 27.23
C ILE A 31 12.41 0.85 28.08
N GLU A 32 13.67 1.22 28.36
CA GLU A 32 13.98 2.50 29.02
C GLU A 32 14.70 3.45 28.06
N ALA A 33 14.07 4.61 27.83
CA ALA A 33 14.58 5.61 26.88
C ALA A 33 14.98 6.90 27.57
N ASN A 34 16.16 7.40 27.24
CA ASN A 34 16.58 8.75 27.66
C ASN A 34 17.11 9.56 26.50
N LEU A 35 17.13 10.86 26.74
CA LEU A 35 17.55 11.83 25.76
C LEU A 35 18.10 13.03 26.50
N SER A 36 19.28 13.47 26.09
CA SER A 36 19.82 14.72 26.61
C SER A 36 20.38 15.57 25.48
N LEU A 37 20.30 16.88 25.64
CA LEU A 37 20.82 17.84 24.67
C LEU A 37 22.09 18.50 25.15
N ASN A 38 23.04 18.65 24.23
CA ASN A 38 24.28 19.39 24.52
C ASN A 38 24.02 20.89 24.61
N GLN A 39 22.90 21.34 24.06
CA GLN A 39 22.43 22.70 24.36
C GLN A 39 20.93 22.90 24.21
N ASN A 40 20.44 23.87 24.98
CA ASN A 40 19.00 24.17 25.08
C ASN A 40 18.61 25.52 24.51
N GLN A 41 19.60 26.27 24.07
CA GLN A 41 19.42 27.68 23.83
C GLN A 41 20.06 28.14 22.52
N LEU A 42 19.22 28.35 21.51
CA LEU A 42 19.67 28.82 20.20
C LEU A 42 19.25 30.25 19.98
N ALA A 43 20.13 31.00 19.33
CA ALA A 43 19.79 32.36 18.92
C ALA A 43 18.91 32.31 17.67
N SER A 44 18.33 33.46 17.33
CA SER A 44 17.43 33.57 16.16
C SER A 44 18.04 33.02 14.88
N ASN A 45 19.34 33.23 14.69
CA ASN A 45 20.07 32.73 13.50
C ASN A 45 20.23 31.21 13.46
N GLY A 46 19.59 30.53 14.40
CA GLY A 46 19.59 29.08 14.43
C GLY A 46 20.89 28.50 14.96
N GLY A 47 21.02 27.19 14.86
CA GLY A 47 22.26 26.53 15.26
C GLY A 47 22.22 25.02 15.20
N TYR A 48 23.29 24.42 15.70
CA TYR A 48 23.45 22.96 15.73
C TYR A 48 23.26 22.44 17.14
N ILE A 49 22.56 21.33 17.25
CA ILE A 49 22.30 20.71 18.55
C ILE A 49 22.69 19.25 18.46
N SER A 50 23.61 18.86 19.34
CA SER A 50 24.03 17.47 19.42
C SER A 50 23.31 16.79 20.56
N SER A 51 22.68 15.66 20.26
CA SER A 51 21.93 14.93 21.26
C SER A 51 22.56 13.58 21.56
N GLN A 52 22.23 13.05 22.73
CA GLN A 52 22.65 11.70 23.15
C GLN A 52 21.41 10.85 23.44
N LEU A 53 21.25 9.79 22.64
CA LEU A 53 20.12 8.88 22.78
C LEU A 53 20.54 7.64 23.52
N GLY A 54 19.76 7.27 24.52
CA GLY A 54 19.96 6.04 25.25
C GLY A 54 18.72 5.18 25.18
N ILE A 55 18.90 3.92 24.77
CA ILE A 55 17.81 2.95 24.73
C ILE A 55 18.28 1.65 25.38
N ARG A 56 17.61 1.35 26.50
CA ARG A 56 17.97 0.22 27.36
C ARG A 56 16.88 -0.85 27.40
N ASN A 57 17.26 -2.08 27.08
CA ASN A 57 16.36 -3.23 27.24
C ASN A 57 16.42 -3.72 28.69
N GLU A 58 15.40 -3.36 29.47
CA GLU A 58 15.29 -3.80 30.87
C GLU A 58 14.65 -5.19 31.00
N SER A 59 14.25 -5.77 29.88
CA SER A 59 13.52 -7.05 29.88
C SER A 59 14.47 -8.26 29.87
N CYS A 60 13.88 -9.44 30.09
CA CYS A 60 14.63 -10.70 30.29
C CYS A 60 14.84 -11.45 28.95
N GLU A 61 13.81 -11.45 28.12
CA GLU A 61 13.95 -11.89 26.72
C GLU A 61 14.61 -10.79 25.87
N THR A 62 14.97 -11.16 24.64
CA THR A 62 15.52 -10.20 23.67
C THR A 62 14.38 -9.40 23.04
N VAL A 63 14.60 -8.10 22.83
CA VAL A 63 13.53 -7.21 22.31
C VAL A 63 13.86 -6.52 20.97
N LYS A 64 12.87 -6.56 20.08
CA LYS A 64 12.93 -5.86 18.79
C LYS A 64 12.07 -4.58 18.85
N PHE A 65 12.55 -3.51 18.24
CA PHE A 65 11.85 -2.22 18.28
C PHE A 65 12.27 -1.28 17.15
N LYS A 66 11.39 -0.33 16.83
CA LYS A 66 11.74 0.77 15.95
C LYS A 66 11.87 2.04 16.75
N TYR A 67 12.79 2.89 16.36
CA TYR A 67 12.94 4.16 17.02
C TYR A 67 13.35 5.27 16.04
N TRP A 68 13.13 6.51 16.50
CA TRP A 68 13.46 7.69 15.69
C TRP A 68 13.47 8.95 16.54
N LEU A 69 13.98 10.02 15.93
CA LEU A 69 14.13 11.29 16.64
C LEU A 69 13.40 12.39 15.88
N SER A 70 12.45 13.02 16.57
CA SER A 70 11.55 13.98 15.95
C SER A 70 11.47 15.27 16.73
N ILE A 71 11.25 16.36 15.99
CA ILE A 71 11.16 17.69 16.56
C ILE A 71 9.76 18.27 16.37
N LYS A 72 9.27 18.95 17.38
CA LYS A 72 7.98 19.63 17.32
C LYS A 72 8.18 21.06 17.80
N GLY A 73 7.77 22.00 16.96
CA GLY A 73 8.02 23.42 17.25
C GLY A 73 6.76 24.27 17.19
N PRO A 74 6.93 25.59 17.19
CA PRO A 74 5.76 26.46 17.12
C PRO A 74 5.12 26.47 15.75
N GLU A 75 3.95 27.10 15.68
CA GLU A 75 3.24 27.28 14.42
C GLU A 75 2.98 25.97 13.65
N GLY A 76 2.72 24.89 14.39
CA GLY A 76 2.42 23.59 13.78
C GLY A 76 3.61 22.96 13.08
N ILE A 77 4.79 23.35 13.49
CA ILE A 77 6.00 22.79 12.88
C ILE A 77 6.29 21.39 13.48
N TYR A 78 6.41 20.42 12.58
CA TYR A 78 6.81 19.07 12.94
C TYR A 78 7.87 18.67 11.93
N PHE A 79 9.05 18.30 12.38
CA PHE A 79 10.07 17.77 11.46
C PHE A 79 10.95 16.69 12.06
N PRO A 80 11.46 15.77 11.21
CA PRO A 80 12.36 14.76 11.70
C PRO A 80 13.73 15.34 11.91
N ALA A 81 14.41 14.90 12.96
CA ALA A 81 15.75 15.38 13.24
C ALA A 81 16.65 15.05 12.04
N LYS A 82 16.48 13.83 11.55
CA LYS A 82 17.28 13.29 10.45
C LYS A 82 17.17 14.15 9.18
N ALA A 83 18.32 14.45 8.60
CA ALA A 83 18.40 15.12 7.29
C ALA A 83 19.26 14.31 6.31
N VAL A 84 18.90 14.35 5.02
CA VAL A 84 19.67 13.67 3.95
C VAL A 84 20.01 14.62 2.78
N VAL A 85 21.17 14.41 2.16
CA VAL A 85 21.59 15.25 1.00
C VAL A 85 20.89 14.82 -0.29
N GLY A 86 20.72 13.51 -0.44
CA GLY A 86 20.06 12.98 -1.63
C GLY A 86 18.55 12.93 -1.54
N VAL A 87 17.99 11.83 -2.03
CA VAL A 87 16.56 11.59 -2.02
C VAL A 87 16.26 10.62 -0.89
N ASP A 88 15.43 11.04 0.06
CA ASP A 88 15.09 10.15 1.16
C ASP A 88 14.24 9.01 0.63
N THR A 89 14.79 7.81 0.76
CA THR A 89 14.15 6.61 0.23
C THR A 89 13.94 5.52 1.29
N ALA A 90 14.56 5.73 2.45
CA ALA A 90 14.58 4.74 3.53
C ALA A 90 13.20 4.47 4.12
N GLN A 91 13.02 3.25 4.59
CA GLN A 91 11.83 2.87 5.37
C GLN A 91 12.27 2.73 6.82
N GLN A 92 11.31 2.84 7.74
CA GLN A 92 11.64 2.77 9.18
C GLN A 92 12.09 1.35 9.60
N GLU A 93 13.40 1.18 9.73
CA GLU A 93 13.97 -0.14 10.02
C GLU A 93 13.81 -0.52 11.48
N SER A 94 13.66 -1.82 11.71
CA SER A 94 13.65 -2.36 13.07
C SER A 94 15.05 -2.48 13.60
N ASP A 95 15.17 -2.39 14.92
CA ASP A 95 16.42 -2.63 15.65
C ASP A 95 16.18 -3.68 16.72
N ALA A 96 17.26 -4.09 17.40
CA ALA A 96 17.15 -5.10 18.47
C ALA A 96 18.14 -4.88 19.59
N LEU A 97 17.77 -5.37 20.78
CA LEU A 97 18.67 -5.36 21.94
C LEU A 97 18.67 -6.66 22.73
N THR A 98 19.88 -7.15 22.98
CA THR A 98 20.15 -8.23 23.90
C THR A 98 19.56 -7.98 25.29
N ASP A 99 19.23 -9.06 26.01
CA ASP A 99 18.76 -8.97 27.40
C ASP A 99 19.66 -8.08 28.22
N GLY A 100 19.06 -7.11 28.91
CA GLY A 100 19.81 -6.18 29.78
C GLY A 100 20.69 -5.20 29.05
N ARG A 101 20.75 -5.31 27.72
CA ARG A 101 21.63 -4.47 26.91
C ARG A 101 21.04 -3.10 26.60
N MET A 102 21.93 -2.14 26.40
CA MET A 102 21.57 -0.76 26.14
C MET A 102 22.18 -0.27 24.82
N LEU A 103 21.36 0.43 24.03
CA LEU A 103 21.84 1.12 22.84
C LEU A 103 22.24 2.56 23.19
N ASN A 104 23.37 2.99 22.67
CA ASN A 104 23.86 4.36 22.88
C ASN A 104 24.27 5.03 21.58
N VAL A 105 23.56 6.11 21.25
CA VAL A 105 23.77 6.80 19.98
C VAL A 105 23.91 8.29 20.18
N THR A 106 24.90 8.86 19.51
CA THR A 106 24.98 10.31 19.35
C THR A 106 24.27 10.66 18.06
N ARG A 107 23.45 11.69 18.12
CA ARG A 107 22.66 12.16 16.98
C ARG A 107 22.57 13.65 17.06
N GLY A 108 23.02 14.30 16.01
CA GLY A 108 22.93 15.74 15.94
C GLY A 108 21.99 16.18 14.85
N PHE A 109 21.54 17.42 14.96
CA PHE A 109 20.67 18.02 13.97
C PHE A 109 20.83 19.52 13.92
N TRP A 110 20.62 20.05 12.73
CA TRP A 110 20.59 21.48 12.51
C TRP A 110 19.19 21.99 12.75
N VAL A 111 19.12 23.21 13.27
CA VAL A 111 17.87 23.96 13.38
C VAL A 111 18.12 25.29 12.70
N PRO A 112 17.78 25.37 11.40
CA PRO A 112 18.17 26.54 10.64
C PRO A 112 17.49 27.83 11.02
N GLU A 113 18.13 28.92 10.60
CA GLU A 113 17.68 30.29 10.84
C GLU A 113 16.22 30.54 10.43
N TYR A 114 15.82 29.93 9.32
CA TYR A 114 14.48 30.16 8.73
C TYR A 114 13.33 29.52 9.50
N MET A 115 13.66 28.60 10.40
CA MET A 115 12.66 28.02 11.34
C MET A 115 12.16 29.07 12.31
N ALA A 116 10.91 28.95 12.70
CA ALA A 116 10.30 29.95 13.59
C ALA A 116 11.00 30.02 14.93
N ASP A 117 11.12 31.25 15.45
CA ASP A 117 11.56 31.46 16.82
C ASP A 117 10.50 30.89 17.76
N GLY A 118 10.93 30.40 18.92
CA GLY A 118 10.00 29.92 19.95
C GLY A 118 10.46 28.67 20.69
N LYS A 119 9.51 28.02 21.37
CA LYS A 119 9.77 26.80 22.13
C LYS A 119 9.65 25.55 21.25
N TYR A 120 10.66 24.70 21.34
CA TYR A 120 10.71 23.44 20.59
C TYR A 120 10.82 22.26 21.53
N THR A 121 10.25 21.15 21.10
CA THR A 121 10.33 19.89 21.83
C THR A 121 11.02 18.85 20.96
N VAL A 122 12.15 18.33 21.43
CA VAL A 122 12.80 17.17 20.79
C VAL A 122 12.30 15.93 21.48
N SER A 123 11.98 14.91 20.68
CA SER A 123 11.39 13.70 21.20
C SER A 123 12.05 12.44 20.63
N LEU A 124 12.74 11.72 21.52
CA LEU A 124 13.17 10.35 21.24
C LEU A 124 11.97 9.46 21.43
N GLN A 125 11.65 8.69 20.41
CA GLN A 125 10.48 7.85 20.41
C GLN A 125 10.85 6.44 20.02
N VAL A 126 10.38 5.48 20.83
CA VAL A 126 10.61 4.06 20.62
C VAL A 126 9.28 3.34 20.52
N VAL A 127 9.08 2.60 19.44
CA VAL A 127 7.93 1.70 19.32
C VAL A 127 8.41 0.23 19.30
N ALA A 128 8.10 -0.47 20.38
CA ALA A 128 8.51 -1.85 20.55
C ALA A 128 7.61 -2.78 19.75
N GLU A 129 8.17 -3.90 19.34
CA GLU A 129 7.48 -4.89 18.47
C GLU A 129 6.09 -5.29 18.99
N ASN A 130 5.89 -5.17 20.30
CA ASN A 130 4.61 -5.52 20.97
C ASN A 130 3.55 -4.42 21.01
N GLY A 131 3.90 -3.24 20.52
CA GLY A 131 2.98 -2.09 20.47
C GLY A 131 3.23 -1.00 21.51
N LYS A 132 3.99 -1.34 22.54
CA LYS A 132 4.27 -0.38 23.64
C LYS A 132 5.16 0.77 23.17
N VAL A 133 4.72 1.98 23.50
CA VAL A 133 5.41 3.22 23.12
C VAL A 133 6.18 3.83 24.28
N PHE A 134 7.46 4.09 24.07
CA PHE A 134 8.30 4.73 25.07
C PHE A 134 8.93 5.98 24.51
N LYS A 135 9.01 7.04 25.32
CA LYS A 135 9.53 8.32 24.86
C LYS A 135 10.40 9.02 25.86
N ALA A 136 11.27 9.88 25.34
CA ALA A 136 12.05 10.79 26.18
C ALA A 136 12.17 12.14 25.47
N ASN A 137 11.76 13.19 26.18
CA ASN A 137 11.67 14.52 25.59
C ASN A 137 12.62 15.52 26.23
N GLN A 138 13.20 16.36 25.40
CA GLN A 138 13.90 17.54 25.88
C GLN A 138 13.39 18.75 25.14
N GLU A 139 13.48 19.89 25.79
CA GLU A 139 13.06 21.13 25.20
C GLU A 139 14.28 21.96 24.84
N PHE A 140 14.11 22.81 23.86
CA PHE A 140 15.06 23.87 23.59
C PHE A 140 14.29 25.05 23.08
N VAL A 141 14.95 26.20 23.08
CA VAL A 141 14.35 27.43 22.58
C VAL A 141 15.20 28.03 21.49
N LYS A 142 14.54 28.85 20.68
CA LYS A 142 15.18 29.55 19.58
C LYS A 142 14.73 31.00 19.53
N GLY A 143 15.67 31.90 19.80
CA GLY A 143 15.43 33.37 19.71
C GLY A 143 14.68 33.96 20.89
N VAL A 144 14.50 33.15 21.92
CA VAL A 144 13.89 33.57 23.20
C VAL A 144 14.62 32.87 24.32
N ASP A 145 14.41 33.33 25.54
CA ASP A 145 15.11 32.76 26.72
C ASP A 145 14.48 31.45 27.17
N LEU A 146 15.31 30.53 27.65
CA LEU A 146 14.82 29.21 28.08
C LEU A 146 13.84 29.32 29.18
N ASN A 147 14.01 30.24 30.14
CA ASN A 147 13.08 30.23 31.28
C ASN A 147 11.71 30.86 31.00
N SER A 148 11.59 31.45 29.82
CA SER A 148 10.69 32.61 29.68
C SER A 148 9.22 32.22 29.41
N LEU A 149 8.33 33.07 29.90
CA LEU A 149 6.90 32.93 29.62
C LEU A 149 6.69 33.36 28.19
N PRO A 150 5.85 32.65 27.43
CA PRO A 150 5.52 33.17 26.11
C PRO A 150 4.96 34.57 26.22
N GLU A 151 5.33 35.43 25.29
CA GLU A 151 4.78 36.78 25.30
C GLU A 151 4.44 37.36 23.93
N LEU A 152 3.42 38.21 23.96
CA LEU A 152 3.05 39.06 22.83
C LEU A 152 3.50 40.48 23.20
N ASN A 153 4.81 40.68 23.10
CA ASN A 153 5.40 42.02 23.17
C ASN A 153 4.99 42.79 24.42
N GLY A 154 5.44 42.31 25.57
CA GLY A 154 5.09 42.90 26.87
C GLY A 154 3.93 42.20 27.56
N LEU A 155 2.98 41.72 26.77
CA LEU A 155 1.86 40.92 27.29
C LEU A 155 2.28 39.47 27.51
N THR A 156 2.44 39.10 28.76
CA THR A 156 2.98 37.79 29.09
C THR A 156 1.86 36.80 29.37
N ILE A 157 2.11 35.55 29.01
CA ILE A 157 1.11 34.47 29.15
C ILE A 157 1.63 33.36 30.08
N ASP A 158 0.88 33.09 31.13
CA ASP A 158 1.28 32.10 32.15
C ASP A 158 0.18 31.05 32.42
N ILE A 159 0.30 29.93 31.74
CA ILE A 159 -0.60 28.80 31.95
C ILE A 159 0.14 27.60 32.54
N LYS A 160 -0.42 27.06 33.61
CA LYS A 160 0.21 25.98 34.39
C LYS A 160 -0.79 24.93 34.89
N ASN A 161 -0.37 23.68 34.81
CA ASN A 161 -1.06 22.56 35.48
C ASN A 161 -0.92 22.79 36.97
N GLN A 162 -2.02 23.23 37.59
CA GLN A 162 -1.99 23.81 38.93
C GLN A 162 -1.40 22.91 40.00
N PHE A 163 -1.70 21.62 39.94
CA PHE A 163 -1.28 20.68 40.99
C PHE A 163 -0.37 19.55 40.52
N GLY A 164 0.23 19.71 39.35
CA GLY A 164 1.14 18.69 38.81
C GLY A 164 0.49 17.35 38.48
N ILE A 165 -0.81 17.37 38.21
CA ILE A 165 -1.55 16.14 37.90
C ILE A 165 -1.35 15.76 36.44
N ASN A 166 -0.58 14.71 36.21
CA ASN A 166 -0.12 14.35 34.86
C ASN A 166 -0.94 13.26 34.20
N SER A 167 -1.86 12.68 34.96
CA SER A 167 -2.78 11.69 34.42
C SER A 167 -4.08 11.59 35.21
N VAL A 168 -5.07 11.00 34.56
CA VAL A 168 -6.33 10.63 35.22
C VAL A 168 -6.70 9.19 34.91
N GLU A 169 -7.46 8.55 35.81
CA GLU A 169 -7.88 7.14 35.61
C GLU A 169 -8.82 6.98 34.43
N SER A 170 -9.00 5.73 34.02
CA SER A 170 -9.98 5.40 32.98
C SER A 170 -11.40 5.85 33.37
N THR A 171 -11.71 5.82 34.66
CA THR A 171 -13.04 6.23 35.19
C THR A 171 -13.25 7.73 35.25
N GLY A 172 -12.20 8.50 34.96
CA GLY A 172 -12.29 9.95 34.84
C GLY A 172 -11.57 10.75 35.93
N GLY A 173 -11.47 12.05 35.68
CA GLY A 173 -10.77 12.93 36.57
C GLY A 173 -10.85 14.39 36.14
N PHE A 174 -10.57 15.27 37.10
CA PHE A 174 -10.60 16.70 36.88
C PHE A 174 -9.22 17.27 37.13
N VAL A 175 -8.74 17.99 36.12
CA VAL A 175 -7.45 18.68 36.20
C VAL A 175 -7.66 20.16 36.01
N PRO A 176 -7.34 20.96 37.03
CA PRO A 176 -7.41 22.40 36.89
C PRO A 176 -6.12 23.04 36.40
N PHE A 177 -6.29 24.13 35.66
CA PHE A 177 -5.19 24.94 35.16
C PHE A 177 -5.29 26.40 35.57
N THR A 178 -4.18 26.95 36.03
CA THR A 178 -4.12 28.38 36.34
C THR A 178 -3.79 29.14 35.07
N VAL A 179 -4.50 30.24 34.89
CA VAL A 179 -4.33 31.10 33.73
C VAL A 179 -4.04 32.53 34.17
N ASP A 180 -2.89 33.03 33.77
CA ASP A 180 -2.51 34.41 34.04
C ASP A 180 -1.96 35.11 32.81
N LEU A 181 -2.73 36.10 32.36
CA LEU A 181 -2.36 36.96 31.21
C LEU A 181 -2.03 38.36 31.73
N ASN A 182 -0.74 38.66 31.77
CA ASN A 182 -0.28 39.92 32.36
C ASN A 182 0.18 40.94 31.31
N ASN A 183 -0.54 42.04 31.24
CA ASN A 183 -0.19 43.15 30.36
C ASN A 183 0.93 44.06 30.90
N GLY A 184 2.16 43.75 30.52
CA GLY A 184 3.35 44.55 30.91
C GLY A 184 3.57 45.83 30.11
N ARG A 185 2.76 46.00 29.06
CA ARG A 185 2.85 47.15 28.17
C ARG A 185 2.44 48.45 28.84
N GLU A 186 2.80 49.55 28.20
CA GLU A 186 2.42 50.90 28.66
C GLU A 186 1.01 51.28 28.19
N GLY A 187 0.53 50.57 27.18
CA GLY A 187 -0.85 50.75 26.68
C GLY A 187 -1.73 49.53 26.84
N GLU A 188 -3.03 49.70 26.57
CA GLU A 188 -3.97 48.58 26.62
C GLU A 188 -3.69 47.55 25.53
N ALA A 189 -4.03 46.30 25.85
CA ALA A 189 -3.83 45.16 24.95
C ALA A 189 -5.16 44.54 24.62
N ASN A 190 -5.39 44.34 23.33
CA ASN A 190 -6.57 43.64 22.84
C ASN A 190 -6.23 42.22 22.40
N VAL A 191 -6.77 41.25 23.13
CA VAL A 191 -6.49 39.85 22.86
C VAL A 191 -7.71 38.96 22.76
N GLU A 192 -7.54 37.90 21.99
CA GLU A 192 -8.48 36.81 21.99
C GLU A 192 -7.74 35.64 22.59
N PHE A 193 -8.45 34.83 23.37
CA PHE A 193 -7.84 33.75 24.11
C PHE A 193 -8.72 32.52 24.12
N TRP A 194 -8.09 31.35 24.03
CA TRP A 194 -8.81 30.08 24.09
C TRP A 194 -7.94 28.90 24.44
N MET A 195 -8.62 27.81 24.76
CA MET A 195 -7.96 26.58 25.14
C MET A 195 -8.67 25.36 24.57
N THR A 196 -7.87 24.41 24.09
CA THR A 196 -8.39 23.12 23.68
C THR A 196 -7.55 22.00 24.27
N ALA A 197 -8.10 20.80 24.20
CA ALA A 197 -7.38 19.57 24.52
C ALA A 197 -7.34 18.67 23.30
N VAL A 198 -6.19 18.60 22.67
CA VAL A 198 -6.01 17.82 21.46
C VAL A 198 -5.66 16.41 21.88
N GLY A 199 -6.47 15.44 21.49
CA GLY A 199 -6.30 14.07 21.96
C GLY A 199 -6.52 12.95 20.95
N PRO A 200 -6.83 11.75 21.43
CA PRO A 200 -6.96 10.60 20.53
C PRO A 200 -8.09 10.74 19.55
N ASP A 201 -8.16 9.78 18.64
CA ASP A 201 -9.24 9.67 17.63
C ASP A 201 -9.60 11.02 17.03
N GLY A 202 -8.57 11.81 16.75
CA GLY A 202 -8.70 13.14 16.14
C GLY A 202 -9.45 14.18 16.96
N LEU A 203 -9.58 13.95 18.27
CA LEU A 203 -10.40 14.80 19.13
C LEU A 203 -9.72 16.14 19.41
N ILE A 204 -10.50 17.21 19.27
CA ILE A 204 -10.11 18.55 19.69
C ILE A 204 -11.18 19.05 20.66
N ILE A 205 -10.90 18.90 21.94
CA ILE A 205 -11.92 19.15 22.98
C ILE A 205 -11.84 20.58 23.50
N PRO A 206 -12.94 21.33 23.40
CA PRO A 206 -12.92 22.67 23.97
C PRO A 206 -12.70 22.62 25.47
N VAL A 207 -11.74 23.42 25.91
CA VAL A 207 -11.39 23.57 27.31
C VAL A 207 -11.75 24.98 27.78
N ASN A 208 -11.50 25.94 26.90
CA ASN A 208 -11.96 27.31 27.11
C ASN A 208 -12.42 27.94 25.80
N ALA A 209 -13.68 28.37 25.79
CA ALA A 209 -14.26 29.03 24.63
C ALA A 209 -13.50 30.28 24.26
N ARG A 210 -13.73 30.77 23.05
CA ARG A 210 -13.00 31.94 22.60
C ARG A 210 -13.49 33.18 23.32
N GLU A 211 -12.58 33.78 24.07
CA GLU A 211 -12.83 35.00 24.82
C GLU A 211 -12.05 36.19 24.27
N LYS A 212 -12.75 37.31 24.10
CA LYS A 212 -12.16 38.59 23.67
C LYS A 212 -11.97 39.46 24.90
N TRP A 213 -10.80 40.11 24.99
CA TRP A 213 -10.49 40.91 26.16
C TRP A 213 -9.73 42.16 25.83
N VAL A 214 -10.17 43.24 26.48
CA VAL A 214 -9.40 44.47 26.60
C VAL A 214 -8.76 44.42 27.98
N ILE A 215 -7.43 44.35 27.99
CA ILE A 215 -6.68 44.34 29.24
C ILE A 215 -5.92 45.64 29.35
N ALA A 216 -6.28 46.42 30.36
CA ALA A 216 -5.63 47.72 30.57
C ALA A 216 -4.17 47.58 31.00
N SER A 217 -3.44 48.69 30.90
CA SER A 217 -2.01 48.73 31.22
C SER A 217 -1.69 48.31 32.65
N GLY A 218 -0.82 47.32 32.78
CA GLY A 218 -0.43 46.76 34.09
C GLY A 218 -1.42 45.80 34.73
N ASP A 219 -2.58 45.64 34.10
CA ASP A 219 -3.65 44.76 34.61
C ASP A 219 -3.44 43.31 34.24
N THR A 220 -4.22 42.45 34.91
CA THR A 220 -4.09 41.00 34.74
C THR A 220 -5.43 40.32 34.57
N TYR A 221 -5.54 39.52 33.52
CA TYR A 221 -6.63 38.55 33.40
C TYR A 221 -6.16 37.31 34.11
N SER A 222 -6.81 37.00 35.21
CA SER A 222 -6.35 35.90 36.05
C SER A 222 -7.49 35.04 36.47
N LYS A 223 -7.34 33.73 36.26
CA LYS A 223 -8.37 32.77 36.66
C LYS A 223 -7.87 31.34 36.72
N VAL A 224 -8.76 30.47 37.19
CA VAL A 224 -8.55 29.02 37.13
C VAL A 224 -9.55 28.42 36.18
N ARG A 225 -9.07 27.49 35.38
CA ARG A 225 -9.88 26.84 34.36
C ARG A 225 -9.51 25.40 34.27
N GLY A 226 -10.48 24.55 34.54
CA GLY A 226 -10.24 23.13 34.60
C GLY A 226 -10.89 22.38 33.45
N ILE A 227 -10.43 21.15 33.26
CA ILE A 227 -11.05 20.26 32.32
C ILE A 227 -11.44 18.99 33.05
N ASN A 228 -12.69 18.60 32.84
CA ASN A 228 -13.20 17.35 33.37
C ASN A 228 -13.06 16.24 32.35
N PHE A 229 -12.13 15.34 32.61
CA PHE A 229 -11.93 14.20 31.75
C PHE A 229 -13.01 13.20 32.09
N ASP A 230 -14.09 13.25 31.32
CA ASP A 230 -15.23 12.35 31.51
C ASP A 230 -14.83 10.90 31.32
N LYS A 231 -15.43 10.01 32.10
CA LYS A 231 -15.19 8.57 31.99
C LYS A 231 -15.19 8.11 30.53
N SER A 232 -16.13 8.65 29.76
CA SER A 232 -16.34 8.22 28.36
C SER A 232 -15.22 8.67 27.38
N TYR A 233 -14.45 9.68 27.74
CA TYR A 233 -13.33 10.12 26.90
C TYR A 233 -12.32 9.00 26.71
N PRO A 234 -11.80 8.85 25.48
CA PRO A 234 -10.94 7.70 25.20
C PRO A 234 -9.60 7.76 25.89
N ALA A 235 -9.08 6.57 26.17
CA ALA A 235 -7.74 6.43 26.72
C ALA A 235 -6.71 6.99 25.76
N GLY A 236 -5.67 7.58 26.32
CA GLY A 236 -4.58 8.13 25.53
C GLY A 236 -4.02 9.45 25.98
N GLU A 237 -3.30 10.09 25.07
CA GLU A 237 -2.56 11.32 25.36
C GLU A 237 -3.34 12.55 24.94
N TYR A 238 -3.59 13.43 25.92
CA TYR A 238 -4.25 14.71 25.68
C TYR A 238 -3.25 15.86 25.80
N THR A 239 -3.19 16.68 24.74
CA THR A 239 -2.32 17.85 24.73
C THR A 239 -3.17 19.08 25.06
N ILE A 240 -3.07 19.54 26.30
CA ILE A 240 -3.78 20.74 26.73
C ILE A 240 -3.06 21.93 26.17
N ASN A 241 -3.78 22.66 25.31
CA ASN A 241 -3.20 23.72 24.50
C ASN A 241 -3.94 25.04 24.66
N ALA A 242 -3.20 26.06 25.06
CA ALA A 242 -3.76 27.40 25.23
C ALA A 242 -3.16 28.35 24.22
N GLN A 243 -4.00 29.18 23.62
CA GLN A 243 -3.51 30.15 22.65
C GLN A 243 -4.03 31.53 22.93
N VAL A 244 -3.18 32.50 22.64
CA VAL A 244 -3.54 33.92 22.75
C VAL A 244 -3.12 34.70 21.51
N VAL A 245 -4.09 35.40 20.94
CA VAL A 245 -3.84 36.28 19.79
C VAL A 245 -3.98 37.74 20.15
N ASP A 246 -2.98 38.52 19.77
CA ASP A 246 -3.07 39.98 19.79
C ASP A 246 -3.87 40.39 18.55
N ILE A 247 -5.04 40.96 18.80
CA ILE A 247 -6.02 41.31 17.77
C ILE A 247 -5.53 42.44 16.84
N VAL A 248 -4.65 43.27 17.37
CA VAL A 248 -4.09 44.40 16.62
C VAL A 248 -2.89 43.96 15.77
N SER A 249 -1.87 43.39 16.41
CA SER A 249 -0.66 42.96 15.67
C SER A 249 -0.89 41.70 14.84
N GLY A 250 -1.76 40.83 15.33
CA GLY A 250 -1.93 39.48 14.74
C GLY A 250 -0.94 38.44 15.24
N GLU A 251 0.01 38.83 16.09
CA GLU A 251 0.91 37.86 16.73
C GLU A 251 0.10 36.85 17.56
N ARG A 252 0.46 35.58 17.43
CA ARG A 252 -0.19 34.53 18.17
C ARG A 252 0.87 33.80 18.97
N VAL A 253 0.48 33.37 20.16
CA VAL A 253 1.42 32.69 21.02
C VAL A 253 0.70 31.55 21.72
N GLU A 254 1.44 30.52 22.07
CA GLU A 254 0.90 29.25 22.56
C GLU A 254 1.57 28.82 23.84
N GLN A 255 0.83 28.08 24.65
CA GLN A 255 1.44 27.28 25.72
C GLN A 255 0.72 25.94 25.83
N SER A 256 1.49 24.90 26.11
CA SER A 256 0.98 23.54 26.11
C SER A 256 1.47 22.68 27.25
N MET A 257 0.56 21.80 27.68
CA MET A 257 0.80 20.82 28.74
C MET A 257 0.15 19.51 28.36
N THR A 258 0.75 18.42 28.82
CA THR A 258 0.25 17.12 28.44
C THR A 258 -0.38 16.38 29.65
N VAL A 259 -1.53 15.78 29.38
CA VAL A 259 -2.25 14.97 30.35
C VAL A 259 -2.66 13.67 29.68
N VAL A 260 -2.40 12.55 30.34
CA VAL A 260 -2.75 11.25 29.77
C VAL A 260 -3.91 10.63 30.53
N LYS A 261 -4.88 10.15 29.76
CA LYS A 261 -5.97 9.33 30.30
C LYS A 261 -5.64 7.85 30.17
N LYS A 262 -5.50 7.19 31.32
CA LYS A 262 -5.18 5.74 31.37
C LYS A 262 -6.36 4.87 30.96
N VAL B 30 -23.71 3.19 16.28
CA VAL B 30 -24.48 3.78 17.43
C VAL B 30 -24.99 5.17 17.10
N ILE B 31 -24.08 6.15 16.94
CA ILE B 31 -24.44 7.54 16.60
C ILE B 31 -24.10 7.90 15.16
N GLU B 32 -24.99 8.63 14.51
CA GLU B 32 -24.71 9.20 13.19
C GLU B 32 -24.61 10.72 13.24
N ALA B 33 -23.46 11.23 12.84
CA ALA B 33 -23.16 12.66 12.88
C ALA B 33 -22.96 13.26 11.50
N ASN B 34 -23.63 14.39 11.25
CA ASN B 34 -23.34 15.20 10.04
C ASN B 34 -23.11 16.67 10.37
N LEU B 35 -22.47 17.32 9.41
CA LEU B 35 -22.11 18.70 9.52
C LEU B 35 -22.07 19.29 8.12
N SER B 36 -22.73 20.44 7.96
CA SER B 36 -22.63 21.18 6.70
C SER B 36 -22.42 22.65 6.99
N LEU B 37 -21.68 23.30 6.10
CA LEU B 37 -21.40 24.75 6.19
C LEU B 37 -22.21 25.56 5.18
N ASN B 38 -22.73 26.68 5.63
CA ASN B 38 -23.44 27.61 4.75
C ASN B 38 -22.44 28.34 3.83
N GLN B 39 -21.17 28.34 4.20
CA GLN B 39 -20.12 28.75 3.24
C GLN B 39 -18.72 28.18 3.51
N ASN B 40 -17.97 28.08 2.41
CA ASN B 40 -16.66 27.42 2.35
C ASN B 40 -15.51 28.37 2.16
N GLN B 41 -15.84 29.60 1.83
CA GLN B 41 -14.88 30.52 1.22
C GLN B 41 -14.90 31.90 1.85
N LEU B 42 -13.89 32.17 2.65
CA LEU B 42 -13.76 33.46 3.34
C LEU B 42 -12.62 34.23 2.75
N ALA B 43 -12.81 35.54 2.67
CA ALA B 43 -11.75 36.43 2.23
C ALA B 43 -10.77 36.66 3.38
N SER B 44 -9.63 37.26 3.06
CA SER B 44 -8.58 37.54 4.05
C SER B 44 -9.09 38.28 5.29
N ASN B 45 -10.01 39.22 5.09
CA ASN B 45 -10.62 39.99 6.18
C ASN B 45 -11.58 39.17 7.05
N GLY B 46 -11.62 37.86 6.83
CA GLY B 46 -12.37 36.95 7.68
C GLY B 46 -13.84 36.97 7.40
N GLY B 47 -14.61 36.30 8.24
CA GLY B 47 -16.06 36.33 8.11
C GLY B 47 -16.81 35.40 9.04
N TYR B 48 -18.11 35.31 8.82
CA TYR B 48 -19.00 34.49 9.63
C TYR B 48 -19.42 33.26 8.87
N ILE B 49 -19.45 32.14 9.57
CA ILE B 49 -19.84 30.87 8.98
C ILE B 49 -20.90 30.23 9.85
N SER B 50 -22.05 29.96 9.24
CA SER B 50 -23.15 29.30 9.93
C SER B 50 -23.17 27.84 9.57
N SER B 51 -23.19 27.00 10.60
CA SER B 51 -23.16 25.57 10.39
C SER B 51 -24.45 24.92 10.84
N GLN B 52 -24.70 23.73 10.30
CA GLN B 52 -25.82 22.89 10.72
CA GLN B 52 -25.82 22.90 10.72
C GLN B 52 -25.30 21.56 11.23
N LEU B 53 -25.57 21.28 12.50
CA LEU B 53 -25.16 20.03 13.13
C LEU B 53 -26.31 19.07 13.23
N GLY B 54 -26.06 17.84 12.82
CA GLY B 54 -27.04 16.78 12.94
C GLY B 54 -26.46 15.62 13.71
N ILE B 55 -27.19 15.17 14.72
CA ILE B 55 -26.79 14.02 15.53
C ILE B 55 -27.98 13.09 15.74
N ARG B 56 -27.81 11.91 15.16
CA ARG B 56 -28.87 10.91 15.09
C ARG B 56 -28.53 9.66 15.87
N ASN B 57 -29.44 9.28 16.77
CA ASN B 57 -29.34 8.00 17.46
C ASN B 57 -29.91 6.87 16.60
N GLU B 58 -29.02 6.09 15.98
CA GLU B 58 -29.41 4.92 15.17
C GLU B 58 -29.61 3.66 15.99
N SER B 59 -29.41 3.75 17.30
CA SER B 59 -29.51 2.58 18.19
C SER B 59 -30.92 2.31 18.67
N CYS B 60 -31.11 1.12 19.25
CA CYS B 60 -32.43 0.67 19.74
C CYS B 60 -32.67 1.12 21.17
N GLU B 61 -31.63 1.07 22.00
CA GLU B 61 -31.69 1.65 23.34
C GLU B 61 -31.52 3.16 23.27
N THR B 62 -31.79 3.83 24.39
CA THR B 62 -31.57 5.29 24.52
C THR B 62 -30.09 5.56 24.76
N VAL B 63 -29.56 6.61 24.12
CA VAL B 63 -28.11 6.91 24.20
C VAL B 63 -27.77 8.31 24.79
N LYS B 64 -26.79 8.29 25.69
CA LYS B 64 -26.23 9.50 26.29
C LYS B 64 -24.87 9.81 25.64
N PHE B 65 -24.60 11.09 25.41
CA PHE B 65 -23.34 11.50 24.77
C PHE B 65 -22.98 12.96 25.00
N LYS B 66 -21.70 13.27 24.84
CA LYS B 66 -21.25 14.66 24.83
C LYS B 66 -20.81 15.03 23.45
N TYR B 67 -21.03 16.27 23.07
CA TYR B 67 -20.59 16.74 21.76
C TYR B 67 -20.16 18.20 21.77
N TRP B 68 -19.42 18.58 20.72
CA TRP B 68 -18.90 19.94 20.56
C TRP B 68 -18.40 20.20 19.14
N LEU B 69 -18.09 21.46 18.89
CA LEU B 69 -17.65 21.90 17.58
C LEU B 69 -16.31 22.62 17.64
N SER B 70 -15.35 22.11 16.89
CA SER B 70 -13.95 22.55 16.96
C SER B 70 -13.35 22.82 15.59
N ILE B 71 -12.42 23.77 15.55
CA ILE B 71 -11.79 24.22 14.34
C ILE B 71 -10.30 23.97 14.41
N LYS B 72 -9.74 23.54 13.29
CA LYS B 72 -8.31 23.32 13.17
C LYS B 72 -7.82 24.00 11.91
N GLY B 73 -6.83 24.86 12.07
CA GLY B 73 -6.33 25.68 10.97
C GLY B 73 -4.84 25.56 10.74
N PRO B 74 -4.29 26.45 9.90
CA PRO B 74 -2.85 26.41 9.66
C PRO B 74 -2.02 26.90 10.84
N GLU B 75 -0.72 26.70 10.74
CA GLU B 75 0.25 27.16 11.74
C GLU B 75 -0.04 26.69 13.18
N GLY B 76 -0.55 25.47 13.30
CA GLY B 76 -0.88 24.89 14.58
C GLY B 76 -2.07 25.56 15.27
N ILE B 77 -2.95 26.17 14.49
CA ILE B 77 -4.15 26.78 15.05
C ILE B 77 -5.18 25.72 15.43
N TYR B 78 -5.63 25.77 16.67
CA TYR B 78 -6.73 24.94 17.14
C TYR B 78 -7.60 25.84 17.99
N PHE B 79 -8.87 25.97 17.65
CA PHE B 79 -9.81 26.71 18.50
C PHE B 79 -11.21 26.16 18.50
N PRO B 80 -11.94 26.36 19.62
CA PRO B 80 -13.33 25.94 19.66
C PRO B 80 -14.18 26.90 18.87
N ALA B 81 -15.20 26.38 18.20
CA ALA B 81 -16.11 27.23 17.44
C ALA B 81 -16.76 28.22 18.40
N LYS B 82 -17.19 27.69 19.55
CA LYS B 82 -17.90 28.45 20.55
C LYS B 82 -17.08 29.65 21.04
N ALA B 83 -17.71 30.81 21.05
CA ALA B 83 -17.14 32.02 21.63
C ALA B 83 -18.08 32.59 22.70
N VAL B 84 -17.48 33.19 23.74
CA VAL B 84 -18.22 33.90 24.78
C VAL B 84 -17.65 35.30 25.01
N VAL B 85 -18.50 36.26 25.36
CA VAL B 85 -18.03 37.64 25.63
C VAL B 85 -17.43 37.76 27.04
N GLY B 86 -18.05 37.06 27.98
CA GLY B 86 -17.55 37.08 29.36
C GLY B 86 -16.43 36.09 29.66
N VAL B 87 -16.55 35.43 30.80
CA VAL B 87 -15.60 34.43 31.25
C VAL B 87 -16.22 33.08 31.02
N ASP B 88 -15.54 32.25 30.23
CA ASP B 88 -16.04 30.91 30.00
C ASP B 88 -15.95 30.10 31.27
N THR B 89 -17.11 29.69 31.75
CA THR B 89 -17.21 28.98 33.02
C THR B 89 -17.93 27.63 32.91
N ALA B 90 -18.53 27.40 31.74
CA ALA B 90 -19.32 26.19 31.49
C ALA B 90 -18.47 24.92 31.50
N GLN B 91 -19.10 23.81 31.86
CA GLN B 91 -18.49 22.48 31.75
C GLN B 91 -19.15 21.75 30.59
N GLN B 92 -18.45 20.75 30.05
CA GLN B 92 -18.97 19.97 28.92
C GLN B 92 -20.15 19.09 29.37
N GLU B 93 -21.35 19.56 29.09
CA GLU B 93 -22.57 18.87 29.53
C GLU B 93 -22.90 17.67 28.64
N SER B 94 -23.48 16.66 29.27
CA SER B 94 -23.98 15.49 28.55
C SER B 94 -25.32 15.80 27.94
N ASP B 95 -25.59 15.12 26.84
CA ASP B 95 -26.89 15.19 26.17
C ASP B 95 -27.42 13.79 26.00
N ALA B 96 -28.66 13.69 25.53
CA ALA B 96 -29.30 12.38 25.32
C ALA B 96 -30.24 12.36 24.13
N LEU B 97 -30.43 11.17 23.57
CA LEU B 97 -31.37 10.99 22.45
C LEU B 97 -32.19 9.71 22.58
N THR B 98 -33.50 9.89 22.44
CA THR B 98 -34.46 8.79 22.34
C THR B 98 -34.11 7.85 21.18
N ASP B 99 -34.53 6.60 21.30
CA ASP B 99 -34.34 5.60 20.24
C ASP B 99 -34.79 6.13 18.89
N GLY B 100 -33.92 6.02 17.90
CA GLY B 100 -34.21 6.49 16.54
C GLY B 100 -34.29 8.01 16.37
N ARG B 101 -34.14 8.73 17.49
CA ARG B 101 -34.28 10.19 17.53
C ARG B 101 -33.01 10.94 17.08
N MET B 102 -33.21 12.11 16.50
CA MET B 102 -32.12 12.93 15.95
C MET B 102 -32.11 14.32 16.57
N LEU B 103 -30.92 14.78 16.93
CA LEU B 103 -30.70 16.17 17.37
C LEU B 103 -30.33 17.05 16.18
N ASN B 104 -30.92 18.23 16.13
CA ASN B 104 -30.64 19.21 15.08
C ASN B 104 -30.35 20.59 15.63
N VAL B 105 -29.15 21.07 15.37
CA VAL B 105 -28.70 22.35 15.91
C VAL B 105 -28.06 23.21 14.82
N THR B 106 -28.43 24.49 14.84
CA THR B 106 -27.69 25.50 14.10
C THR B 106 -26.65 26.09 15.03
N ARG B 107 -25.46 26.26 14.50
CA ARG B 107 -24.32 26.79 15.25
C ARG B 107 -23.44 27.58 14.33
N GLY B 108 -23.23 28.83 14.69
CA GLY B 108 -22.40 29.68 13.88
C GLY B 108 -21.15 30.06 14.63
N PHE B 109 -20.16 30.53 13.87
CA PHE B 109 -18.94 31.02 14.44
C PHE B 109 -18.25 32.05 13.56
N TRP B 110 -17.55 32.96 14.22
CA TRP B 110 -16.73 33.95 13.55
C TRP B 110 -15.37 33.38 13.29
N VAL B 111 -14.77 33.80 12.18
CA VAL B 111 -13.38 33.53 11.88
C VAL B 111 -12.74 34.87 11.58
N PRO B 112 -12.14 35.50 12.58
CA PRO B 112 -11.71 36.88 12.43
C PRO B 112 -10.54 37.09 11.48
N GLU B 113 -10.42 38.33 11.04
CA GLU B 113 -9.39 38.78 10.11
C GLU B 113 -7.98 38.40 10.56
N TYR B 114 -7.73 38.49 11.86
CA TYR B 114 -6.38 38.26 12.43
C TYR B 114 -5.92 36.80 12.40
N MET B 115 -6.86 35.87 12.20
CA MET B 115 -6.52 34.45 12.00
C MET B 115 -5.76 34.26 10.69
N ALA B 116 -4.85 33.30 10.67
CA ALA B 116 -4.01 33.05 9.49
C ALA B 116 -4.84 32.67 8.27
N ASP B 117 -4.42 33.17 7.12
CA ASP B 117 -4.97 32.73 5.84
C ASP B 117 -4.59 31.26 5.64
N GLY B 118 -5.45 30.51 4.97
CA GLY B 118 -5.14 29.11 4.61
C GLY B 118 -6.31 28.16 4.69
N LYS B 119 -6.01 26.87 4.72
CA LYS B 119 -7.03 25.82 4.81
C LYS B 119 -7.40 25.50 6.27
N TYR B 120 -8.69 25.45 6.53
CA TYR B 120 -9.24 25.14 7.84
C TYR B 120 -10.13 23.93 7.79
N THR B 121 -10.18 23.21 8.90
CA THR B 121 -11.09 22.07 9.06
C THR B 121 -12.01 22.31 10.25
N VAL B 122 -13.32 22.29 9.99
CA VAL B 122 -14.32 22.31 11.07
C VAL B 122 -14.73 20.88 11.35
N SER B 123 -14.84 20.58 12.64
CA SER B 123 -15.10 19.22 13.08
C SER B 123 -16.19 19.13 14.17
N LEU B 124 -17.30 18.54 13.78
CA LEU B 124 -18.33 18.12 14.73
C LEU B 124 -17.86 16.83 15.34
N GLN B 125 -17.82 16.80 16.67
CA GLN B 125 -17.29 15.65 17.39
C GLN B 125 -18.25 15.22 18.47
N VAL B 126 -18.54 13.92 18.48
CA VAL B 126 -19.46 13.31 19.45
C VAL B 126 -18.74 12.22 20.21
N VAL B 127 -18.77 12.30 21.55
CA VAL B 127 -18.25 11.22 22.39
C VAL B 127 -19.43 10.60 23.15
N ALA B 128 -19.73 9.37 22.78
CA ALA B 128 -20.82 8.63 23.39
C ALA B 128 -20.41 8.03 24.74
N GLU B 129 -21.39 7.87 25.62
CA GLU B 129 -21.19 7.38 27.00
C GLU B 129 -20.34 6.10 27.09
N ASN B 130 -20.36 5.31 26.01
CA ASN B 130 -19.62 4.04 25.93
C ASN B 130 -18.16 4.14 25.44
N GLY B 131 -17.73 5.34 25.08
CA GLY B 131 -16.35 5.58 24.63
C GLY B 131 -16.18 5.78 23.14
N LYS B 132 -17.19 5.38 22.37
CA LYS B 132 -17.12 5.47 20.91
C LYS B 132 -17.16 6.93 20.44
N VAL B 133 -16.23 7.25 19.56
CA VAL B 133 -16.08 8.60 19.00
C VAL B 133 -16.62 8.67 17.56
N PHE B 134 -17.50 9.63 17.33
CA PHE B 134 -18.05 9.86 16.00
C PHE B 134 -17.80 11.29 15.58
N LYS B 135 -17.47 11.48 14.31
CA LYS B 135 -17.14 12.82 13.80
C LYS B 135 -17.71 13.12 12.42
N ALA B 136 -17.89 14.41 12.15
CA ALA B 136 -18.23 14.89 10.82
C ALA B 136 -17.46 16.18 10.53
N ASN B 137 -16.72 16.18 9.43
CA ASN B 137 -15.82 17.30 9.11
C ASN B 137 -16.19 18.03 7.83
N GLN B 138 -16.07 19.35 7.86
CA GLN B 138 -16.11 20.15 6.65
C GLN B 138 -14.91 21.07 6.62
N GLU B 139 -14.52 21.43 5.42
CA GLU B 139 -13.38 22.30 5.21
C GLU B 139 -13.88 23.66 4.79
N PHE B 140 -13.07 24.65 5.04
CA PHE B 140 -13.24 25.95 4.45
C PHE B 140 -11.89 26.56 4.27
N VAL B 141 -11.84 27.62 3.50
CA VAL B 141 -10.60 28.36 3.28
C VAL B 141 -10.75 29.83 3.61
N LYS B 142 -9.61 30.47 3.84
CA LYS B 142 -9.54 31.87 4.18
C LYS B 142 -8.41 32.57 3.46
N GLY B 143 -8.78 33.46 2.54
CA GLY B 143 -7.80 34.26 1.77
C GLY B 143 -7.12 33.53 0.61
N VAL B 144 -7.63 32.33 0.30
CA VAL B 144 -7.17 31.51 -0.82
C VAL B 144 -8.36 30.78 -1.40
N ASP B 145 -8.19 30.21 -2.59
CA ASP B 145 -9.29 29.52 -3.27
C ASP B 145 -9.55 28.13 -2.67
N LEU B 146 -10.81 27.71 -2.66
CA LEU B 146 -11.15 26.37 -2.15
C LEU B 146 -10.47 25.32 -3.05
N ASN B 147 -9.83 24.35 -2.40
CA ASN B 147 -9.11 23.22 -3.08
C ASN B 147 -7.86 23.64 -3.88
N SER B 148 -7.43 24.89 -3.74
CA SER B 148 -6.21 25.37 -4.43
C SER B 148 -4.98 24.75 -3.80
N LEU B 149 -3.93 24.59 -4.62
CA LEU B 149 -2.69 24.00 -4.14
C LEU B 149 -1.97 25.00 -3.29
N PRO B 150 -1.45 24.56 -2.14
CA PRO B 150 -0.64 25.48 -1.36
C PRO B 150 0.54 25.94 -2.19
N GLU B 151 0.88 27.22 -2.07
CA GLU B 151 2.04 27.72 -2.79
C GLU B 151 2.91 28.67 -2.03
N LEU B 152 4.19 28.61 -2.39
CA LEU B 152 5.19 29.57 -1.98
C LEU B 152 5.48 30.44 -3.20
N ASN B 153 4.54 31.33 -3.48
CA ASN B 153 4.74 32.42 -4.44
C ASN B 153 5.23 31.93 -5.81
N GLY B 154 4.34 31.21 -6.49
CA GLY B 154 4.67 30.61 -7.79
C GLY B 154 5.12 29.16 -7.71
N LEU B 155 5.81 28.82 -6.63
CA LEU B 155 6.19 27.43 -6.33
C LEU B 155 5.01 26.68 -5.71
N THR B 156 4.41 25.83 -6.50
CA THR B 156 3.21 25.13 -6.06
C THR B 156 3.56 23.74 -5.46
N ILE B 157 2.79 23.35 -4.45
CA ILE B 157 3.00 22.09 -3.72
C ILE B 157 1.80 21.17 -3.88
N ASP B 158 2.04 19.98 -4.42
CA ASP B 158 0.96 19.00 -4.68
C ASP B 158 1.27 17.63 -4.04
N ILE B 159 0.73 17.44 -2.84
CA ILE B 159 0.83 16.16 -2.15
C ILE B 159 -0.54 15.51 -2.02
N LYS B 160 -0.59 14.26 -2.43
CA LYS B 160 -1.85 13.53 -2.51
C LYS B 160 -1.70 12.08 -2.09
N ASN B 161 -2.70 11.61 -1.35
CA ASN B 161 -2.90 10.17 -1.12
C ASN B 161 -3.21 9.53 -2.47
N GLN B 162 -2.21 8.85 -3.02
CA GLN B 162 -2.20 8.42 -4.43
C GLN B 162 -3.41 7.59 -4.85
N PHE B 163 -3.85 6.69 -3.97
CA PHE B 163 -4.93 5.75 -4.33
C PHE B 163 -6.19 5.86 -3.48
N GLY B 164 -6.35 6.98 -2.78
CA GLY B 164 -7.52 7.17 -1.93
C GLY B 164 -7.66 6.20 -0.75
N ILE B 165 -6.54 5.67 -0.28
CA ILE B 165 -6.55 4.72 0.83
C ILE B 165 -6.60 5.46 2.17
N ASN B 166 -7.76 5.40 2.82
CA ASN B 166 -8.03 6.23 4.01
C ASN B 166 -7.84 5.51 5.34
N SER B 167 -7.61 4.22 5.25
CA SER B 167 -7.29 3.44 6.45
C SER B 167 -6.49 2.18 6.12
N VAL B 168 -5.86 1.65 7.17
CA VAL B 168 -5.18 0.37 7.10
C VAL B 168 -5.62 -0.52 8.26
N GLU B 169 -5.56 -1.84 8.06
CA GLU B 169 -5.96 -2.81 9.10
C GLU B 169 -4.97 -2.84 10.29
N SER B 170 -5.43 -3.42 11.40
CA SER B 170 -4.60 -3.51 12.62
C SER B 170 -3.29 -4.25 12.34
N THR B 171 -3.34 -5.19 11.38
CA THR B 171 -2.16 -5.99 10.97
C THR B 171 -1.17 -5.24 10.09
N GLY B 172 -1.56 -4.04 9.67
CA GLY B 172 -0.66 -3.17 8.92
C GLY B 172 -1.05 -2.89 7.48
N GLY B 173 -0.37 -1.91 6.90
CA GLY B 173 -0.63 -1.51 5.52
C GLY B 173 0.31 -0.44 5.02
N PHE B 174 0.36 -0.33 3.71
CA PHE B 174 1.26 0.59 3.04
C PHE B 174 0.40 1.57 2.24
N VAL B 175 0.64 2.84 2.50
CA VAL B 175 -0.02 3.93 1.78
C VAL B 175 1.02 4.80 1.10
N PRO B 176 0.98 4.86 -0.24
CA PRO B 176 1.86 5.74 -0.97
C PRO B 176 1.28 7.11 -1.20
N PHE B 177 2.18 8.10 -1.23
CA PHE B 177 1.82 9.48 -1.51
C PHE B 177 2.61 10.05 -2.68
N THR B 178 1.90 10.70 -3.59
CA THR B 178 2.55 11.42 -4.68
C THR B 178 2.96 12.80 -4.19
N VAL B 179 4.17 13.17 -4.56
CA VAL B 179 4.73 14.46 -4.21
C VAL B 179 5.14 15.20 -5.48
N ASP B 180 4.52 16.35 -5.71
CA ASP B 180 4.86 17.21 -6.84
C ASP B 180 5.06 18.66 -6.40
N LEU B 181 6.31 19.10 -6.50
CA LEU B 181 6.71 20.48 -6.20
C LEU B 181 7.05 21.17 -7.53
N ASN B 182 6.13 22.01 -8.00
CA ASN B 182 6.28 22.67 -9.29
C ASN B 182 6.67 24.15 -9.20
N ASN B 183 7.86 24.46 -9.69
CA ASN B 183 8.37 25.84 -9.71
C ASN B 183 7.82 26.67 -10.88
N GLY B 184 6.72 27.37 -10.63
CA GLY B 184 6.09 28.27 -11.62
C GLY B 184 6.78 29.63 -11.81
N ARG B 185 7.75 29.91 -10.95
CA ARG B 185 8.48 31.17 -10.95
C ARG B 185 9.36 31.33 -12.17
N GLU B 186 9.81 32.56 -12.39
CA GLU B 186 10.73 32.89 -13.48
C GLU B 186 12.18 32.60 -13.08
N GLY B 187 12.42 32.52 -11.78
CA GLY B 187 13.75 32.20 -11.26
C GLY B 187 13.79 30.89 -10.48
N GLU B 188 15.01 30.44 -10.14
CA GLU B 188 15.18 29.21 -9.35
C GLU B 188 14.63 29.39 -7.93
N ALA B 189 14.17 28.27 -7.37
CA ALA B 189 13.59 28.25 -6.03
C ALA B 189 14.43 27.33 -5.13
N ASN B 190 14.79 27.85 -3.98
CA ASN B 190 15.51 27.09 -2.96
C ASN B 190 14.58 26.71 -1.83
N VAL B 191 14.34 25.40 -1.70
CA VAL B 191 13.43 24.88 -0.68
C VAL B 191 14.00 23.76 0.16
N GLU B 192 13.49 23.67 1.37
CA GLU B 192 13.67 22.51 2.23
C GLU B 192 12.31 21.86 2.36
N PHE B 193 12.30 20.54 2.36
CA PHE B 193 11.06 19.76 2.29
C PHE B 193 11.13 18.54 3.21
N TRP B 194 10.02 18.23 3.87
CA TRP B 194 9.93 17.07 4.75
C TRP B 194 8.51 16.61 5.04
N MET B 195 8.41 15.40 5.56
CA MET B 195 7.13 14.78 5.87
C MET B 195 7.18 14.01 7.18
N THR B 196 6.14 14.17 7.97
CA THR B 196 5.93 13.35 9.17
C THR B 196 4.51 12.78 9.20
N ALA B 197 4.33 11.79 10.06
CA ALA B 197 3.00 11.27 10.41
C ALA B 197 2.74 11.46 11.91
N VAL B 198 1.88 12.41 12.22
CA VAL B 198 1.58 12.73 13.60
C VAL B 198 0.43 11.86 14.03
N GLY B 199 0.64 11.06 15.08
CA GLY B 199 -0.36 10.08 15.48
C GLY B 199 -0.59 9.88 16.97
N PRO B 200 -1.12 8.71 17.36
CA PRO B 200 -1.43 8.47 18.77
C PRO B 200 -0.21 8.48 19.67
N ASP B 201 -0.49 8.42 20.97
CA ASP B 201 0.53 8.33 22.03
C ASP B 201 1.71 9.28 21.79
N GLY B 202 1.38 10.48 21.33
CA GLY B 202 2.35 11.54 21.07
C GLY B 202 3.36 11.25 19.96
N LEU B 203 3.03 10.31 19.08
CA LEU B 203 3.97 9.87 18.05
C LEU B 203 4.08 10.88 16.91
N ILE B 204 5.33 11.16 16.54
CA ILE B 204 5.67 11.92 15.33
C ILE B 204 6.61 11.07 14.49
N ILE B 205 6.03 10.40 13.51
CA ILE B 205 6.78 9.40 12.73
C ILE B 205 7.38 10.02 11.48
N PRO B 206 8.72 9.98 11.33
CA PRO B 206 9.29 10.41 10.07
C PRO B 206 8.76 9.63 8.87
N VAL B 207 8.34 10.37 7.87
CA VAL B 207 7.83 9.83 6.61
C VAL B 207 8.79 10.22 5.49
N ASN B 208 9.31 11.45 5.56
CA ASN B 208 10.37 11.90 4.67
C ASN B 208 11.35 12.79 5.39
N ALA B 209 12.61 12.39 5.38
CA ALA B 209 13.68 13.16 5.99
C ALA B 209 13.79 14.56 5.38
N ARG B 210 14.50 15.44 6.06
CA ARG B 210 14.66 16.79 5.56
C ARG B 210 15.57 16.83 4.34
N GLU B 211 14.97 17.24 3.22
CA GLU B 211 15.67 17.40 1.95
C GLU B 211 15.79 18.86 1.54
N LYS B 212 17.00 19.25 1.12
CA LYS B 212 17.26 20.58 0.53
C LYS B 212 17.27 20.46 -1.00
N TRP B 213 16.62 21.40 -1.68
CA TRP B 213 16.53 21.37 -3.15
C TRP B 213 16.64 22.73 -3.82
N VAL B 214 17.44 22.75 -4.88
CA VAL B 214 17.44 23.84 -5.85
C VAL B 214 16.59 23.33 -7.01
N ILE B 215 15.46 24.00 -7.22
CA ILE B 215 14.57 23.67 -8.33
C ILE B 215 14.60 24.80 -9.34
N ALA B 216 15.09 24.49 -10.53
CA ALA B 216 15.22 25.48 -11.61
C ALA B 216 13.85 25.94 -12.13
N SER B 217 13.88 27.05 -12.86
CA SER B 217 12.66 27.68 -13.38
C SER B 217 11.87 26.76 -14.30
N GLY B 218 10.59 26.56 -13.97
CA GLY B 218 9.69 25.69 -14.74
C GLY B 218 9.87 24.20 -14.49
N ASP B 219 10.87 23.84 -13.68
CA ASP B 219 11.15 22.43 -13.34
C ASP B 219 10.27 21.88 -12.22
N THR B 220 10.29 20.55 -12.08
CA THR B 220 9.47 19.85 -11.09
C THR B 220 10.28 18.84 -10.28
N TYR B 221 10.18 18.93 -8.96
CA TYR B 221 10.60 17.82 -8.08
C TYR B 221 9.38 16.93 -7.99
N SER B 222 9.50 15.75 -8.55
CA SER B 222 8.38 14.84 -8.60
C SER B 222 8.80 13.45 -8.16
N LYS B 223 8.03 12.88 -7.23
CA LYS B 223 8.29 11.53 -6.76
C LYS B 223 7.11 10.91 -6.04
N VAL B 224 7.27 9.62 -5.72
CA VAL B 224 6.35 8.91 -4.85
C VAL B 224 7.06 8.59 -3.56
N ARG B 225 6.32 8.76 -2.47
CA ARG B 225 6.84 8.50 -1.14
C ARG B 225 5.76 7.89 -0.28
N GLY B 226 6.04 6.68 0.19
CA GLY B 226 5.06 5.91 0.94
C GLY B 226 5.41 5.77 2.40
N ILE B 227 4.40 5.42 3.18
CA ILE B 227 4.62 5.10 4.58
C ILE B 227 4.07 3.71 4.82
N ASN B 228 4.91 2.91 5.45
CA ASN B 228 4.48 1.60 5.89
C ASN B 228 3.97 1.66 7.33
N PHE B 229 2.66 1.48 7.47
CA PHE B 229 2.07 1.37 8.79
C PHE B 229 2.30 -0.02 9.34
N ASP B 230 3.37 -0.16 10.13
CA ASP B 230 3.77 -1.44 10.69
C ASP B 230 2.69 -1.98 11.62
N LYS B 231 2.53 -3.30 11.64
CA LYS B 231 1.56 -3.96 12.54
C LYS B 231 1.63 -3.40 13.95
N SER B 232 2.86 -3.14 14.42
CA SER B 232 3.09 -2.70 15.80
C SER B 232 2.64 -1.26 16.10
N TYR B 233 2.49 -0.43 15.06
CA TYR B 233 2.02 0.95 15.26
C TYR B 233 0.64 0.96 15.89
N PRO B 234 0.41 1.86 16.86
CA PRO B 234 -0.86 1.83 17.58
C PRO B 234 -2.05 2.22 16.75
N ALA B 235 -3.19 1.66 17.14
CA ALA B 235 -4.47 1.98 16.53
C ALA B 235 -4.78 3.45 16.77
N GLY B 236 -5.42 4.05 15.78
CA GLY B 236 -5.81 5.44 15.87
C GLY B 236 -5.62 6.27 14.63
N GLU B 237 -5.61 7.58 14.83
CA GLU B 237 -5.61 8.56 13.75
C GLU B 237 -4.21 9.09 13.50
N TYR B 238 -3.75 8.89 12.26
CA TYR B 238 -2.47 9.42 11.81
C TYR B 238 -2.68 10.59 10.85
N THR B 239 -2.05 11.71 11.18
CA THR B 239 -2.09 12.90 10.32
C THR B 239 -0.80 12.96 9.51
N ILE B 240 -0.90 12.57 8.24
CA ILE B 240 0.23 12.64 7.32
C ILE B 240 0.42 14.09 6.91
N ASN B 241 1.59 14.62 7.28
CA ASN B 241 1.86 16.04 7.17
C ASN B 241 3.13 16.32 6.39
N ALA B 242 2.99 17.11 5.33
CA ALA B 242 4.13 17.51 4.51
C ALA B 242 4.36 19.01 4.63
N GLN B 243 5.61 19.39 4.76
CA GLN B 243 5.95 20.81 4.83
C GLN B 243 7.04 21.20 3.86
N VAL B 244 6.91 22.41 3.33
CA VAL B 244 7.92 23.00 2.45
C VAL B 244 8.25 24.42 2.86
N VAL B 245 9.54 24.67 3.07
CA VAL B 245 10.04 26.00 3.37
C VAL B 245 10.84 26.56 2.21
N ASP B 246 10.51 27.80 1.85
CA ASP B 246 11.35 28.62 0.98
C ASP B 246 12.49 29.17 1.82
N ILE B 247 13.69 28.74 1.49
CA ILE B 247 14.90 29.06 2.28
C ILE B 247 15.28 30.54 2.23
N VAL B 248 14.86 31.20 1.14
CA VAL B 248 15.17 32.62 0.91
C VAL B 248 14.15 33.52 1.59
N SER B 249 12.87 33.35 1.25
CA SER B 249 11.80 34.15 1.85
C SER B 249 11.48 33.77 3.31
N GLY B 250 11.64 32.49 3.64
CA GLY B 250 11.24 31.94 4.94
C GLY B 250 9.78 31.55 5.02
N GLU B 251 9.02 31.80 3.95
CA GLU B 251 7.63 31.32 3.90
C GLU B 251 7.61 29.79 4.04
N ARG B 252 6.68 29.30 4.83
CA ARG B 252 6.49 27.87 5.01
C ARG B 252 5.07 27.54 4.66
N VAL B 253 4.89 26.37 4.07
CA VAL B 253 3.58 25.97 3.64
C VAL B 253 3.44 24.49 3.95
N GLU B 254 2.19 24.08 4.14
CA GLU B 254 1.87 22.74 4.61
C GLU B 254 0.83 22.09 3.74
N GLN B 255 0.87 20.77 3.67
CA GLN B 255 -0.28 19.99 3.23
C GLN B 255 -0.43 18.74 4.08
N SER B 256 -1.68 18.37 4.34
CA SER B 256 -1.99 17.30 5.26
C SER B 256 -3.10 16.40 4.79
N MET B 257 -2.93 15.12 5.13
CA MET B 257 -3.89 14.06 4.84
C MET B 257 -3.99 13.14 6.03
N THR B 258 -5.17 12.57 6.21
CA THR B 258 -5.40 11.76 7.39
C THR B 258 -5.58 10.28 7.01
N VAL B 259 -4.92 9.45 7.79
CA VAL B 259 -4.99 8.00 7.62
C VAL B 259 -5.23 7.41 8.99
N VAL B 260 -6.22 6.53 9.07
CA VAL B 260 -6.53 5.88 10.36
C VAL B 260 -6.12 4.41 10.35
N LYS B 261 -5.42 4.03 11.41
CA LYS B 261 -5.10 2.62 11.67
C LYS B 261 -6.17 2.03 12.59
N LYS B 262 -6.91 1.05 12.05
CA LYS B 262 -7.95 0.34 12.80
C LYS B 262 -7.38 -0.60 13.86
N VAL C 30 -26.93 52.87 -9.53
CA VAL C 30 -28.42 52.88 -9.29
C VAL C 30 -28.83 51.70 -8.40
N ILE C 31 -28.68 50.46 -8.89
CA ILE C 31 -29.03 49.25 -8.12
C ILE C 31 -27.79 48.50 -7.64
N GLU C 32 -27.85 47.99 -6.41
CA GLU C 32 -26.82 47.09 -5.89
C GLU C 32 -27.37 45.68 -5.68
N ALA C 33 -26.75 44.71 -6.37
CA ALA C 33 -27.18 43.32 -6.33
C ALA C 33 -26.13 42.41 -5.71
N ASN C 34 -26.57 41.56 -4.78
CA ASN C 34 -25.72 40.46 -4.29
C ASN C 34 -26.42 39.12 -4.31
N LEU C 35 -25.60 38.10 -4.27
CA LEU C 35 -26.04 36.73 -4.33
C LEU C 35 -25.04 35.88 -3.56
N SER C 36 -25.55 35.03 -2.68
CA SER C 36 -24.71 34.05 -2.02
C SER C 36 -25.39 32.69 -2.00
N LEU C 37 -24.58 31.64 -2.07
CA LEU C 37 -25.06 30.26 -2.03
C LEU C 37 -24.78 29.59 -0.68
N ASN C 38 -25.78 28.84 -0.21
CA ASN C 38 -25.62 28.05 1.00
C ASN C 38 -24.72 26.85 0.75
N GLN C 39 -24.58 26.45 -0.52
CA GLN C 39 -23.67 25.35 -0.91
C GLN C 39 -23.02 25.53 -2.31
N ASN C 40 -21.74 25.17 -2.43
CA ASN C 40 -20.92 25.30 -3.67
C ASN C 40 -20.65 24.01 -4.37
N GLN C 41 -20.94 22.92 -3.67
CA GLN C 41 -20.33 21.63 -3.99
C GLN C 41 -21.36 20.50 -3.95
N LEU C 42 -21.77 20.07 -5.15
CA LEU C 42 -22.76 19.01 -5.30
C LEU C 42 -22.08 17.77 -5.82
N ALA C 43 -22.55 16.63 -5.34
CA ALA C 43 -22.08 15.35 -5.85
C ALA C 43 -22.77 15.05 -7.18
N SER C 44 -22.27 14.05 -7.88
CA SER C 44 -22.81 13.63 -9.18
C SER C 44 -24.33 13.41 -9.17
N ASN C 45 -24.83 12.83 -8.08
CA ASN C 45 -26.29 12.58 -7.92
C ASN C 45 -27.11 13.85 -7.69
N GLY C 46 -26.47 15.00 -7.83
CA GLY C 46 -27.17 16.29 -7.80
C GLY C 46 -27.51 16.72 -6.40
N GLY C 47 -28.27 17.79 -6.29
CA GLY C 47 -28.72 18.25 -4.98
C GLY C 47 -29.47 19.55 -4.99
N TYR C 48 -29.76 20.05 -3.79
CA TYR C 48 -30.51 21.29 -3.60
C TYR C 48 -29.60 22.40 -3.14
N ILE C 49 -29.81 23.58 -3.69
CA ILE C 49 -29.00 24.75 -3.35
C ILE C 49 -29.92 25.89 -3.01
N SER C 50 -29.75 26.41 -1.81
CA SER C 50 -30.53 27.54 -1.34
C SER C 50 -29.71 28.80 -1.47
N SER C 51 -30.30 29.79 -2.11
CA SER C 51 -29.60 31.04 -2.35
C SER C 51 -30.26 32.19 -1.60
N GLN C 52 -29.47 33.24 -1.40
CA GLN C 52 -29.96 34.49 -0.81
CA GLN C 52 -29.96 34.48 -0.81
C GLN C 52 -29.74 35.64 -1.79
N LEU C 53 -30.83 36.24 -2.23
CA LEU C 53 -30.77 37.38 -3.16
C LEU C 53 -30.96 38.69 -2.42
N GLY C 54 -30.08 39.62 -2.72
CA GLY C 54 -30.19 40.96 -2.17
C GLY C 54 -30.22 41.98 -3.28
N ILE C 55 -31.20 42.86 -3.24
CA ILE C 55 -31.34 43.94 -4.21
C ILE C 55 -31.65 45.26 -3.52
N ARG C 56 -30.67 46.14 -3.62
CA ARG C 56 -30.66 47.41 -2.89
C ARG C 56 -30.75 48.61 -3.84
N ASN C 57 -31.73 49.47 -3.57
CA ASN C 57 -31.83 50.75 -4.26
C ASN C 57 -30.92 51.80 -3.61
N GLU C 58 -29.77 52.05 -4.25
CA GLU C 58 -28.81 53.07 -3.78
C GLU C 58 -29.14 54.48 -4.26
N SER C 59 -30.22 54.61 -5.04
CA SER C 59 -30.59 55.89 -5.63
C SER C 59 -31.45 56.73 -4.72
N CYS C 60 -31.61 58.00 -5.10
CA CYS C 60 -32.36 58.99 -4.30
C CYS C 60 -33.84 58.99 -4.66
N GLU C 61 -34.13 58.85 -5.95
CA GLU C 61 -35.50 58.63 -6.40
C GLU C 61 -35.90 57.17 -6.21
N THR C 62 -37.20 56.91 -6.38
CA THR C 62 -37.74 55.54 -6.30
C THR C 62 -37.46 54.82 -7.63
N VAL C 63 -37.09 53.54 -7.55
CA VAL C 63 -36.70 52.76 -8.76
C VAL C 63 -37.56 51.51 -9.03
N LYS C 64 -37.95 51.37 -10.30
CA LYS C 64 -38.68 50.20 -10.79
C LYS C 64 -37.70 49.31 -11.58
N PHE C 65 -37.85 48.00 -11.42
CA PHE C 65 -36.95 47.04 -12.10
C PHE C 65 -37.54 45.63 -12.20
N LYS C 66 -37.02 44.87 -13.16
CA LYS C 66 -37.33 43.45 -13.23
C LYS C 66 -36.10 42.65 -12.86
N TYR C 67 -36.31 41.50 -12.23
CA TYR C 67 -35.20 40.64 -11.88
C TYR C 67 -35.55 39.16 -11.92
N TRP C 68 -34.51 38.33 -11.97
CA TRP C 68 -34.65 36.88 -12.05
C TRP C 68 -33.34 36.15 -11.74
N LEU C 69 -33.44 34.83 -11.62
CA LEU C 69 -32.31 34.00 -11.27
C LEU C 69 -32.10 32.89 -12.28
N SER C 70 -30.91 32.87 -12.85
CA SER C 70 -30.60 31.97 -13.98
C SER C 70 -29.30 31.22 -13.78
N ILE C 71 -29.26 30.02 -14.34
CA ILE C 71 -28.13 29.11 -14.20
C ILE C 71 -27.51 28.85 -15.57
N LYS C 72 -26.19 28.80 -15.60
CA LYS C 72 -25.46 28.46 -16.82
C LYS C 72 -24.44 27.39 -16.49
N GLY C 73 -24.50 26.30 -17.24
CA GLY C 73 -23.65 25.13 -16.95
C GLY C 73 -22.85 24.65 -18.14
N PRO C 74 -22.26 23.46 -18.03
CA PRO C 74 -21.46 22.95 -19.14
C PRO C 74 -22.32 22.47 -20.30
N GLU C 75 -21.66 22.17 -21.40
CA GLU C 75 -22.31 21.62 -22.61
C GLU C 75 -23.48 22.48 -23.13
N GLY C 76 -23.34 23.79 -23.02
CA GLY C 76 -24.36 24.72 -23.47
C GLY C 76 -25.64 24.69 -22.66
N ILE C 77 -25.53 24.26 -21.40
CA ILE C 77 -26.70 24.26 -20.50
C ILE C 77 -27.03 25.67 -20.03
N TYR C 78 -28.28 26.05 -20.22
CA TYR C 78 -28.81 27.30 -19.70
C TYR C 78 -30.20 26.99 -19.18
N PHE C 79 -30.43 27.24 -17.89
CA PHE C 79 -31.79 27.06 -17.35
C PHE C 79 -32.13 28.05 -16.26
N PRO C 80 -33.43 28.36 -16.13
CA PRO C 80 -33.85 29.26 -15.06
C PRO C 80 -33.84 28.50 -13.75
N ALA C 81 -33.49 29.19 -12.67
CA ALA C 81 -33.50 28.59 -11.35
C ALA C 81 -34.91 28.13 -11.01
N LYS C 82 -35.86 29.02 -11.31
CA LYS C 82 -37.28 28.79 -11.03
C LYS C 82 -37.80 27.52 -11.71
N ALA C 83 -38.47 26.68 -10.93
CA ALA C 83 -39.15 25.50 -11.44
C ALA C 83 -40.61 25.53 -11.02
N VAL C 84 -41.48 25.00 -11.90
CA VAL C 84 -42.91 24.84 -11.62
C VAL C 84 -43.37 23.40 -11.91
N VAL C 85 -44.35 22.91 -11.14
CA VAL C 85 -44.87 21.55 -11.37
C VAL C 85 -45.87 21.54 -12.52
N GLY C 86 -46.67 22.59 -12.60
CA GLY C 86 -47.67 22.70 -13.65
C GLY C 86 -47.15 23.26 -14.97
N VAL C 87 -47.95 24.15 -15.55
CA VAL C 87 -47.62 24.81 -16.79
C VAL C 87 -47.17 26.22 -16.46
N ASP C 88 -45.95 26.57 -16.84
CA ASP C 88 -45.47 27.91 -16.60
C ASP C 88 -46.24 28.88 -17.45
N THR C 89 -46.96 29.77 -16.79
CA THR C 89 -47.83 30.72 -17.46
C THR C 89 -47.53 32.19 -17.09
N ALA C 90 -46.69 32.36 -16.09
CA ALA C 90 -46.33 33.68 -15.58
C ALA C 90 -45.55 34.52 -16.58
N GLN C 91 -45.70 35.84 -16.45
N GLN C 91 -45.69 35.82 -16.45
CA GLN C 91 -44.88 36.78 -17.21
CA GLN C 91 -44.88 36.78 -17.19
C GLN C 91 -43.92 37.49 -16.25
C GLN C 91 -43.92 37.49 -16.24
N GLN C 92 -42.84 38.04 -16.80
CA GLN C 92 -41.81 38.70 -15.97
C GLN C 92 -42.32 40.01 -15.37
N GLU C 93 -42.72 39.94 -14.11
CA GLU C 93 -43.32 41.09 -13.44
C GLU C 93 -42.27 42.12 -12.99
N SER C 94 -42.67 43.39 -13.01
CA SER C 94 -41.84 44.47 -12.49
C SER C 94 -41.96 44.52 -10.99
N ASP C 95 -40.88 44.98 -10.38
CA ASP C 95 -40.84 45.24 -8.94
C ASP C 95 -40.40 46.67 -8.72
N ALA C 96 -40.46 47.10 -7.46
CA ALA C 96 -40.06 48.47 -7.11
C ALA C 96 -39.41 48.55 -5.72
N LEU C 97 -38.57 49.57 -5.56
CA LEU C 97 -37.92 49.84 -4.27
C LEU C 97 -37.89 51.31 -3.90
N THR C 98 -38.35 51.57 -2.68
CA THR C 98 -38.25 52.90 -2.04
C THR C 98 -36.79 53.37 -2.01
N ASP C 99 -36.62 54.70 -1.97
CA ASP C 99 -35.28 55.31 -1.84
C ASP C 99 -34.49 54.69 -0.69
N GLY C 100 -33.26 54.27 -0.99
CA GLY C 100 -32.40 53.63 0.01
C GLY C 100 -32.84 52.24 0.49
N ARG C 101 -33.98 51.78 -0.02
CA ARG C 101 -34.59 50.52 0.40
C ARG C 101 -33.98 49.30 -0.31
N MET C 102 -33.98 48.17 0.38
CA MET C 102 -33.37 46.92 -0.10
C MET C 102 -34.39 45.78 -0.10
N LEU C 103 -34.39 45.02 -1.19
CA LEU C 103 -35.17 43.78 -1.29
C LEU C 103 -34.31 42.59 -0.85
N ASN C 104 -34.91 41.71 -0.06
CA ASN C 104 -34.25 40.49 0.41
C ASN C 104 -35.10 39.25 0.19
N VAL C 105 -34.58 38.33 -0.60
CA VAL C 105 -35.32 37.12 -0.95
C VAL C 105 -34.45 35.88 -0.80
N THR C 106 -35.06 34.85 -0.21
CA THR C 106 -34.50 33.52 -0.26
C THR C 106 -35.10 32.81 -1.46
N ARG C 107 -34.24 32.12 -2.21
CA ARG C 107 -34.64 31.40 -3.40
C ARG C 107 -33.78 30.17 -3.55
N GLY C 108 -34.44 29.03 -3.63
CA GLY C 108 -33.74 27.79 -3.78
C GLY C 108 -34.02 27.18 -5.11
N PHE C 109 -33.17 26.25 -5.50
CA PHE C 109 -33.36 25.48 -6.71
C PHE C 109 -32.70 24.11 -6.65
N TRP C 110 -33.31 23.18 -7.35
CA TRP C 110 -32.78 21.84 -7.51
C TRP C 110 -31.83 21.83 -8.67
N VAL C 111 -30.81 21.00 -8.57
CA VAL C 111 -29.91 20.68 -9.67
C VAL C 111 -29.89 19.16 -9.78
N PRO C 112 -30.75 18.60 -10.62
CA PRO C 112 -30.93 17.15 -10.61
C PRO C 112 -29.74 16.35 -11.12
N GLU C 113 -29.76 15.08 -10.75
CA GLU C 113 -28.74 14.10 -11.09
C GLU C 113 -28.44 14.04 -12.58
N TYR C 114 -29.48 14.17 -13.40
CA TYR C 114 -29.38 14.02 -14.87
C TYR C 114 -28.66 15.18 -15.57
N MET C 115 -28.51 16.31 -14.87
CA MET C 115 -27.70 17.44 -15.37
C MET C 115 -26.24 17.05 -15.45
N ALA C 116 -25.53 17.61 -16.42
CA ALA C 116 -24.11 17.29 -16.63
C ALA C 116 -23.26 17.65 -15.43
N ASP C 117 -22.30 16.80 -15.13
CA ASP C 117 -21.25 17.12 -14.15
C ASP C 117 -20.43 18.28 -14.70
N GLY C 118 -19.91 19.12 -13.81
CA GLY C 118 -18.99 20.20 -14.20
C GLY C 118 -19.16 21.49 -13.44
N LYS C 119 -18.62 22.57 -14.00
CA LYS C 119 -18.73 23.91 -13.40
C LYS C 119 -20.00 24.64 -13.85
N TYR C 120 -20.70 25.22 -12.87
CA TYR C 120 -21.93 25.96 -13.10
C TYR C 120 -21.81 27.37 -12.56
N THR C 121 -22.51 28.29 -13.20
CA THR C 121 -22.59 29.69 -12.77
C THR C 121 -24.04 30.05 -12.50
N VAL C 122 -24.31 30.48 -11.27
CA VAL C 122 -25.63 31.04 -10.91
C VAL C 122 -25.53 32.54 -11.03
N SER C 123 -26.56 33.14 -11.61
CA SER C 123 -26.56 34.57 -11.89
C SER C 123 -27.86 35.27 -11.51
N LEU C 124 -27.76 36.12 -10.49
CA LEU C 124 -28.82 37.06 -10.15
C LEU C 124 -28.70 38.21 -11.11
N GLN C 125 -29.80 38.52 -11.79
CA GLN C 125 -29.82 39.53 -12.84
C GLN C 125 -30.95 40.48 -12.64
N VAL C 126 -30.61 41.76 -12.68
CA VAL C 126 -31.56 42.86 -12.48
C VAL C 126 -31.56 43.78 -13.69
N VAL C 127 -32.72 44.00 -14.29
CA VAL C 127 -32.87 44.98 -15.35
C VAL C 127 -33.76 46.11 -14.86
N ALA C 128 -33.12 47.26 -14.69
CA ALA C 128 -33.80 48.47 -14.21
C ALA C 128 -34.57 49.15 -15.33
N GLU C 129 -35.64 49.85 -14.96
CA GLU C 129 -36.56 50.51 -15.90
C GLU C 129 -35.85 51.40 -16.93
N ASN C 130 -34.66 51.89 -16.57
CA ASN C 130 -33.85 52.77 -17.43
C ASN C 130 -32.90 52.06 -18.42
N GLY C 131 -32.86 50.74 -18.36
CA GLY C 131 -32.03 49.93 -19.27
C GLY C 131 -30.77 49.37 -18.65
N LYS C 132 -30.38 49.91 -17.51
CA LYS C 132 -29.14 49.50 -16.85
C LYS C 132 -29.26 48.08 -16.27
N VAL C 133 -28.26 47.28 -16.59
CA VAL C 133 -28.20 45.87 -16.16
C VAL C 133 -27.22 45.67 -15.00
N PHE C 134 -27.70 45.07 -13.93
CA PHE C 134 -26.87 44.75 -12.77
C PHE C 134 -26.93 43.27 -12.48
N LYS C 135 -25.78 42.70 -12.11
CA LYS C 135 -25.71 41.26 -11.87
C LYS C 135 -24.85 40.89 -10.65
N ALA C 136 -25.15 39.72 -10.10
CA ALA C 136 -24.31 39.11 -9.08
C ALA C 136 -24.23 37.61 -9.33
N ASN C 137 -23.01 37.11 -9.44
CA ASN C 137 -22.76 35.71 -9.80
C ASN C 137 -22.08 34.89 -8.70
N GLN C 138 -22.52 33.66 -8.54
CA GLN C 138 -21.80 32.67 -7.76
C GLN C 138 -21.63 31.41 -8.57
N GLU C 139 -20.58 30.69 -8.25
CA GLU C 139 -20.28 29.45 -8.93
C GLU C 139 -20.59 28.31 -8.01
N PHE C 140 -20.85 27.16 -8.62
CA PHE C 140 -20.87 25.91 -7.89
C PHE C 140 -20.40 24.83 -8.85
N VAL C 141 -20.10 23.67 -8.28
CA VAL C 141 -19.70 22.53 -9.08
C VAL C 141 -20.56 21.31 -8.79
N LYS C 142 -20.54 20.38 -9.74
CA LYS C 142 -21.30 19.15 -9.64
C LYS C 142 -20.48 17.96 -10.11
N GLY C 143 -20.16 17.08 -9.17
CA GLY C 143 -19.40 15.84 -9.47
C GLY C 143 -17.89 16.01 -9.65
N VAL C 144 -17.42 17.22 -9.35
CA VAL C 144 -15.98 17.56 -9.39
C VAL C 144 -15.69 18.52 -8.25
N ASP C 145 -14.41 18.72 -7.96
CA ASP C 145 -14.02 19.59 -6.84
C ASP C 145 -14.13 21.07 -7.20
N LEU C 146 -14.48 21.91 -6.23
CA LEU C 146 -14.57 23.35 -6.46
C LEU C 146 -13.18 23.88 -6.85
N ASN C 147 -13.14 24.69 -7.90
CA ASN C 147 -11.89 25.30 -8.43
C ASN C 147 -10.87 24.30 -9.02
N SER C 148 -11.27 23.05 -9.20
CA SER C 148 -10.38 22.04 -9.81
C SER C 148 -10.22 22.30 -11.29
N LEU C 149 -9.08 21.90 -11.84
CA LEU C 149 -8.79 22.12 -13.25
C LEU C 149 -9.60 21.13 -14.05
N PRO C 150 -10.21 21.59 -15.13
CA PRO C 150 -10.88 20.64 -15.99
C PRO C 150 -9.89 19.61 -16.49
N GLU C 151 -10.32 18.36 -16.58
CA GLU C 151 -9.43 17.34 -17.10
C GLU C 151 -10.08 16.32 -18.01
N LEU C 152 -9.26 15.86 -18.94
CA LEU C 152 -9.57 14.72 -19.78
C LEU C 152 -8.73 13.56 -19.25
N ASN C 153 -9.16 13.03 -18.12
CA ASN C 153 -8.65 11.76 -17.61
C ASN C 153 -7.12 11.73 -17.48
N GLY C 154 -6.63 12.55 -16.56
CA GLY C 154 -5.19 12.70 -16.35
C GLY C 154 -4.56 13.88 -17.08
N LEU C 155 -5.11 14.19 -18.27
CA LEU C 155 -4.71 15.38 -19.02
C LEU C 155 -5.44 16.62 -18.46
N THR C 156 -4.69 17.44 -17.74
CA THR C 156 -5.26 18.61 -17.04
C THR C 156 -5.15 19.86 -17.97
N ILE C 157 -6.17 20.71 -17.90
CA ILE C 157 -6.27 21.92 -18.72
C ILE C 157 -6.29 23.15 -17.83
N ASP C 158 -5.31 24.03 -18.04
CA ASP C 158 -5.15 25.24 -17.20
C ASP C 158 -5.10 26.51 -18.06
N ILE C 159 -6.25 27.15 -18.21
CA ILE C 159 -6.35 28.43 -18.90
C ILE C 159 -6.75 29.52 -17.93
N LYS C 160 -5.97 30.59 -17.96
CA LYS C 160 -6.12 31.68 -17.00
C LYS C 160 -5.92 33.04 -17.65
N ASN C 161 -6.78 33.98 -17.25
CA ASN C 161 -6.55 35.40 -17.49
C ASN C 161 -5.28 35.81 -16.74
N GLN C 162 -4.19 35.96 -17.48
CA GLN C 162 -2.85 36.03 -16.91
C GLN C 162 -2.66 37.12 -15.86
N PHE C 163 -3.26 38.28 -16.08
CA PHE C 163 -3.04 39.44 -15.19
C PHE C 163 -4.29 39.97 -14.50
N GLY C 164 -5.34 39.17 -14.46
CA GLY C 164 -6.58 39.59 -13.82
C GLY C 164 -7.29 40.78 -14.46
N ILE C 165 -7.08 40.97 -15.76
CA ILE C 165 -7.69 42.08 -16.49
C ILE C 165 -9.11 41.71 -16.93
N ASN C 166 -10.10 42.31 -16.26
CA ASN C 166 -11.51 41.92 -16.41
C ASN C 166 -12.31 42.79 -17.36
N SER C 167 -11.70 43.88 -17.80
CA SER C 167 -12.31 44.74 -18.80
C SER C 167 -11.29 45.54 -19.60
N VAL C 168 -11.75 46.02 -20.75
CA VAL C 168 -10.97 46.92 -21.59
C VAL C 168 -11.82 48.14 -21.96
N GLU C 169 -11.16 49.27 -22.19
CA GLU C 169 -11.85 50.52 -22.55
C GLU C 169 -12.48 50.47 -23.96
N SER C 170 -13.40 51.40 -24.23
CA SER C 170 -14.08 51.46 -25.54
C SER C 170 -13.07 51.61 -26.69
N THR C 171 -11.96 52.27 -26.38
CA THR C 171 -10.88 52.49 -27.37
C THR C 171 -10.00 51.27 -27.64
N GLY C 172 -10.21 50.22 -26.85
CA GLY C 172 -9.54 48.94 -27.07
C GLY C 172 -8.55 48.52 -25.99
N GLY C 173 -8.14 47.27 -26.08
CA GLY C 173 -7.22 46.69 -25.11
C GLY C 173 -6.80 45.28 -25.44
N PHE C 174 -5.70 44.86 -24.83
CA PHE C 174 -5.11 43.57 -25.08
C PHE C 174 -5.09 42.81 -23.77
N VAL C 175 -5.67 41.62 -23.82
CA VAL C 175 -5.70 40.71 -22.68
C VAL C 175 -5.03 39.41 -23.05
N PRO C 176 -3.92 39.08 -22.37
CA PRO C 176 -3.27 37.80 -22.60
C PRO C 176 -3.78 36.69 -21.68
N PHE C 177 -3.76 35.48 -22.22
CA PHE C 177 -4.14 34.29 -21.49
C PHE C 177 -3.05 33.24 -21.48
N THR C 178 -2.78 32.70 -20.30
CA THR C 178 -1.84 31.57 -20.18
C THR C 178 -2.59 30.28 -20.47
N VAL C 179 -1.93 29.44 -21.23
CA VAL C 179 -2.48 28.13 -21.60
C VAL C 179 -1.51 27.05 -21.20
N ASP C 180 -1.96 26.17 -20.31
CA ASP C 180 -1.17 25.02 -19.88
C ASP C 180 -1.97 23.72 -19.94
N LEU C 181 -1.58 22.86 -20.87
CA LEU C 181 -2.16 21.53 -21.05
C LEU C 181 -1.15 20.50 -20.56
N ASN C 182 -1.39 19.95 -19.37
CA ASN C 182 -0.47 19.01 -18.74
C ASN C 182 -0.93 17.55 -18.79
N ASN C 183 -0.17 16.74 -19.51
CA ASN C 183 -0.43 15.31 -19.63
C ASN C 183 0.05 14.48 -18.42
N GLY C 184 -0.83 14.29 -17.45
CA GLY C 184 -0.55 13.49 -16.25
C GLY C 184 -0.62 11.97 -16.45
N ARG C 185 -1.06 11.56 -17.64
CA ARG C 185 -1.22 10.15 -17.96
C ARG C 185 0.10 9.42 -18.10
N GLU C 186 0.03 8.10 -18.09
CA GLU C 186 1.20 7.24 -18.29
C GLU C 186 1.51 7.06 -19.78
N GLY C 187 0.52 7.34 -20.63
CA GLY C 187 0.70 7.28 -22.09
C GLY C 187 0.51 8.62 -22.79
N GLU C 188 0.85 8.67 -24.07
CA GLU C 188 0.67 9.90 -24.86
C GLU C 188 -0.81 10.24 -25.03
N ALA C 189 -1.07 11.54 -25.15
CA ALA C 189 -2.42 12.08 -25.31
C ALA C 189 -2.54 12.80 -26.64
N ASN C 190 -3.56 12.45 -27.39
CA ASN C 190 -3.89 13.12 -28.65
C ASN C 190 -5.08 14.05 -28.49
N VAL C 191 -4.81 15.33 -28.63
CA VAL C 191 -5.85 16.35 -28.44
C VAL C 191 -5.94 17.36 -29.58
N GLU C 192 -7.14 17.89 -29.73
CA GLU C 192 -7.38 19.07 -30.55
C GLU C 192 -7.79 20.17 -29.59
N PHE C 193 -7.32 21.37 -29.87
CA PHE C 193 -7.48 22.50 -28.96
C PHE C 193 -7.80 23.78 -29.71
N TRP C 194 -8.67 24.60 -29.14
CA TRP C 194 -9.05 25.89 -29.74
C TRP C 194 -9.67 26.87 -28.75
N MET C 195 -9.71 28.12 -29.17
CA MET C 195 -10.26 29.21 -28.37
C MET C 195 -11.09 30.17 -29.22
N THR C 196 -12.23 30.58 -28.66
CA THR C 196 -13.02 31.65 -29.23
C THR C 196 -13.42 32.67 -28.16
N ALA C 197 -13.88 33.83 -28.63
CA ALA C 197 -14.49 34.84 -27.76
C ALA C 197 -15.93 35.08 -28.22
N VAL C 198 -16.86 34.58 -27.43
CA VAL C 198 -18.27 34.70 -27.76
C VAL C 198 -18.77 36.00 -27.18
N GLY C 199 -19.30 36.88 -28.03
CA GLY C 199 -19.68 38.22 -27.58
C GLY C 199 -20.97 38.80 -28.14
N PRO C 200 -21.10 40.14 -28.14
CA PRO C 200 -22.33 40.77 -28.58
C PRO C 200 -22.64 40.53 -30.05
N ASP C 201 -23.84 40.96 -30.44
CA ASP C 201 -24.31 40.92 -31.83
C ASP C 201 -24.00 39.58 -32.51
N GLY C 202 -24.15 38.51 -31.75
CA GLY C 202 -23.92 37.15 -32.23
C GLY C 202 -22.48 36.81 -32.61
N LEU C 203 -21.53 37.60 -32.11
CA LEU C 203 -20.13 37.44 -32.52
C LEU C 203 -19.47 36.23 -31.87
N ILE C 204 -18.78 35.45 -32.70
CA ILE C 204 -17.90 34.37 -32.24
C ILE C 204 -16.51 34.65 -32.83
N ILE C 205 -15.66 35.24 -32.02
CA ILE C 205 -14.36 35.71 -32.50
C ILE C 205 -13.28 34.67 -32.28
N PRO C 206 -12.61 34.21 -33.37
CA PRO C 206 -11.46 33.33 -33.16
C PRO C 206 -10.37 33.97 -32.33
N VAL C 207 -9.94 33.22 -31.33
CA VAL C 207 -8.88 33.62 -30.40
C VAL C 207 -7.68 32.69 -30.61
N ASN C 208 -7.98 31.41 -30.82
CA ASN C 208 -6.98 30.42 -31.18
C ASN C 208 -7.53 29.42 -32.18
N ALA C 209 -6.87 29.32 -33.33
CA ALA C 209 -7.27 28.38 -34.36
C ALA C 209 -7.19 26.94 -33.87
N ARG C 210 -7.81 26.04 -34.63
CA ARG C 210 -7.83 24.65 -34.20
C ARG C 210 -6.44 24.03 -34.39
N GLU C 211 -5.86 23.62 -33.27
CA GLU C 211 -4.56 22.95 -33.23
C GLU C 211 -4.69 21.49 -32.82
N LYS C 212 -4.01 20.62 -33.55
CA LYS C 212 -3.88 19.19 -33.21
C LYS C 212 -2.52 18.96 -32.52
N TRP C 213 -2.53 18.18 -31.44
CA TRP C 213 -1.30 17.92 -30.67
C TRP C 213 -1.17 16.50 -30.16
N VAL C 214 0.03 15.96 -30.34
CA VAL C 214 0.47 14.77 -29.63
C VAL C 214 1.30 15.27 -28.46
N ILE C 215 0.82 15.01 -27.26
CA ILE C 215 1.54 15.38 -26.04
C ILE C 215 2.01 14.11 -25.34
N ALA C 216 3.34 13.97 -25.26
CA ALA C 216 3.94 12.78 -24.65
C ALA C 216 3.71 12.73 -23.13
N SER C 217 3.95 11.56 -22.56
CA SER C 217 3.68 11.31 -21.15
C SER C 217 4.50 12.23 -20.23
N GLY C 218 3.80 12.93 -19.34
CA GLY C 218 4.42 13.88 -18.39
C GLY C 218 4.78 15.23 -18.98
N ASP C 219 4.61 15.37 -20.31
CA ASP C 219 4.93 16.63 -21.02
C ASP C 219 3.84 17.69 -20.91
N THR C 220 4.20 18.91 -21.29
CA THR C 220 3.29 20.05 -21.22
C THR C 220 3.27 20.87 -22.51
N TYR C 221 2.08 21.11 -23.05
CA TYR C 221 1.87 22.17 -24.05
C TYR C 221 1.65 23.43 -23.25
N SER C 222 2.59 24.34 -23.35
CA SER C 222 2.53 25.55 -22.56
C SER C 222 2.80 26.77 -23.43
N LYS C 223 1.92 27.75 -23.33
CA LYS C 223 2.10 29.00 -24.07
C LYS C 223 1.25 30.14 -23.53
N VAL C 224 1.49 31.31 -24.10
CA VAL C 224 0.64 32.48 -23.89
C VAL C 224 -0.08 32.81 -25.17
N ARG C 225 -1.34 33.16 -25.03
CA ARG C 225 -2.19 33.49 -26.16
C ARG C 225 -3.12 34.62 -25.79
N GLY C 226 -2.98 35.72 -26.50
CA GLY C 226 -3.73 36.94 -26.18
C GLY C 226 -4.78 37.27 -27.21
N ILE C 227 -5.71 38.10 -26.79
CA ILE C 227 -6.71 38.62 -27.71
C ILE C 227 -6.63 40.13 -27.66
N ASN C 228 -6.57 40.71 -28.85
CA ASN C 228 -6.66 42.14 -28.97
C ASN C 228 -8.09 42.58 -29.20
N PHE C 229 -8.65 43.23 -28.21
CA PHE C 229 -9.98 43.83 -28.34
C PHE C 229 -9.85 45.14 -29.11
N ASP C 230 -10.08 45.05 -30.42
CA ASP C 230 -9.94 46.19 -31.31
C ASP C 230 -10.96 47.27 -30.95
N LYS C 231 -10.58 48.54 -31.10
CA LYS C 231 -11.48 49.68 -30.85
C LYS C 231 -12.86 49.44 -31.47
N SER C 232 -12.87 48.88 -32.68
CA SER C 232 -14.10 48.70 -33.44
C SER C 232 -15.05 47.61 -32.89
N TYR C 233 -14.51 46.69 -32.09
CA TYR C 233 -15.35 45.64 -31.49
C TYR C 233 -16.43 46.27 -30.61
N PRO C 234 -17.66 45.74 -30.68
CA PRO C 234 -18.75 46.36 -29.94
C PRO C 234 -18.64 46.24 -28.44
N ALA C 235 -19.20 47.25 -27.77
CA ALA C 235 -19.30 47.27 -26.33
C ALA C 235 -20.15 46.09 -25.86
N GLY C 236 -19.76 45.56 -24.71
CA GLY C 236 -20.49 44.43 -24.12
C GLY C 236 -19.64 43.35 -23.52
N GLU C 237 -20.29 42.20 -23.34
CA GLU C 237 -19.71 41.08 -22.60
C GLU C 237 -19.13 40.04 -23.56
N TYR C 238 -17.84 39.78 -23.40
CA TYR C 238 -17.14 38.75 -24.17
C TYR C 238 -16.81 37.56 -23.28
N THR C 239 -17.24 36.39 -23.73
CA THR C 239 -16.95 35.13 -23.04
C THR C 239 -15.78 34.45 -23.73
N ILE C 240 -14.61 34.57 -23.13
CA ILE C 240 -13.42 33.90 -23.63
C ILE C 240 -13.50 32.42 -23.31
N ASN C 241 -13.55 31.61 -24.35
CA ASN C 241 -13.85 30.21 -24.23
C ASN C 241 -12.79 29.33 -24.88
N ALA C 242 -12.22 28.44 -24.08
CA ALA C 242 -11.24 27.49 -24.59
C ALA C 242 -11.78 26.08 -24.51
N GLN C 243 -11.56 25.31 -25.56
CA GLN C 243 -11.98 23.91 -25.57
C GLN C 243 -10.87 22.95 -25.97
N VAL C 244 -10.89 21.78 -25.34
CA VAL C 244 -9.97 20.70 -25.65
C VAL C 244 -10.70 19.38 -25.81
N VAL C 245 -10.47 18.74 -26.95
CA VAL C 245 -11.00 17.41 -27.23
C VAL C 245 -9.90 16.37 -27.25
N ASP C 246 -10.17 15.28 -26.54
CA ASP C 246 -9.38 14.05 -26.66
C ASP C 246 -9.86 13.33 -27.91
N ILE C 247 -8.96 13.23 -28.87
CA ILE C 247 -9.27 12.69 -30.20
C ILE C 247 -9.60 11.19 -30.18
N VAL C 248 -9.06 10.50 -29.18
CA VAL C 248 -9.26 9.05 -29.01
C VAL C 248 -10.55 8.73 -28.25
N SER C 249 -10.68 9.28 -27.05
CA SER C 249 -11.91 9.06 -26.25
C SER C 249 -13.13 9.84 -26.76
N GLY C 250 -12.90 11.02 -27.33
CA GLY C 250 -13.98 11.93 -27.72
C GLY C 250 -14.46 12.82 -26.59
N GLU C 251 -13.93 12.64 -25.38
CA GLU C 251 -14.25 13.56 -24.28
C GLU C 251 -13.84 14.97 -24.66
N ARG C 252 -14.71 15.92 -24.35
CA ARG C 252 -14.42 17.33 -24.58
C ARG C 252 -14.55 18.07 -23.28
N VAL C 253 -13.71 19.06 -23.11
CA VAL C 253 -13.71 19.79 -21.87
C VAL C 253 -13.48 21.26 -22.21
N GLU C 254 -13.99 22.12 -21.33
CA GLU C 254 -14.04 23.55 -21.58
C GLU C 254 -13.46 24.33 -20.41
N GLN C 255 -12.93 25.50 -20.71
CA GLN C 255 -12.72 26.50 -19.68
C GLN C 255 -13.06 27.88 -20.21
N SER C 256 -13.64 28.70 -19.35
CA SER C 256 -14.16 29.99 -19.76
C SER C 256 -13.87 31.11 -18.79
N MET C 257 -13.65 32.28 -19.37
CA MET C 257 -13.39 33.52 -18.64
C MET C 257 -14.12 34.65 -19.32
N THR C 258 -14.53 35.62 -18.52
CA THR C 258 -15.35 36.70 -19.03
C THR C 258 -14.54 38.00 -19.06
N VAL C 259 -14.65 38.71 -20.17
CA VAL C 259 -14.03 40.02 -20.34
C VAL C 259 -15.09 40.95 -20.91
N VAL C 260 -15.23 42.11 -20.30
CA VAL C 260 -16.22 43.09 -20.78
C VAL C 260 -15.53 44.28 -21.45
N LYS C 261 -16.05 44.62 -22.63
CA LYS C 261 -15.64 45.84 -23.33
C LYS C 261 -16.62 46.95 -22.99
N LYS C 262 -16.10 47.99 -22.32
CA LYS C 262 -16.88 49.17 -21.93
C LYS C 262 -17.25 50.05 -23.14
N PRO D 29 -21.50 53.57 -44.63
CA PRO D 29 -20.58 52.43 -44.72
C PRO D 29 -21.28 51.07 -44.52
N VAL D 30 -21.81 50.53 -45.63
CA VAL D 30 -22.54 49.27 -45.63
C VAL D 30 -21.78 48.17 -46.37
N ILE D 31 -21.61 47.06 -45.65
CA ILE D 31 -21.08 45.80 -46.26
C ILE D 31 -22.22 44.79 -46.48
N GLU D 32 -22.16 44.11 -47.61
CA GLU D 32 -23.07 42.98 -47.90
C GLU D 32 -22.30 41.65 -47.86
N ALA D 33 -22.75 40.77 -46.95
CA ALA D 33 -22.10 39.48 -46.71
C ALA D 33 -22.97 38.31 -47.09
N ASN D 34 -22.42 37.37 -47.85
CA ASN D 34 -23.09 36.09 -48.09
C ASN D 34 -22.19 34.91 -47.83
N LEU D 35 -22.84 33.78 -47.66
CA LEU D 35 -22.18 32.53 -47.36
C LEU D 35 -23.02 31.42 -47.92
N SER D 36 -22.38 30.51 -48.63
CA SER D 36 -23.06 29.29 -49.07
C SER D 36 -22.17 28.07 -48.85
N LEU D 37 -22.81 26.95 -48.56
CA LEU D 37 -22.11 25.67 -48.34
C LEU D 37 -22.27 24.73 -49.51
N ASN D 38 -21.19 24.05 -49.85
CA ASN D 38 -21.21 23.01 -50.89
C ASN D 38 -21.92 21.75 -50.39
N GLN D 39 -22.03 21.61 -49.07
CA GLN D 39 -22.95 20.61 -48.52
C GLN D 39 -23.48 20.92 -47.11
N ASN D 40 -24.66 20.35 -46.85
CA ASN D 40 -25.45 20.59 -45.64
C ASN D 40 -25.51 19.43 -44.70
N GLN D 41 -25.03 18.29 -45.17
CA GLN D 41 -25.42 17.03 -44.62
C GLN D 41 -24.23 16.10 -44.43
N LEU D 42 -23.77 15.99 -43.19
CA LEU D 42 -22.64 15.12 -42.85
C LEU D 42 -23.13 13.92 -42.08
N ALA D 43 -22.51 12.79 -42.35
CA ALA D 43 -22.77 11.57 -41.58
C ALA D 43 -22.02 11.65 -40.25
N SER D 44 -22.37 10.74 -39.34
CA SER D 44 -21.77 10.69 -37.99
C SER D 44 -20.24 10.71 -38.01
N ASN D 45 -19.65 10.02 -38.98
CA ASN D 45 -18.18 9.95 -39.15
C ASN D 45 -17.54 11.27 -39.60
N GLY D 46 -18.35 12.32 -39.67
CA GLY D 46 -17.86 13.65 -39.99
C GLY D 46 -17.61 13.82 -41.47
N GLY D 47 -17.02 14.96 -41.83
CA GLY D 47 -16.63 15.19 -43.21
C GLY D 47 -16.06 16.59 -43.48
N TYR D 48 -15.85 16.86 -44.76
CA TYR D 48 -15.30 18.13 -45.22
C TYR D 48 -16.40 18.99 -45.86
N ILE D 49 -16.37 20.27 -45.54
CA ILE D 49 -17.35 21.20 -46.07
C ILE D 49 -16.62 22.38 -46.67
N SER D 50 -16.88 22.61 -47.95
CA SER D 50 -16.29 23.73 -48.67
C SER D 50 -17.29 24.86 -48.75
N SER D 51 -16.88 26.03 -48.31
CA SER D 51 -17.76 27.19 -48.29
C SER D 51 -17.28 28.27 -49.27
N GLN D 52 -18.23 29.12 -49.66
CA GLN D 52 -17.96 30.29 -50.50
CA GLN D 52 -17.96 30.29 -50.50
C GLN D 52 -18.37 31.56 -49.76
N LEU D 53 -17.38 32.40 -49.48
CA LEU D 53 -17.63 33.67 -48.77
C LEU D 53 -17.64 34.81 -49.77
N GLY D 54 -18.67 35.63 -49.65
CA GLY D 54 -18.77 36.85 -50.44
C GLY D 54 -18.89 38.05 -49.53
N ILE D 55 -18.04 39.03 -49.76
CA ILE D 55 -18.08 40.29 -49.03
C ILE D 55 -18.01 41.46 -50.02
N ARG D 56 -19.10 42.21 -50.05
CA ARG D 56 -19.29 43.30 -51.00
C ARG D 56 -19.38 44.66 -50.32
N ASN D 57 -18.53 45.59 -50.77
CA ASN D 57 -18.60 46.98 -50.33
C ASN D 57 -19.65 47.73 -51.17
N GLU D 58 -20.82 47.92 -50.58
CA GLU D 58 -21.93 48.65 -51.24
C GLU D 58 -21.81 50.18 -51.03
N SER D 59 -20.79 50.61 -50.30
CA SER D 59 -20.62 52.02 -49.95
C SER D 59 -19.81 52.81 -51.02
N CYS D 60 -19.82 54.12 -50.88
CA CYS D 60 -19.24 55.06 -51.87
C CYS D 60 -17.76 55.38 -51.58
N GLU D 61 -17.44 55.56 -50.30
CA GLU D 61 -16.03 55.60 -49.87
C GLU D 61 -15.44 54.19 -49.79
N THR D 62 -14.13 54.12 -49.60
CA THR D 62 -13.42 52.86 -49.41
C THR D 62 -13.61 52.38 -47.96
N VAL D 63 -13.80 51.08 -47.77
CA VAL D 63 -14.08 50.52 -46.42
C VAL D 63 -13.05 49.49 -45.92
N LYS D 64 -12.65 49.68 -44.67
CA LYS D 64 -11.77 48.74 -43.96
C LYS D 64 -12.61 47.89 -42.97
N PHE D 65 -12.28 46.62 -42.87
CA PHE D 65 -13.03 45.70 -42.01
C PHE D 65 -12.25 44.45 -41.63
N LYS D 66 -12.64 43.83 -40.52
CA LYS D 66 -12.14 42.50 -40.16
C LYS D 66 -13.22 41.48 -40.37
N TYR D 67 -12.83 40.30 -40.79
CA TYR D 67 -13.78 39.22 -40.96
C TYR D 67 -13.19 37.86 -40.61
N TRP D 68 -14.09 36.90 -40.36
CA TRP D 68 -13.70 35.54 -40.01
C TRP D 68 -14.86 34.58 -40.15
N LEU D 69 -14.54 33.29 -40.05
CA LEU D 69 -15.53 32.24 -40.23
C LEU D 69 -15.55 31.34 -39.01
N SER D 70 -16.72 31.25 -38.40
CA SER D 70 -16.89 30.56 -37.12
C SER D 70 -18.03 29.57 -37.15
N ILE D 71 -17.88 28.51 -36.38
CA ILE D 71 -18.86 27.45 -36.29
C ILE D 71 -19.43 27.37 -34.88
N LYS D 72 -20.74 27.14 -34.80
CA LYS D 72 -21.42 26.97 -33.52
C LYS D 72 -22.26 25.71 -33.60
N GLY D 73 -22.03 24.81 -32.65
CA GLY D 73 -22.68 23.50 -32.68
C GLY D 73 -23.41 23.17 -31.39
N PRO D 74 -23.82 21.90 -31.25
CA PRO D 74 -24.54 21.52 -30.05
C PRO D 74 -23.63 21.43 -28.84
N GLU D 75 -24.24 21.27 -27.68
CA GLU D 75 -23.50 21.07 -26.43
C GLU D 75 -22.48 22.18 -26.14
N GLY D 76 -22.82 23.40 -26.50
CA GLY D 76 -21.96 24.56 -26.24
C GLY D 76 -20.68 24.55 -27.07
N ILE D 77 -20.72 23.87 -28.19
CA ILE D 77 -19.56 23.87 -29.10
C ILE D 77 -19.45 25.19 -29.83
N TYR D 78 -18.29 25.79 -29.75
CA TYR D 78 -17.94 26.95 -30.55
C TYR D 78 -16.53 26.72 -31.06
N PHE D 79 -16.32 26.72 -32.37
CA PHE D 79 -14.95 26.65 -32.92
C PHE D 79 -14.76 27.46 -34.18
N PRO D 80 -13.51 27.95 -34.41
CA PRO D 80 -13.22 28.64 -35.64
C PRO D 80 -13.08 27.66 -36.77
N ALA D 81 -13.56 28.06 -37.95
CA ALA D 81 -13.45 27.20 -39.12
C ALA D 81 -11.97 26.91 -39.39
N LYS D 82 -11.19 27.97 -39.28
CA LYS D 82 -9.75 27.94 -39.57
C LYS D 82 -9.00 26.94 -38.67
N ALA D 83 -8.16 26.12 -39.31
CA ALA D 83 -7.25 25.20 -38.60
C ALA D 83 -5.80 25.42 -39.04
N VAL D 84 -4.85 25.23 -38.12
CA VAL D 84 -3.41 25.35 -38.43
C VAL D 84 -2.60 24.12 -37.96
N VAL D 85 -1.55 23.78 -38.70
CA VAL D 85 -0.70 22.62 -38.34
C VAL D 85 0.29 22.97 -37.21
N GLY D 86 0.82 24.17 -37.27
CA GLY D 86 1.76 24.64 -36.26
C GLY D 86 1.13 25.21 -35.02
N VAL D 87 1.71 26.30 -34.54
CA VAL D 87 1.23 27.03 -33.37
C VAL D 87 0.50 28.26 -33.86
N ASP D 88 -0.78 28.38 -33.51
CA ASP D 88 -1.54 29.56 -33.93
C ASP D 88 -1.01 30.77 -33.19
N THR D 89 -0.49 31.69 -33.97
CA THR D 89 0.15 32.90 -33.43
C THR D 89 -0.45 34.19 -33.98
N ALA D 90 -1.27 34.05 -35.02
CA ALA D 90 -1.84 35.19 -35.74
C ALA D 90 -2.81 36.02 -34.90
N GLN D 91 -2.88 37.31 -35.24
CA GLN D 91 -3.90 38.18 -34.69
C GLN D 91 -4.89 38.48 -35.81
N GLN D 92 -6.06 38.96 -35.43
CA GLN D 92 -7.12 39.24 -36.42
C GLN D 92 -6.79 40.47 -37.32
N GLU D 93 -6.34 40.20 -38.54
CA GLU D 93 -5.90 41.25 -39.44
C GLU D 93 -7.07 41.98 -40.07
N SER D 94 -6.87 43.26 -40.35
CA SER D 94 -7.84 44.05 -41.11
C SER D 94 -7.72 43.78 -42.60
N ASP D 95 -8.83 43.95 -43.29
CA ASP D 95 -8.89 43.89 -44.75
C ASP D 95 -9.54 45.16 -45.29
N ALA D 96 -9.55 45.31 -46.61
CA ALA D 96 -10.15 46.49 -47.24
C ALA D 96 -10.82 46.20 -48.57
N LEU D 97 -11.78 47.04 -48.92
CA LEU D 97 -12.44 46.96 -50.24
C LEU D 97 -12.67 48.31 -50.89
N THR D 98 -12.24 48.39 -52.15
CA THR D 98 -12.55 49.49 -53.05
C THR D 98 -14.05 49.78 -53.15
N ASP D 99 -14.41 51.03 -53.44
CA ASP D 99 -15.81 51.44 -53.66
C ASP D 99 -16.49 50.49 -54.66
N GLY D 100 -17.63 49.95 -54.25
CA GLY D 100 -18.41 49.02 -55.09
C GLY D 100 -17.79 47.64 -55.29
N ARG D 101 -16.60 47.44 -54.73
CA ARG D 101 -15.86 46.18 -54.93
C ARG D 101 -16.30 45.08 -53.98
N MET D 102 -16.13 43.85 -54.44
CA MET D 102 -16.53 42.66 -53.71
C MET D 102 -15.35 41.71 -53.51
N LEU D 103 -15.24 41.20 -52.29
CA LEU D 103 -14.28 40.13 -51.97
C LEU D 103 -14.94 38.77 -52.17
N ASN D 104 -14.21 37.86 -52.80
CA ASN D 104 -14.68 36.48 -53.01
C ASN D 104 -13.65 35.45 -52.59
N VAL D 105 -14.02 34.64 -51.60
CA VAL D 105 -13.09 33.66 -51.03
C VAL D 105 -13.74 32.30 -50.91
N THR D 106 -12.99 31.29 -51.31
CA THR D 106 -13.34 29.91 -51.00
C THR D 106 -12.62 29.55 -49.70
N ARG D 107 -13.36 28.92 -48.81
CA ARG D 107 -12.85 28.53 -47.49
C ARG D 107 -13.48 27.21 -47.12
N GLY D 108 -12.65 26.23 -46.86
CA GLY D 108 -13.13 24.93 -46.45
C GLY D 108 -12.71 24.63 -45.03
N PHE D 109 -13.42 23.68 -44.44
CA PHE D 109 -13.12 23.23 -43.09
C PHE D 109 -13.55 21.79 -42.88
N TRP D 110 -12.80 21.12 -42.02
CA TRP D 110 -13.14 19.79 -41.58
C TRP D 110 -14.07 19.87 -40.39
N VAL D 111 -14.97 18.89 -40.32
CA VAL D 111 -15.81 18.68 -39.13
C VAL D 111 -15.60 17.24 -38.74
N PRO D 112 -14.65 16.99 -37.83
CA PRO D 112 -14.26 15.62 -37.53
C PRO D 112 -15.32 14.77 -36.84
N GLU D 113 -15.10 13.46 -36.96
CA GLU D 113 -15.96 12.43 -36.39
C GLU D 113 -16.27 12.64 -34.90
N TYR D 114 -15.26 13.08 -34.15
CA TYR D 114 -15.35 13.23 -32.68
C TYR D 114 -16.23 14.38 -32.22
N MET D 115 -16.54 15.30 -33.12
CA MET D 115 -17.51 16.38 -32.84
C MET D 115 -18.92 15.82 -32.66
N ALA D 116 -19.70 16.45 -31.78
CA ALA D 116 -21.04 15.95 -31.47
C ALA D 116 -21.94 15.93 -32.70
N ASP D 117 -22.76 14.89 -32.79
CA ASP D 117 -23.85 14.84 -33.77
C ASP D 117 -24.86 15.94 -33.43
N GLY D 118 -25.50 16.49 -34.46
CA GLY D 118 -26.56 17.49 -34.26
C GLY D 118 -26.56 18.62 -35.27
N LYS D 119 -27.26 19.70 -34.92
CA LYS D 119 -27.39 20.88 -35.76
C LYS D 119 -26.24 21.88 -35.52
N TYR D 120 -25.62 22.32 -36.61
CA TYR D 120 -24.52 23.27 -36.56
C TYR D 120 -24.86 24.50 -37.36
N THR D 121 -24.31 25.63 -36.91
CA THR D 121 -24.45 26.90 -37.61
C THR D 121 -23.08 27.40 -38.00
N VAL D 122 -22.85 27.58 -39.31
CA VAL D 122 -21.65 28.26 -39.81
C VAL D 122 -22.00 29.72 -39.98
N SER D 123 -21.08 30.58 -39.55
CA SER D 123 -21.32 32.02 -39.54
C SER D 123 -20.14 32.81 -40.11
N LEU D 124 -20.38 33.40 -41.27
CA LEU D 124 -19.50 34.44 -41.80
C LEU D 124 -19.80 35.71 -41.07
N GLN D 125 -18.77 36.30 -40.48
CA GLN D 125 -18.93 37.49 -39.65
C GLN D 125 -17.96 38.55 -40.08
N VAL D 126 -18.50 39.76 -40.29
CA VAL D 126 -17.73 40.93 -40.69
C VAL D 126 -17.89 42.03 -39.66
N VAL D 127 -16.78 42.54 -39.14
CA VAL D 127 -16.80 43.74 -38.30
C VAL D 127 -16.09 44.89 -39.02
N ALA D 128 -16.87 45.88 -39.40
CA ALA D 128 -16.38 47.04 -40.14
C ALA D 128 -15.73 48.03 -39.20
N GLU D 129 -14.76 48.77 -39.74
CA GLU D 129 -13.94 49.73 -38.96
C GLU D 129 -14.76 50.70 -38.09
N ASN D 130 -16.00 50.93 -38.51
CA ASN D 130 -16.94 51.85 -37.82
C ASN D 130 -17.77 51.22 -36.69
N GLY D 131 -17.63 49.91 -36.50
CA GLY D 131 -18.35 49.18 -35.43
C GLY D 131 -19.52 48.33 -35.90
N LYS D 132 -19.99 48.58 -37.12
CA LYS D 132 -21.14 47.86 -37.67
C LYS D 132 -20.82 46.39 -37.96
N VAL D 133 -21.70 45.52 -37.47
CA VAL D 133 -21.54 44.07 -37.61
C VAL D 133 -22.47 43.50 -38.68
N PHE D 134 -21.88 42.76 -39.61
CA PHE D 134 -22.64 42.10 -40.67
C PHE D 134 -22.37 40.61 -40.67
N LYS D 135 -23.40 39.81 -40.90
CA LYS D 135 -23.25 38.36 -40.85
C LYS D 135 -24.03 37.63 -41.93
N ALA D 136 -23.56 36.43 -42.23
CA ALA D 136 -24.28 35.51 -43.11
C ALA D 136 -24.12 34.09 -42.58
N ASN D 137 -25.24 33.43 -42.33
CA ASN D 137 -25.25 32.13 -41.69
C ASN D 137 -25.79 31.03 -42.58
N GLN D 138 -25.16 29.87 -42.50
CA GLN D 138 -25.72 28.66 -43.07
C GLN D 138 -25.70 27.57 -42.01
N GLU D 139 -26.63 26.64 -42.16
CA GLU D 139 -26.72 25.54 -41.26
C GLU D 139 -26.24 24.28 -41.95
N PHE D 140 -25.77 23.35 -41.15
CA PHE D 140 -25.55 22.00 -41.62
C PHE D 140 -25.83 21.07 -40.45
N VAL D 141 -25.99 19.80 -40.77
CA VAL D 141 -26.23 18.79 -39.76
C VAL D 141 -25.20 17.70 -39.83
N LYS D 142 -25.04 17.01 -38.70
CA LYS D 142 -24.11 15.91 -38.57
C LYS D 142 -24.74 14.73 -37.86
N GLY D 143 -24.93 13.64 -38.60
CA GLY D 143 -25.49 12.39 -38.03
C GLY D 143 -27.00 12.37 -37.84
N VAL D 144 -27.66 13.40 -38.35
CA VAL D 144 -29.13 13.51 -38.34
C VAL D 144 -29.57 14.15 -39.64
N ASP D 145 -30.87 14.08 -39.94
CA ASP D 145 -31.38 14.62 -41.21
C ASP D 145 -31.50 16.13 -41.18
N LEU D 146 -31.27 16.78 -42.32
CA LEU D 146 -31.39 18.24 -42.39
C LEU D 146 -32.86 18.61 -42.13
N ASN D 147 -33.06 19.62 -41.29
CA ASN D 147 -34.42 20.13 -40.98
C ASN D 147 -35.32 19.13 -40.22
N SER D 148 -34.74 18.02 -39.75
CA SER D 148 -35.43 17.08 -38.86
C SER D 148 -35.62 17.73 -37.50
N LEU D 149 -36.70 17.36 -36.83
CA LEU D 149 -36.99 17.90 -35.50
C LEU D 149 -36.02 17.27 -34.55
N PRO D 150 -35.45 18.05 -33.63
CA PRO D 150 -34.63 17.41 -32.60
C PRO D 150 -35.43 16.36 -31.87
N GLU D 151 -34.80 15.24 -31.56
CA GLU D 151 -35.50 14.20 -30.81
C GLU D 151 -34.68 13.51 -29.74
N LEU D 152 -35.40 13.11 -28.70
CA LEU D 152 -34.88 12.21 -27.67
C LEU D 152 -35.51 10.84 -27.91
N ASN D 153 -34.99 10.17 -28.93
CA ASN D 153 -35.30 8.77 -29.17
C ASN D 153 -36.81 8.49 -29.24
N GLY D 154 -37.43 9.01 -30.29
CA GLY D 154 -38.88 8.88 -30.48
C GLY D 154 -39.68 10.08 -29.99
N LEU D 155 -39.20 10.68 -28.91
CA LEU D 155 -39.79 11.91 -28.38
C LEU D 155 -39.30 13.12 -29.15
N THR D 156 -40.17 13.68 -29.96
CA THR D 156 -39.79 14.75 -30.87
C THR D 156 -40.11 16.11 -30.27
N ILE D 157 -39.26 17.08 -30.56
CA ILE D 157 -39.38 18.45 -30.02
C ILE D 157 -39.58 19.47 -31.15
N ASP D 158 -40.68 20.22 -31.07
CA ASP D 158 -41.04 21.20 -32.12
C ASP D 158 -41.33 22.58 -31.53
N ILE D 159 -40.31 23.43 -31.55
CA ILE D 159 -40.43 24.81 -31.14
C ILE D 159 -40.22 25.78 -32.31
N LYS D 160 -41.17 26.70 -32.45
CA LYS D 160 -41.20 27.61 -33.60
C LYS D 160 -41.65 29.03 -33.22
N ASN D 161 -40.98 30.01 -33.81
CA ASN D 161 -41.42 31.41 -33.78
C ASN D 161 -42.72 31.48 -34.56
N GLN D 162 -43.83 31.60 -33.83
CA GLN D 162 -45.16 31.37 -34.36
C GLN D 162 -45.53 32.22 -35.57
N PHE D 163 -45.13 33.48 -35.57
CA PHE D 163 -45.55 34.43 -36.62
C PHE D 163 -44.38 35.04 -37.40
N GLY D 164 -43.21 34.42 -37.32
CA GLY D 164 -42.05 34.92 -38.06
C GLY D 164 -41.56 36.29 -37.66
N ILE D 165 -41.83 36.68 -36.42
CA ILE D 165 -41.42 37.98 -35.91
C ILE D 165 -39.96 37.94 -35.47
N ASN D 166 -39.09 38.58 -36.24
CA ASN D 166 -37.64 38.46 -36.08
C ASN D 166 -37.00 39.60 -35.29
N SER D 167 -37.80 40.62 -35.01
CA SER D 167 -37.34 41.72 -34.18
C SER D 167 -38.48 42.46 -33.48
N VAL D 168 -38.11 43.20 -32.45
CA VAL D 168 -39.02 44.10 -31.75
C VAL D 168 -38.39 45.47 -31.59
N GLU D 169 -39.23 46.51 -31.53
CA GLU D 169 -38.73 47.91 -31.37
C GLU D 169 -38.03 48.13 -30.05
N SER D 170 -37.31 49.24 -29.98
CA SER D 170 -36.68 49.67 -28.71
C SER D 170 -37.70 49.84 -27.58
N THR D 171 -38.92 50.26 -27.95
CA THR D 171 -40.01 50.47 -26.98
C THR D 171 -40.69 49.18 -26.50
N GLY D 172 -40.31 48.06 -27.10
CA GLY D 172 -40.76 46.75 -26.64
C GLY D 172 -41.69 45.99 -27.60
N GLY D 173 -41.89 44.73 -27.28
CA GLY D 173 -42.70 43.86 -28.11
C GLY D 173 -42.88 42.47 -27.53
N PHE D 174 -43.89 41.79 -28.04
N PHE D 174 -43.89 41.79 -28.04
CA PHE D 174 -44.23 40.45 -27.59
CA PHE D 174 -44.24 40.45 -27.59
C PHE D 174 -44.10 39.49 -28.77
C PHE D 174 -44.11 39.49 -28.76
N VAL D 175 -43.32 38.45 -28.54
N VAL D 175 -43.32 38.45 -28.54
CA VAL D 175 -43.13 37.38 -29.51
CA VAL D 175 -43.13 37.38 -29.51
C VAL D 175 -43.58 36.06 -28.92
C VAL D 175 -43.58 36.06 -28.92
N PRO D 176 -44.62 35.44 -29.50
CA PRO D 176 -45.03 34.13 -29.07
C PRO D 176 -44.34 32.97 -29.81
N PHE D 177 -44.16 31.88 -29.08
CA PHE D 177 -43.58 30.65 -29.60
C PHE D 177 -44.49 29.45 -29.39
N THR D 178 -44.66 28.66 -30.44
CA THR D 178 -45.39 27.41 -30.32
C THR D 178 -44.45 26.32 -29.81
N VAL D 179 -44.96 25.52 -28.90
CA VAL D 179 -44.21 24.42 -28.31
C VAL D 179 -44.97 23.12 -28.45
N ASP D 180 -44.36 22.17 -29.13
CA ASP D 180 -44.93 20.84 -29.28
C ASP D 180 -43.91 19.75 -29.00
N LEU D 181 -44.16 19.02 -27.92
CA LEU D 181 -43.37 17.85 -27.50
C LEU D 181 -44.16 16.57 -27.72
N ASN D 182 -43.82 15.85 -28.78
CA ASN D 182 -44.58 14.67 -29.19
C ASN D 182 -43.89 13.36 -28.87
N ASN D 183 -44.50 12.59 -27.98
CA ASN D 183 -44.00 11.27 -27.60
C ASN D 183 -44.34 10.16 -28.62
N GLY D 184 -43.43 9.93 -29.56
CA GLY D 184 -43.58 8.87 -30.58
C GLY D 184 -43.25 7.45 -30.10
N ARG D 185 -42.73 7.36 -28.87
CA ARG D 185 -42.35 6.08 -28.27
C ARG D 185 -43.54 5.19 -27.96
N GLU D 186 -43.24 3.91 -27.72
CA GLU D 186 -44.27 2.93 -27.34
C GLU D 186 -44.55 2.98 -25.83
N GLY D 187 -43.62 3.57 -25.08
CA GLY D 187 -43.79 3.79 -23.64
C GLY D 187 -43.84 5.25 -23.22
N GLU D 188 -44.16 5.49 -21.95
CA GLU D 188 -44.18 6.85 -21.42
C GLU D 188 -42.77 7.47 -21.37
N ALA D 189 -42.73 8.79 -21.51
CA ALA D 189 -41.49 9.55 -21.49
C ALA D 189 -41.51 10.51 -20.32
N ASN D 190 -40.43 10.49 -19.56
CA ASN D 190 -40.22 11.46 -18.48
C ASN D 190 -39.21 12.52 -18.86
N VAL D 191 -39.70 13.75 -18.97
CA VAL D 191 -38.85 14.87 -19.38
C VAL D 191 -38.94 16.09 -18.48
N GLU D 192 -37.84 16.84 -18.49
CA GLU D 192 -37.81 18.17 -17.94
C GLU D 192 -37.61 19.10 -19.11
N PHE D 193 -38.26 20.26 -19.04
CA PHE D 193 -38.29 21.18 -20.16
C PHE D 193 -38.20 22.61 -19.68
N TRP D 194 -37.47 23.43 -20.44
CA TRP D 194 -37.36 24.85 -20.11
C TRP D 194 -36.90 25.71 -21.29
N MET D 195 -37.05 27.01 -21.11
CA MET D 195 -36.70 27.98 -22.11
C MET D 195 -36.06 29.20 -21.50
N THR D 196 -35.01 29.69 -22.16
CA THR D 196 -34.40 30.95 -21.81
C THR D 196 -34.18 31.80 -23.04
N ALA D 197 -33.92 33.07 -22.80
CA ALA D 197 -33.46 34.00 -23.84
C ALA D 197 -32.09 34.53 -23.46
N VAL D 198 -31.08 34.05 -24.17
CA VAL D 198 -29.71 34.46 -23.92
C VAL D 198 -29.42 35.70 -24.74
N GLY D 199 -29.06 36.78 -24.06
CA GLY D 199 -28.92 38.08 -24.73
C GLY D 199 -27.74 38.94 -24.30
N PRO D 200 -27.83 40.25 -24.54
CA PRO D 200 -26.73 41.15 -24.24
C PRO D 200 -26.39 41.22 -22.78
N ASP D 201 -25.29 41.92 -22.51
CA ASP D 201 -24.82 42.18 -21.13
C ASP D 201 -24.90 40.95 -20.23
N GLY D 202 -24.56 39.80 -20.82
CA GLY D 202 -24.56 38.51 -20.11
C GLY D 202 -25.91 38.02 -19.64
N LEU D 203 -26.99 38.55 -20.21
CA LEU D 203 -28.34 38.24 -19.72
C LEU D 203 -28.79 36.85 -20.15
N ILE D 204 -29.34 36.12 -19.18
CA ILE D 204 -30.03 34.86 -19.43
C ILE D 204 -31.44 35.00 -18.86
N ILE D 205 -32.38 35.31 -19.75
CA ILE D 205 -33.75 35.66 -19.32
C ILE D 205 -34.68 34.44 -19.33
N PRO D 206 -35.28 34.14 -18.17
CA PRO D 206 -36.23 33.02 -18.18
C PRO D 206 -37.41 33.32 -19.10
N VAL D 207 -37.69 32.35 -19.95
CA VAL D 207 -38.80 32.40 -20.87
C VAL D 207 -39.84 31.33 -20.47
N ASN D 208 -39.33 30.18 -20.05
CA ASN D 208 -40.16 29.14 -19.47
C ASN D 208 -39.44 28.46 -18.33
N ALA D 209 -40.07 28.49 -17.16
CA ALA D 209 -39.53 27.86 -15.96
C ALA D 209 -39.35 26.37 -16.16
N ARG D 210 -38.58 25.76 -15.28
CA ARG D 210 -38.33 24.32 -15.43
C ARG D 210 -39.58 23.52 -15.09
N GLU D 211 -40.09 22.81 -16.09
CA GLU D 211 -41.26 21.95 -15.97
C GLU D 211 -40.91 20.49 -16.12
N LYS D 212 -41.44 19.68 -15.20
CA LYS D 212 -41.29 18.21 -15.22
C LYS D 212 -42.58 17.61 -15.78
N TRP D 213 -42.43 16.64 -16.67
CA TRP D 213 -43.59 16.05 -17.32
C TRP D 213 -43.47 14.57 -17.55
N VAL D 214 -44.57 13.88 -17.23
CA VAL D 214 -44.80 12.51 -17.68
C VAL D 214 -45.71 12.64 -18.89
N ILE D 215 -45.20 12.23 -20.03
CA ILE D 215 -45.96 12.25 -21.28
C ILE D 215 -46.22 10.81 -21.70
N ALA D 216 -47.49 10.44 -21.70
CA ALA D 216 -47.89 9.08 -22.07
C ALA D 216 -47.64 8.78 -23.55
N SER D 217 -47.67 7.50 -23.88
CA SER D 217 -47.38 7.03 -25.24
C SER D 217 -48.34 7.63 -26.28
N GLY D 218 -47.77 8.24 -27.31
CA GLY D 218 -48.53 8.89 -28.39
C GLY D 218 -49.12 10.26 -28.05
N ASP D 219 -48.98 10.68 -26.80
CA ASP D 219 -49.52 11.95 -26.31
C ASP D 219 -48.61 13.13 -26.63
N THR D 220 -49.16 14.33 -26.48
CA THR D 220 -48.47 15.56 -26.83
C THR D 220 -48.60 16.62 -25.75
N TYR D 221 -47.45 17.17 -25.34
CA TYR D 221 -47.44 18.40 -24.57
C TYR D 221 -47.42 19.51 -25.58
N SER D 222 -48.49 20.26 -25.62
CA SER D 222 -48.65 21.27 -26.65
C SER D 222 -49.14 22.57 -26.06
N LYS D 223 -48.45 23.65 -26.40
CA LYS D 223 -48.85 24.97 -25.90
C LYS D 223 -48.20 26.11 -26.65
N VAL D 224 -48.64 27.32 -26.31
CA VAL D 224 -48.00 28.55 -26.78
C VAL D 224 -47.36 29.23 -25.60
N ARG D 225 -46.16 29.73 -25.83
CA ARG D 225 -45.39 30.40 -24.81
C ARG D 225 -44.66 31.57 -25.39
N GLY D 226 -44.97 32.74 -24.87
CA GLY D 226 -44.42 33.96 -25.41
C GLY D 226 -43.42 34.62 -24.48
N ILE D 227 -42.64 35.53 -25.05
CA ILE D 227 -41.76 36.37 -24.27
C ILE D 227 -42.10 37.82 -24.55
N ASN D 228 -42.27 38.58 -23.47
CA ASN D 228 -42.48 40.00 -23.56
C ASN D 228 -41.15 40.73 -23.44
N PHE D 229 -40.71 41.28 -24.56
CA PHE D 229 -39.48 42.08 -24.56
C PHE D 229 -39.84 43.44 -24.02
N ASP D 230 -39.61 43.60 -22.71
CA ASP D 230 -39.91 44.86 -22.03
C ASP D 230 -39.07 46.01 -22.60
N LYS D 231 -39.66 47.20 -22.64
CA LYS D 231 -38.96 48.41 -23.11
C LYS D 231 -37.55 48.51 -22.51
N SER D 232 -37.45 48.18 -21.23
CA SER D 232 -36.18 48.33 -20.48
C SER D 232 -35.08 47.32 -20.86
N TYR D 233 -35.46 46.20 -21.48
CA TYR D 233 -34.45 45.21 -21.94
C TYR D 233 -33.51 45.85 -22.94
N PRO D 234 -32.21 45.55 -22.85
CA PRO D 234 -31.24 46.22 -23.70
C PRO D 234 -31.34 45.84 -25.16
N ALA D 235 -30.95 46.79 -26.00
CA ALA D 235 -30.86 46.57 -27.43
C ALA D 235 -29.83 45.48 -27.72
N GLY D 236 -30.12 44.70 -28.74
CA GLY D 236 -29.20 43.65 -29.17
C GLY D 236 -29.85 42.34 -29.59
N GLU D 237 -29.02 41.30 -29.61
CA GLU D 237 -29.40 39.99 -30.14
C GLU D 237 -29.78 39.05 -29.00
N TYR D 238 -31.01 38.55 -29.07
CA TYR D 238 -31.53 37.57 -28.11
C TYR D 238 -31.66 36.20 -28.76
N THR D 239 -31.01 35.21 -28.15
CA THR D 239 -31.10 33.83 -28.62
C THR D 239 -32.13 33.10 -27.78
N ILE D 240 -33.31 32.91 -28.35
CA ILE D 240 -34.38 32.17 -27.70
C ILE D 240 -34.04 30.68 -27.78
N ASN D 241 -33.86 30.09 -26.61
CA ASN D 241 -33.32 28.75 -26.49
C ASN D 241 -34.19 27.85 -25.65
N ALA D 242 -34.61 26.74 -26.24
CA ALA D 242 -35.44 25.76 -25.55
C ALA D 242 -34.68 24.47 -25.38
N GLN D 243 -34.78 23.88 -24.19
CA GLN D 243 -34.11 22.60 -23.93
C GLN D 243 -35.03 21.58 -23.33
N VAL D 244 -34.80 20.34 -23.70
CA VAL D 244 -35.54 19.21 -23.14
C VAL D 244 -34.60 18.09 -22.74
N VAL D 245 -34.72 17.67 -21.48
CA VAL D 245 -33.96 16.53 -20.96
C VAL D 245 -34.85 15.32 -20.70
N ASP D 246 -34.39 14.18 -21.18
CA ASP D 246 -34.96 12.89 -20.80
C ASP D 246 -34.37 12.54 -19.44
N ILE D 247 -35.24 12.48 -18.45
CA ILE D 247 -34.86 12.28 -17.04
C ILE D 247 -34.28 10.89 -16.77
N VAL D 248 -34.67 9.93 -17.59
CA VAL D 248 -34.21 8.54 -17.47
C VAL D 248 -32.87 8.35 -18.17
N SER D 249 -32.82 8.64 -19.47
CA SER D 249 -31.58 8.45 -20.24
C SER D 249 -30.51 9.49 -19.91
N GLY D 250 -30.96 10.70 -19.58
CA GLY D 250 -30.06 11.86 -19.46
C GLY D 250 -29.73 12.57 -20.78
N GLU D 251 -30.23 12.06 -21.90
CA GLU D 251 -30.09 12.76 -23.19
C GLU D 251 -30.74 14.13 -23.12
N ARG D 252 -30.05 15.13 -23.65
CA ARG D 252 -30.56 16.47 -23.67
C ARG D 252 -30.57 16.95 -25.11
N VAL D 253 -31.58 17.72 -25.45
CA VAL D 253 -31.71 18.20 -26.80
C VAL D 253 -32.19 19.65 -26.76
N GLU D 254 -31.82 20.39 -27.79
CA GLU D 254 -32.01 21.86 -27.84
C GLU D 254 -32.68 22.29 -29.11
N GLN D 255 -33.39 23.40 -29.04
CA GLN D 255 -33.78 24.14 -30.24
C GLN D 255 -33.69 25.62 -29.97
N SER D 256 -33.27 26.37 -30.99
CA SER D 256 -32.98 27.78 -30.84
C SER D 256 -33.47 28.64 -32.00
N MET D 257 -33.86 29.86 -31.62
CA MET D 257 -34.34 30.90 -32.54
C MET D 257 -33.80 32.23 -32.09
N THR D 258 -33.58 33.12 -33.06
CA THR D 258 -33.00 34.40 -32.74
C THR D 258 -33.99 35.56 -32.94
N VAL D 259 -34.00 36.44 -31.96
CA VAL D 259 -34.84 37.66 -31.98
C VAL D 259 -33.96 38.84 -31.60
N VAL D 260 -34.03 39.90 -32.37
CA VAL D 260 -33.21 41.09 -32.10
C VAL D 260 -34.08 42.24 -31.60
N LYS D 261 -33.64 42.85 -30.50
CA LYS D 261 -34.23 44.08 -30.01
C LYS D 261 -33.47 45.28 -30.54
N LYS D 262 -34.18 46.09 -31.32
CA LYS D 262 -33.60 47.28 -31.91
C LYS D 262 -33.49 48.38 -30.87
N VAL E 30 54.92 -37.57 25.73
CA VAL E 30 55.63 -36.93 24.58
C VAL E 30 55.71 -35.40 24.80
N ILE E 31 54.58 -34.69 24.76
CA ILE E 31 54.53 -33.23 24.98
C ILE E 31 53.94 -32.85 26.34
N GLU E 32 54.55 -31.87 26.99
CA GLU E 32 53.99 -31.28 28.22
C GLU E 32 53.52 -29.85 27.99
N ALA E 33 52.23 -29.63 28.22
CA ALA E 33 51.59 -28.33 27.98
C ALA E 33 51.08 -27.69 29.27
N ASN E 34 51.40 -26.42 29.45
CA ASN E 34 50.79 -25.62 30.53
C ASN E 34 50.25 -24.30 30.03
N LEU E 35 49.37 -23.74 30.85
CA LEU E 35 48.70 -22.51 30.56
C LEU E 35 48.37 -21.84 31.86
N SER E 36 48.69 -20.55 31.95
CA SER E 36 48.28 -19.76 33.10
C SER E 36 47.74 -18.40 32.63
N LEU E 37 46.77 -17.88 33.39
CA LEU E 37 46.17 -16.59 33.10
C LEU E 37 46.62 -15.52 34.08
N ASN E 38 46.89 -14.33 33.55
CA ASN E 38 47.23 -13.18 34.38
C ASN E 38 45.99 -12.65 35.12
N GLN E 39 44.81 -13.00 34.65
CA GLN E 39 43.60 -12.80 35.45
C GLN E 39 42.44 -13.75 35.13
N ASN E 40 41.61 -13.94 36.15
CA ASN E 40 40.50 -14.90 36.18
C ASN E 40 39.15 -14.28 36.16
N GLN E 41 39.12 -12.97 36.37
CA GLN E 41 37.89 -12.29 36.77
C GLN E 41 37.66 -11.01 35.98
N LEU E 42 36.71 -11.09 35.05
CA LEU E 42 36.34 -9.94 34.22
C LEU E 42 34.98 -9.45 34.64
N ALA E 43 34.83 -8.13 34.61
CA ALA E 43 33.53 -7.52 34.85
C ALA E 43 32.68 -7.63 33.58
N SER E 44 31.39 -7.34 33.71
CA SER E 44 30.43 -7.43 32.59
C SER E 44 30.90 -6.70 31.34
N ASN E 45 31.52 -5.55 31.53
CA ASN E 45 32.05 -4.72 30.41
C ASN E 45 33.25 -5.34 29.69
N GLY E 46 33.58 -6.58 30.06
CA GLY E 46 34.64 -7.32 29.40
C GLY E 46 36.02 -6.87 29.84
N GLY E 47 37.04 -7.39 29.16
CA GLY E 47 38.40 -6.98 29.42
C GLY E 47 39.45 -7.73 28.64
N TYR E 48 40.71 -7.46 28.99
CA TYR E 48 41.88 -8.09 28.36
C TYR E 48 42.49 -9.12 29.30
N ILE E 49 42.88 -10.25 28.73
CA ILE E 49 43.48 -11.32 29.50
C ILE E 49 44.76 -11.73 28.81
N SER E 50 45.86 -11.64 29.55
CA SER E 50 47.16 -12.05 29.06
C SER E 50 47.47 -13.44 29.57
N SER E 51 47.81 -14.34 28.65
CA SER E 51 48.11 -15.71 29.01
C SER E 51 49.58 -16.05 28.75
N GLN E 52 50.05 -17.08 29.45
CA GLN E 52 51.39 -17.63 29.25
CA GLN E 52 51.40 -17.63 29.25
C GLN E 52 51.28 -19.10 28.84
N LEU E 53 51.73 -19.39 27.63
CA LEU E 53 51.72 -20.76 27.09
C LEU E 53 53.08 -21.39 27.22
N GLY E 54 53.10 -22.60 27.75
CA GLY E 54 54.30 -23.39 27.83
C GLY E 54 54.11 -24.71 27.12
N ILE E 55 55.02 -25.02 26.22
CA ILE E 55 55.02 -26.30 25.50
C ILE E 55 56.44 -26.90 25.55
N ARG E 56 56.51 -28.04 26.23
CA ARG E 56 57.78 -28.72 26.50
C ARG E 56 57.85 -30.09 25.81
N ASN E 57 58.91 -30.28 25.03
CA ASN E 57 59.21 -31.59 24.45
C ASN E 57 59.97 -32.44 25.46
N GLU E 58 59.26 -33.37 26.11
CA GLU E 58 59.87 -34.29 27.08
C GLU E 58 60.50 -35.52 26.40
N SER E 59 60.38 -35.61 25.07
CA SER E 59 60.83 -36.80 24.34
C SER E 59 62.31 -36.70 23.93
N CYS E 60 62.84 -37.82 23.45
CA CYS E 60 64.28 -37.99 23.15
C CYS E 60 64.62 -37.62 21.70
N GLU E 61 63.75 -38.00 20.77
CA GLU E 61 63.83 -37.49 19.40
C GLU E 61 63.20 -36.08 19.32
N THR E 62 63.38 -35.44 18.16
CA THR E 62 62.80 -34.12 17.89
C THR E 62 61.33 -34.28 17.51
N VAL E 63 60.48 -33.38 17.99
CA VAL E 63 59.02 -33.48 17.77
C VAL E 63 58.40 -32.30 17.01
N LYS E 64 57.57 -32.65 16.03
CA LYS E 64 56.78 -31.68 15.26
C LYS E 64 55.31 -31.71 15.77
N PHE E 65 54.68 -30.54 15.84
CA PHE E 65 53.31 -30.44 16.35
C PHE E 65 52.62 -29.16 15.91
N LYS E 66 51.29 -29.19 15.92
CA LYS E 66 50.48 -27.99 15.74
C LYS E 66 49.85 -27.62 17.06
N TYR E 67 49.73 -26.33 17.31
CA TYR E 67 49.06 -25.87 18.51
C TYR E 67 48.27 -24.58 18.28
N TRP E 68 47.35 -24.31 19.20
CA TRP E 68 46.51 -23.12 19.15
C TRP E 68 45.82 -22.86 20.47
N LEU E 69 45.22 -21.69 20.56
CA LEU E 69 44.57 -21.26 21.79
C LEU E 69 43.11 -20.92 21.52
N SER E 70 42.23 -21.61 22.23
CA SER E 70 40.79 -21.52 21.98
C SER E 70 40.01 -21.27 23.25
N ILE E 71 38.90 -20.57 23.08
CA ILE E 71 38.02 -20.20 24.19
C ILE E 71 36.65 -20.87 24.02
N LYS E 72 36.10 -21.33 25.13
CA LYS E 72 34.77 -21.94 25.14
C LYS E 72 33.98 -21.30 26.25
N GLY E 73 32.83 -20.76 25.90
CA GLY E 73 32.02 -19.99 26.86
C GLY E 73 30.60 -20.47 26.97
N PRO E 74 29.75 -19.69 27.64
CA PRO E 74 28.36 -20.09 27.78
C PRO E 74 27.58 -19.96 26.49
N GLU E 75 26.37 -20.47 26.50
CA GLU E 75 25.45 -20.35 25.36
C GLU E 75 26.05 -20.85 24.03
N GLY E 76 26.84 -21.90 24.10
CA GLY E 76 27.44 -22.49 22.90
C GLY E 76 28.47 -21.59 22.23
N ILE E 77 29.06 -20.70 23.01
CA ILE E 77 30.14 -19.86 22.49
C ILE E 77 31.43 -20.66 22.33
N TYR E 78 31.99 -20.61 21.14
CA TYR E 78 33.31 -21.14 20.88
C TYR E 78 34.02 -20.11 20.02
N PHE E 79 35.16 -19.60 20.48
CA PHE E 79 35.96 -18.70 19.63
C PHE E 79 37.47 -18.85 19.81
N PRO E 80 38.24 -18.57 18.73
CA PRO E 80 39.68 -18.62 18.85
C PRO E 80 40.19 -17.41 19.57
N ALA E 81 41.21 -17.59 20.39
CA ALA E 81 41.79 -16.48 21.12
C ALA E 81 42.30 -15.45 20.11
N LYS E 82 42.94 -15.96 19.07
CA LYS E 82 43.56 -15.15 18.02
C LYS E 82 42.55 -14.24 17.32
N ALA E 83 42.93 -12.97 17.18
CA ALA E 83 42.16 -11.98 16.40
C ALA E 83 43.05 -11.33 15.34
N VAL E 84 42.45 -11.00 14.19
CA VAL E 84 43.17 -10.28 13.10
C VAL E 84 42.40 -9.03 12.61
N VAL E 85 43.13 -7.99 12.20
CA VAL E 85 42.48 -6.75 11.68
C VAL E 85 42.01 -6.91 10.24
N GLY E 86 42.82 -7.61 9.45
CA GLY E 86 42.49 -7.86 8.05
C GLY E 86 41.57 -9.04 7.81
N VAL E 87 41.89 -9.79 6.77
CA VAL E 87 41.15 -10.99 6.39
C VAL E 87 41.96 -12.19 6.84
N ASP E 88 41.36 -13.02 7.69
CA ASP E 88 42.07 -14.21 8.15
C ASP E 88 42.23 -15.18 6.99
N THR E 89 43.46 -15.43 6.64
CA THR E 89 43.80 -16.27 5.48
C THR E 89 44.72 -17.44 5.85
N ALA E 90 45.26 -17.39 7.06
CA ALA E 90 46.26 -18.36 7.52
C ALA E 90 45.72 -19.77 7.63
N GLN E 91 46.60 -20.74 7.43
CA GLN E 91 46.29 -22.15 7.69
C GLN E 91 47.06 -22.55 8.94
N GLN E 92 46.62 -23.61 9.61
CA GLN E 92 47.25 -24.03 10.87
C GLN E 92 48.68 -24.60 10.64
N GLU E 93 49.69 -23.78 10.93
CA GLU E 93 51.07 -24.15 10.65
C GLU E 93 51.62 -25.10 11.70
N SER E 94 52.52 -25.96 11.26
CA SER E 94 53.25 -26.85 12.17
C SER E 94 54.38 -26.10 12.84
N ASP E 95 54.71 -26.56 14.04
CA ASP E 95 55.87 -26.08 14.79
C ASP E 95 56.75 -27.25 15.17
N ALA E 96 57.91 -26.97 15.77
CA ALA E 96 58.84 -28.03 16.19
C ALA E 96 59.60 -27.68 17.45
N LEU E 97 60.03 -28.73 18.16
CA LEU E 97 60.88 -28.58 19.34
C LEU E 97 62.02 -29.60 19.40
N THR E 98 63.21 -29.04 19.61
CA THR E 98 64.42 -29.81 19.95
C THR E 98 64.21 -30.75 21.15
N ASP E 99 64.97 -31.85 21.18
CA ASP E 99 64.94 -32.80 22.31
C ASP E 99 65.10 -32.04 23.64
N GLY E 100 64.19 -32.30 24.57
CA GLY E 100 64.21 -31.66 25.90
C GLY E 100 63.87 -30.17 25.91
N ARG E 101 63.65 -29.60 24.74
CA ARG E 101 63.39 -28.17 24.61
C ARG E 101 61.95 -27.78 24.87
N MET E 102 61.79 -26.55 25.34
CA MET E 102 60.49 -26.00 25.68
C MET E 102 60.20 -24.71 24.92
N LEU E 103 58.97 -24.62 24.41
CA LEU E 103 58.46 -23.38 23.80
C LEU E 103 57.77 -22.53 24.87
N ASN E 104 58.05 -21.24 24.85
CA ASN E 104 57.41 -20.29 25.77
C ASN E 104 56.87 -19.07 25.05
N VAL E 105 55.55 -18.90 25.14
CA VAL E 105 54.86 -17.83 24.41
C VAL E 105 53.91 -17.08 25.32
N THR E 106 53.96 -15.76 25.21
CA THR E 106 52.93 -14.91 25.79
C THR E 106 51.89 -14.67 24.70
N ARG E 107 50.64 -14.78 25.09
CA ARG E 107 49.50 -14.63 24.18
C ARG E 107 48.38 -13.99 24.94
N GLY E 108 47.93 -12.86 24.42
CA GLY E 108 46.82 -12.17 25.03
C GLY E 108 45.62 -12.17 24.10
N PHE E 109 44.47 -11.93 24.71
CA PHE E 109 43.22 -11.85 23.96
C PHE E 109 42.23 -10.95 24.66
N TRP E 110 41.41 -10.30 23.85
CA TRP E 110 40.29 -9.52 24.33
C TRP E 110 39.08 -10.41 24.52
N VAL E 111 38.28 -10.08 25.53
CA VAL E 111 36.98 -10.69 25.73
C VAL E 111 36.00 -9.53 25.83
N PRO E 112 35.39 -9.17 24.68
CA PRO E 112 34.60 -7.95 24.66
C PRO E 112 33.32 -7.98 25.47
N GLU E 113 32.84 -6.78 25.75
CA GLU E 113 31.62 -6.52 26.52
C GLU E 113 30.40 -7.30 25.99
N TYR E 114 30.29 -7.41 24.68
CA TYR E 114 29.12 -8.03 24.01
C TYR E 114 29.05 -9.55 24.16
N MET E 115 30.15 -10.17 24.56
CA MET E 115 30.17 -11.61 24.89
C MET E 115 29.34 -11.89 26.14
N ALA E 116 28.70 -13.05 26.17
CA ALA E 116 27.82 -13.41 27.29
C ALA E 116 28.56 -13.44 28.61
N ASP E 117 27.90 -12.96 29.65
CA ASP E 117 28.38 -13.14 31.03
C ASP E 117 28.35 -14.63 31.35
N GLY E 118 29.28 -15.08 32.19
CA GLY E 118 29.30 -16.47 32.67
C GLY E 118 30.67 -17.08 32.82
N LYS E 119 30.71 -18.41 32.89
CA LYS E 119 31.96 -19.17 33.02
C LYS E 119 32.56 -19.51 31.65
N TYR E 120 33.84 -19.22 31.52
CA TYR E 120 34.60 -19.47 30.29
C TYR E 120 35.76 -20.40 30.55
N THR E 121 36.10 -21.19 29.55
CA THR E 121 37.25 -22.07 29.60
C THR E 121 38.21 -21.69 28.48
N VAL E 122 39.44 -21.33 28.86
CA VAL E 122 40.53 -21.14 27.89
C VAL E 122 41.28 -22.44 27.80
N SER E 123 41.61 -22.83 26.57
CA SER E 123 42.24 -24.11 26.31
C SER E 123 43.43 -24.01 25.36
N LEU E 124 44.61 -24.25 25.92
CA LEU E 124 45.81 -24.49 25.12
C LEU E 124 45.73 -25.92 24.62
N GLN E 125 45.83 -26.07 23.32
CA GLN E 125 45.68 -27.37 22.68
C GLN E 125 46.84 -27.63 21.75
N VAL E 126 47.44 -28.81 21.92
CA VAL E 126 48.57 -29.26 21.10
C VAL E 126 48.20 -30.56 20.41
N VAL E 127 48.33 -30.60 19.09
CA VAL E 127 48.22 -31.86 18.33
C VAL E 127 49.59 -32.22 17.73
N ALA E 128 50.17 -33.29 18.24
CA ALA E 128 51.49 -33.75 17.82
C ALA E 128 51.37 -34.53 16.53
N GLU E 129 52.45 -34.49 15.75
CA GLU E 129 52.50 -35.11 14.40
C GLU E 129 52.03 -36.58 14.38
N ASN E 130 52.14 -37.24 15.53
CA ASN E 130 51.76 -38.66 15.70
C ASN E 130 50.29 -38.92 16.05
N GLY E 131 49.53 -37.85 16.25
CA GLY E 131 48.10 -37.95 16.57
C GLY E 131 47.73 -37.67 18.02
N LYS E 132 48.73 -37.72 18.90
CA LYS E 132 48.50 -37.53 20.34
C LYS E 132 48.12 -36.08 20.67
N VAL E 133 47.05 -35.96 21.45
CA VAL E 133 46.48 -34.65 21.83
C VAL E 133 46.82 -34.30 23.27
N PHE E 134 47.39 -33.11 23.46
CA PHE E 134 47.73 -32.62 24.79
C PHE E 134 47.08 -31.27 25.02
N LYS E 135 46.58 -31.05 26.23
CA LYS E 135 45.87 -29.81 26.55
C LYS E 135 46.18 -29.26 27.91
N ALA E 136 45.98 -27.95 28.04
CA ALA E 136 46.04 -27.29 29.34
C ALA E 136 44.95 -26.22 29.41
N ASN E 137 44.11 -26.31 30.43
CA ASN E 137 42.94 -25.45 30.54
C ASN E 137 42.99 -24.54 31.75
N GLN E 138 42.54 -23.31 31.54
CA GLN E 138 42.26 -22.41 32.65
C GLN E 138 40.86 -21.84 32.49
N GLU E 139 40.26 -21.49 33.61
CA GLU E 139 38.94 -20.93 33.60
C GLU E 139 39.05 -19.45 33.93
N PHE E 140 38.06 -18.71 33.45
CA PHE E 140 37.84 -17.36 33.91
C PHE E 140 36.35 -17.11 33.89
N VAL E 141 35.94 -16.04 34.56
CA VAL E 141 34.55 -15.65 34.60
C VAL E 141 34.37 -14.24 34.12
N LYS E 142 33.15 -13.95 33.68
CA LYS E 142 32.78 -12.63 33.18
C LYS E 142 31.43 -12.22 33.73
N GLY E 143 31.45 -11.18 34.57
CA GLY E 143 30.21 -10.60 35.16
C GLY E 143 29.61 -11.39 36.31
N VAL E 144 30.36 -12.38 36.78
CA VAL E 144 29.97 -13.19 37.95
C VAL E 144 31.24 -13.51 38.73
N ASP E 145 31.08 -13.98 39.96
CA ASP E 145 32.24 -14.26 40.82
C ASP E 145 32.90 -15.58 40.45
N LEU E 146 34.23 -15.65 40.59
CA LEU E 146 34.95 -16.88 40.27
C LEU E 146 34.50 -17.97 41.25
N ASN E 147 34.24 -19.16 40.71
CA ASN E 147 33.85 -20.33 41.53
C ASN E 147 32.50 -20.19 42.25
N SER E 148 31.70 -19.16 41.90
CA SER E 148 30.29 -19.05 42.37
C SER E 148 29.47 -20.12 41.65
N LEU E 149 28.42 -20.57 42.32
CA LEU E 149 27.53 -21.58 41.76
C LEU E 149 26.71 -20.87 40.70
N PRO E 150 26.51 -21.51 39.54
CA PRO E 150 25.59 -20.92 38.60
C PRO E 150 24.24 -20.69 39.24
N GLU E 151 23.61 -19.56 38.93
CA GLU E 151 22.28 -19.30 39.47
C GLU E 151 21.30 -18.66 38.51
N LEU E 152 20.04 -19.00 38.73
CA LEU E 152 18.89 -18.34 38.10
C LEU E 152 18.24 -17.45 39.16
N ASN E 153 18.90 -16.33 39.43
CA ASN E 153 18.33 -15.26 40.23
C ASN E 153 17.83 -15.76 41.60
N GLY E 154 18.77 -16.17 42.45
CA GLY E 154 18.45 -16.71 43.78
C GLY E 154 18.39 -18.23 43.82
N LEU E 155 17.94 -18.83 42.72
CA LEU E 155 17.93 -20.28 42.57
C LEU E 155 19.30 -20.79 42.15
N THR E 156 19.99 -21.41 43.09
CA THR E 156 21.37 -21.82 42.86
C THR E 156 21.44 -23.27 42.41
N ILE E 157 22.40 -23.56 41.55
CA ILE E 157 22.59 -24.90 40.97
C ILE E 157 23.95 -25.47 41.34
N ASP E 158 23.95 -26.65 41.97
CA ASP E 158 25.18 -27.29 42.46
C ASP E 158 25.29 -28.75 41.98
N ILE E 159 26.02 -28.92 40.88
CA ILE E 159 26.32 -30.25 40.35
C ILE E 159 27.81 -30.56 40.44
N LYS E 160 28.11 -31.72 40.98
CA LYS E 160 29.50 -32.14 41.28
C LYS E 160 29.74 -33.63 41.02
N ASN E 161 30.90 -33.91 40.43
CA ASN E 161 31.44 -35.27 40.35
C ASN E 161 31.74 -35.72 41.77
N GLN E 162 30.89 -36.58 42.30
CA GLN E 162 30.83 -36.88 43.73
C GLN E 162 32.13 -37.38 44.34
N PHE E 163 32.86 -38.21 43.61
CA PHE E 163 34.07 -38.86 44.15
C PHE E 163 35.35 -38.53 43.38
N GLY E 164 35.32 -37.49 42.57
CA GLY E 164 36.50 -37.09 41.80
C GLY E 164 36.98 -38.10 40.75
N ILE E 165 36.07 -38.94 40.28
CA ILE E 165 36.41 -39.95 39.29
C ILE E 165 36.44 -39.34 37.89
N ASN E 166 37.64 -39.18 37.35
CA ASN E 166 37.85 -38.42 36.11
C ASN E 166 37.93 -39.28 34.86
N SER E 167 37.96 -40.60 35.05
CA SER E 167 37.96 -41.53 33.95
C SER E 167 37.42 -42.90 34.32
N VAL E 168 37.04 -43.64 33.29
CA VAL E 168 36.66 -45.05 33.44
C VAL E 168 37.39 -45.91 32.41
N GLU E 169 37.59 -47.20 32.73
CA GLU E 169 38.29 -48.13 31.80
C GLU E 169 37.51 -48.36 30.54
N SER E 170 38.19 -48.94 29.56
CA SER E 170 37.54 -49.39 28.32
C SER E 170 36.39 -50.38 28.59
N THR E 171 36.54 -51.20 29.63
CA THR E 171 35.54 -52.22 30.01
C THR E 171 34.33 -51.65 30.74
N GLY E 172 34.38 -50.36 31.05
CA GLY E 172 33.24 -49.65 31.62
C GLY E 172 33.39 -49.21 33.07
N GLY E 173 32.46 -48.36 33.49
CA GLY E 173 32.49 -47.79 34.82
C GLY E 173 31.28 -46.92 35.12
N PHE E 174 31.07 -46.72 36.42
N PHE E 174 31.07 -46.72 36.42
CA PHE E 174 29.96 -45.93 36.90
CA PHE E 174 29.95 -45.92 36.91
C PHE E 174 30.48 -44.72 37.66
C PHE E 174 30.48 -44.71 37.65
N VAL E 175 30.02 -43.55 37.23
N VAL E 175 30.01 -43.55 37.23
CA VAL E 175 30.36 -42.29 37.88
CA VAL E 175 30.35 -42.29 37.87
C VAL E 175 29.09 -41.62 38.37
C VAL E 175 29.09 -41.62 38.37
N PRO E 176 28.97 -41.45 39.69
CA PRO E 176 27.85 -40.72 40.25
C PRO E 176 28.09 -39.21 40.37
N PHE E 177 27.01 -38.47 40.23
CA PHE E 177 27.00 -37.02 40.39
C PHE E 177 25.98 -36.54 41.41
N THR E 178 26.41 -35.65 42.30
CA THR E 178 25.49 -35.03 43.24
C THR E 178 24.82 -33.85 42.57
N VAL E 179 23.52 -33.73 42.81
CA VAL E 179 22.72 -32.66 42.25
C VAL E 179 21.98 -31.93 43.35
N ASP E 180 22.25 -30.64 43.47
CA ASP E 180 21.57 -29.80 44.44
C ASP E 180 21.09 -28.49 43.81
N LEU E 181 19.77 -28.37 43.74
CA LEU E 181 19.09 -27.15 43.25
C LEU E 181 18.42 -26.43 44.41
N ASN E 182 19.03 -25.34 44.85
CA ASN E 182 18.59 -24.62 46.04
C ASN E 182 17.87 -23.31 45.73
N ASN E 183 16.58 -23.26 46.05
CA ASN E 183 15.78 -22.06 45.88
C ASN E 183 15.98 -21.01 46.98
N GLY E 184 16.90 -20.08 46.74
CA GLY E 184 17.17 -18.97 47.68
C GLY E 184 16.18 -17.81 47.64
N ARG E 185 15.27 -17.87 46.66
CA ARG E 185 14.28 -16.82 46.46
C ARG E 185 13.24 -16.77 47.58
N GLU E 186 12.50 -15.67 47.63
CA GLU E 186 11.41 -15.49 48.59
C GLU E 186 10.12 -16.13 48.10
N GLY E 187 10.05 -16.40 46.79
CA GLY E 187 8.91 -17.10 46.19
C GLY E 187 9.26 -18.45 45.57
N GLU E 188 8.25 -19.20 45.17
CA GLU E 188 8.47 -20.49 44.50
C GLU E 188 9.13 -20.31 43.13
N ALA E 189 9.89 -21.32 42.75
CA ALA E 189 10.61 -21.34 41.47
C ALA E 189 10.13 -22.50 40.63
N ASN E 190 9.79 -22.19 39.39
CA ASN E 190 9.42 -23.21 38.39
C ASN E 190 10.55 -23.46 37.41
N VAL E 191 11.10 -24.67 37.47
CA VAL E 191 12.22 -25.05 36.62
C VAL E 191 12.05 -26.35 35.88
N GLU E 192 12.74 -26.42 34.76
CA GLU E 192 12.93 -27.68 34.05
C GLU E 192 14.42 -27.97 34.15
N PHE E 193 14.74 -29.25 34.30
CA PHE E 193 16.10 -29.67 34.56
C PHE E 193 16.44 -30.94 33.80
N TRP E 194 17.67 -31.01 33.30
CA TRP E 194 18.13 -32.21 32.61
C TRP E 194 19.65 -32.31 32.54
N MET E 195 20.08 -33.51 32.15
CA MET E 195 21.49 -33.80 32.02
C MET E 195 21.77 -34.68 30.82
N THR E 196 22.85 -34.34 30.12
CA THR E 196 23.36 -35.19 29.06
C THR E 196 24.85 -35.39 29.19
N ALA E 197 25.35 -36.39 28.46
CA ALA E 197 26.78 -36.59 28.29
C ALA E 197 27.13 -36.46 26.81
N VAL E 198 27.77 -35.36 26.47
CA VAL E 198 28.14 -35.10 25.09
C VAL E 198 29.51 -35.71 24.84
N GLY E 199 29.59 -36.62 23.88
CA GLY E 199 30.82 -37.40 23.69
C GLY E 199 31.22 -37.67 22.24
N PRO E 200 32.03 -38.71 22.03
CA PRO E 200 32.53 -39.00 20.70
C PRO E 200 31.45 -39.34 19.70
N ASP E 201 31.89 -39.46 18.44
CA ASP E 201 31.02 -39.87 17.31
C ASP E 201 29.66 -39.19 17.34
N GLY E 202 29.67 -37.91 17.70
CA GLY E 202 28.46 -37.08 17.77
C GLY E 202 27.43 -37.49 18.81
N LEU E 203 27.86 -38.27 19.81
CA LEU E 203 26.93 -38.83 20.80
C LEU E 203 26.47 -37.79 21.81
N ILE E 204 25.17 -37.77 22.04
CA ILE E 204 24.55 -36.99 23.12
C ILE E 204 23.75 -37.98 23.97
N ILE E 205 24.37 -38.42 25.06
CA ILE E 205 23.79 -39.50 25.88
C ILE E 205 22.94 -38.95 27.02
N PRO E 206 21.66 -39.35 27.07
CA PRO E 206 20.85 -38.92 28.20
C PRO E 206 21.42 -39.45 29.51
N VAL E 207 21.55 -38.53 30.45
CA VAL E 207 22.02 -38.82 31.79
C VAL E 207 20.88 -38.59 32.79
N ASN E 208 20.12 -37.54 32.53
CA ASN E 208 18.90 -37.28 33.27
C ASN E 208 17.83 -36.72 32.36
N ALA E 209 16.71 -37.44 32.32
CA ALA E 209 15.55 -37.03 31.50
C ALA E 209 15.06 -35.66 31.92
N ARG E 210 14.25 -35.05 31.07
CA ARG E 210 13.74 -33.73 31.38
C ARG E 210 12.70 -33.80 32.49
N GLU E 211 13.04 -33.15 33.60
CA GLU E 211 12.19 -33.07 34.78
C GLU E 211 11.68 -31.65 35.02
N LYS E 212 10.38 -31.54 35.27
CA LYS E 212 9.73 -30.27 35.63
C LYS E 212 9.51 -30.23 37.13
N TRP E 213 9.83 -29.09 37.74
CA TRP E 213 9.74 -28.97 39.18
C TRP E 213 9.23 -27.62 39.65
N VAL E 214 8.32 -27.71 40.62
CA VAL E 214 7.96 -26.57 41.46
C VAL E 214 8.76 -26.73 42.75
N ILE E 215 9.66 -25.80 42.99
CA ILE E 215 10.48 -25.80 44.20
C ILE E 215 10.06 -24.61 45.07
N ALA E 216 9.51 -24.95 46.23
CA ALA E 216 9.04 -23.92 47.15
C ALA E 216 10.18 -23.09 47.73
N SER E 217 9.83 -21.95 48.32
CA SER E 217 10.80 -21.01 48.88
C SER E 217 11.67 -21.63 49.98
N GLY E 218 12.98 -21.53 49.80
CA GLY E 218 13.97 -22.08 50.73
C GLY E 218 14.20 -23.59 50.62
N ASP E 219 13.40 -24.25 49.78
CA ASP E 219 13.48 -25.71 49.60
C ASP E 219 14.57 -26.13 48.64
N THR E 220 14.87 -27.42 48.65
CA THR E 220 15.95 -27.98 47.85
C THR E 220 15.54 -29.23 47.12
N TYR E 221 15.79 -29.25 45.81
CA TYR E 221 15.77 -30.50 45.04
C TYR E 221 17.15 -31.07 45.17
N SER E 222 17.24 -32.21 45.84
CA SER E 222 18.55 -32.78 46.14
C SER E 222 18.55 -34.27 45.87
N LYS E 223 19.54 -34.71 45.10
CA LYS E 223 19.67 -36.13 44.77
C LYS E 223 21.03 -36.51 44.22
N VAL E 224 21.21 -37.80 44.04
CA VAL E 224 22.40 -38.34 43.35
C VAL E 224 21.93 -38.96 42.06
N ARG E 225 22.72 -38.71 41.03
CA ARG E 225 22.41 -39.19 39.70
C ARG E 225 23.68 -39.60 39.02
N GLY E 226 23.74 -40.87 38.64
CA GLY E 226 24.93 -41.43 38.06
C GLY E 226 24.77 -41.77 36.60
N ILE E 227 25.90 -41.95 35.94
CA ILE E 227 25.93 -42.45 34.59
C ILE E 227 26.77 -43.70 34.55
N ASN E 228 26.19 -44.73 33.92
CA ASN E 228 26.91 -45.97 33.69
C ASN E 228 27.55 -45.95 32.32
N PHE E 229 28.87 -45.83 32.29
CA PHE E 229 29.61 -45.88 31.04
C PHE E 229 29.73 -47.33 30.64
N ASP E 230 28.80 -47.76 29.80
CA ASP E 230 28.76 -49.14 29.34
C ASP E 230 30.03 -49.49 28.56
N LYS E 231 30.48 -50.74 28.69
CA LYS E 231 31.65 -51.22 27.95
C LYS E 231 31.60 -50.80 26.47
N SER E 232 30.42 -50.87 25.88
CA SER E 232 30.24 -50.63 24.45
C SER E 232 30.39 -49.16 24.04
N TYR E 233 30.24 -48.24 24.98
CA TYR E 233 30.41 -46.80 24.68
C TYR E 233 31.83 -46.53 24.18
N PRO E 234 31.96 -45.68 23.16
CA PRO E 234 33.28 -45.49 22.55
C PRO E 234 34.26 -44.77 23.43
N ALA E 235 35.53 -45.08 23.21
CA ALA E 235 36.63 -44.41 23.88
C ALA E 235 36.63 -42.93 23.52
N GLY E 236 37.01 -42.13 24.49
CA GLY E 236 37.11 -40.69 24.27
C GLY E 236 36.63 -39.81 25.40
N GLU E 237 36.38 -38.55 25.07
CA GLU E 237 36.07 -37.51 26.04
C GLU E 237 34.57 -37.28 26.10
N TYR E 238 34.03 -37.46 27.31
CA TYR E 238 32.60 -37.21 27.58
C TYR E 238 32.43 -35.95 28.43
N THR E 239 31.62 -35.03 27.93
CA THR E 239 31.32 -33.78 28.65
C THR E 239 29.98 -33.93 29.34
N ILE E 240 30.03 -34.18 30.64
CA ILE E 240 28.82 -34.32 31.44
C ILE E 240 28.26 -32.92 31.66
N ASN E 241 27.05 -32.73 31.14
CA ASN E 241 26.45 -31.40 31.05
C ASN E 241 25.07 -31.37 31.67
N ALA E 242 24.89 -30.48 32.63
CA ALA E 242 23.61 -30.31 33.30
C ALA E 242 23.05 -28.94 33.01
N GLN E 243 21.76 -28.88 32.72
CA GLN E 243 21.12 -27.60 32.45
C GLN E 243 19.85 -27.41 33.23
N VAL E 244 19.62 -26.17 33.61
CA VAL E 244 18.39 -25.79 34.30
C VAL E 244 17.77 -24.54 33.69
N VAL E 245 16.51 -24.64 33.35
CA VAL E 245 15.73 -23.51 32.82
C VAL E 245 14.67 -23.05 33.79
N ASP E 246 14.65 -21.75 34.01
CA ASP E 246 13.54 -21.08 34.71
C ASP E 246 12.42 -20.93 33.70
N ILE E 247 11.31 -21.62 33.96
CA ILE E 247 10.18 -21.71 33.04
C ILE E 247 9.43 -20.38 32.87
N VAL E 248 9.54 -19.54 33.89
CA VAL E 248 8.88 -18.23 33.88
C VAL E 248 9.76 -17.18 33.17
N SER E 249 10.99 -17.00 33.65
CA SER E 249 11.89 -15.99 33.06
C SER E 249 12.42 -16.42 31.69
N GLY E 250 12.62 -17.72 31.52
CA GLY E 250 13.35 -18.26 30.36
C GLY E 250 14.87 -18.27 30.49
N GLU E 251 15.41 -17.74 31.59
CA GLU E 251 16.86 -17.83 31.87
C GLU E 251 17.28 -19.32 31.94
N ARG E 252 18.39 -19.62 31.31
CA ARG E 252 18.92 -20.96 31.32
C ARG E 252 20.34 -20.90 31.86
N VAL E 253 20.70 -21.92 32.61
CA VAL E 253 22.01 -21.94 33.20
C VAL E 253 22.55 -23.37 33.11
N GLU E 254 23.87 -23.48 33.06
CA GLU E 254 24.57 -24.74 32.78
C GLU E 254 25.64 -25.02 33.80
N GLN E 255 25.92 -26.30 34.00
CA GLN E 255 27.15 -26.72 34.67
C GLN E 255 27.69 -27.97 33.99
N SER E 256 29.01 -28.04 33.89
CA SER E 256 29.66 -29.10 33.14
C SER E 256 30.90 -29.67 33.82
N MET E 257 31.06 -30.98 33.59
CA MET E 257 32.20 -31.78 34.10
C MET E 257 32.63 -32.74 33.04
N THR E 258 33.91 -33.05 33.04
CA THR E 258 34.45 -33.90 31.98
C THR E 258 34.88 -35.26 32.54
N VAL E 259 34.51 -36.30 31.80
CA VAL E 259 34.89 -37.68 32.12
C VAL E 259 35.40 -38.33 30.84
N VAL E 260 36.55 -38.98 30.93
CA VAL E 260 37.13 -39.64 29.75
C VAL E 260 37.03 -41.16 29.88
N LYS E 261 36.56 -41.79 28.81
CA LYS E 261 36.59 -43.25 28.67
C LYS E 261 37.84 -43.68 27.93
N LYS E 262 38.70 -44.41 28.62
CA LYS E 262 39.95 -44.92 28.05
C LYS E 262 39.72 -46.06 27.05
N VAL F 30 26.08 -53.28 10.27
CA VAL F 30 25.46 -54.07 11.38
C VAL F 30 24.04 -53.58 11.66
N ILE F 31 23.88 -52.36 12.15
CA ILE F 31 22.55 -51.78 12.46
C ILE F 31 22.15 -50.71 11.45
N GLU F 32 20.86 -50.71 11.07
CA GLU F 32 20.31 -49.64 10.27
C GLU F 32 19.28 -48.82 11.06
N ALA F 33 19.56 -47.53 11.18
CA ALA F 33 18.72 -46.61 11.94
C ALA F 33 18.06 -45.55 11.07
N ASN F 34 16.76 -45.36 11.25
CA ASN F 34 16.05 -44.20 10.67
C ASN F 34 15.22 -43.45 11.68
N LEU F 35 14.92 -42.23 11.30
CA LEU F 35 14.17 -41.31 12.12
C LEU F 35 13.41 -40.36 11.20
N SER F 36 12.12 -40.20 11.48
CA SER F 36 11.33 -39.20 10.78
C SER F 36 10.47 -38.43 11.76
N LEU F 37 10.24 -37.16 11.44
CA LEU F 37 9.40 -36.28 12.25
C LEU F 37 8.04 -36.02 11.60
N ASN F 38 6.99 -36.05 12.42
CA ASN F 38 5.65 -35.71 11.97
C ASN F 38 5.53 -34.21 11.72
N GLN F 39 6.43 -33.42 12.28
CA GLN F 39 6.56 -32.02 11.87
C GLN F 39 7.93 -31.37 12.10
N ASN F 40 8.21 -30.38 11.26
CA ASN F 40 9.51 -29.70 11.14
C ASN F 40 9.50 -28.29 11.66
N GLN F 41 8.31 -27.78 11.89
CA GLN F 41 8.11 -26.33 11.99
C GLN F 41 7.25 -25.94 13.17
N LEU F 42 7.91 -25.40 14.20
CA LEU F 42 7.23 -24.98 15.41
C LEU F 42 7.25 -23.48 15.49
N ALA F 43 6.16 -22.92 16.01
CA ALA F 43 6.09 -21.50 16.26
C ALA F 43 6.83 -21.18 17.55
N SER F 44 7.06 -19.89 17.79
CA SER F 44 7.78 -19.40 18.98
C SER F 44 7.24 -19.97 20.30
N ASN F 45 5.91 -20.09 20.39
CA ASN F 45 5.23 -20.65 21.58
C ASN F 45 5.44 -22.16 21.75
N GLY F 46 6.30 -22.73 20.92
CA GLY F 46 6.70 -24.13 21.09
C GLY F 46 5.66 -25.08 20.57
N GLY F 47 5.88 -26.37 20.80
CA GLY F 47 4.90 -27.37 20.42
C GLY F 47 5.33 -28.80 20.63
N TYR F 48 4.50 -29.71 20.14
CA TYR F 48 4.73 -31.16 20.29
C TYR F 48 5.16 -31.75 18.97
N ILE F 49 6.14 -32.65 19.03
CA ILE F 49 6.65 -33.30 17.85
C ILE F 49 6.66 -34.79 18.08
N SER F 50 5.97 -35.50 17.22
CA SER F 50 5.92 -36.96 17.28
C SER F 50 6.88 -37.54 16.28
N SER F 51 7.73 -38.43 16.75
CA SER F 51 8.75 -39.03 15.90
C SER F 51 8.51 -40.53 15.74
N GLN F 52 9.07 -41.07 14.67
CA GLN F 52 9.06 -42.50 14.40
CA GLN F 52 9.05 -42.49 14.40
C GLN F 52 10.48 -43.02 14.31
N LEU F 53 10.84 -43.91 15.23
CA LEU F 53 12.17 -44.51 15.26
C LEU F 53 12.14 -45.90 14.66
N GLY F 54 13.09 -46.15 13.77
CA GLY F 54 13.27 -47.45 13.19
C GLY F 54 14.67 -47.95 13.42
N ILE F 55 14.79 -49.17 13.93
CA ILE F 55 16.08 -49.80 14.17
C ILE F 55 16.04 -51.23 13.66
N ARG F 56 16.85 -51.45 12.63
CA ARG F 56 16.88 -52.70 11.90
C ARG F 56 18.21 -53.44 12.05
N ASN F 57 18.14 -54.70 12.45
CA ASN F 57 19.29 -55.57 12.47
C ASN F 57 19.54 -56.18 11.08
N GLU F 58 20.51 -55.64 10.36
CA GLU F 58 20.90 -56.15 9.03
C GLU F 58 21.90 -57.31 9.10
N SER F 59 22.28 -57.69 10.31
CA SER F 59 23.30 -58.74 10.51
C SER F 59 22.70 -60.14 10.51
N CYS F 60 23.58 -61.14 10.43
CA CYS F 60 23.19 -62.55 10.38
C CYS F 60 23.06 -63.15 11.77
N GLU F 61 23.98 -62.78 12.65
CA GLU F 61 23.86 -63.13 14.06
C GLU F 61 22.86 -62.20 14.76
N THR F 62 22.50 -62.56 15.99
CA THR F 62 21.61 -61.73 16.82
C THR F 62 22.43 -60.59 17.44
N VAL F 63 21.85 -59.39 17.50
CA VAL F 63 22.58 -58.20 17.99
C VAL F 63 21.95 -57.51 19.22
N LYS F 64 22.81 -57.19 20.18
CA LYS F 64 22.46 -56.42 21.37
C LYS F 64 22.94 -54.98 21.22
N PHE F 65 22.13 -54.03 21.68
CA PHE F 65 22.47 -52.60 21.57
C PHE F 65 21.71 -51.71 22.53
N LYS F 66 22.27 -50.54 22.79
CA LYS F 66 21.55 -49.50 23.53
C LYS F 66 21.21 -48.37 22.59
N TYR F 67 20.07 -47.74 22.81
CA TYR F 67 19.68 -46.60 22.01
C TYR F 67 18.90 -45.55 22.78
N TRP F 68 18.83 -44.35 22.20
CA TRP F 68 18.15 -43.21 22.81
C TRP F 68 17.92 -42.07 21.81
N LEU F 69 17.14 -41.10 22.26
CA LEU F 69 16.75 -39.98 21.41
C LEU F 69 17.11 -38.66 22.08
N SER F 70 17.92 -37.87 21.38
CA SER F 70 18.50 -36.63 21.92
C SER F 70 18.33 -35.44 20.99
N ILE F 71 18.22 -34.26 21.59
CA ILE F 71 17.98 -33.02 20.87
C ILE F 71 19.16 -32.07 21.10
N LYS F 72 19.53 -31.38 20.04
CA LYS F 72 20.58 -30.36 20.12
C LYS F 72 20.08 -29.09 19.46
N GLY F 73 20.14 -28.00 20.19
CA GLY F 73 19.58 -26.73 19.74
C GLY F 73 20.55 -25.57 19.78
N PRO F 74 20.04 -24.35 19.61
CA PRO F 74 20.93 -23.20 19.65
C PRO F 74 21.40 -22.85 21.05
N GLU F 75 22.36 -21.93 21.11
CA GLU F 75 22.89 -21.43 22.39
C GLU F 75 23.42 -22.53 23.34
N GLY F 76 24.02 -23.56 22.76
CA GLY F 76 24.56 -24.68 23.53
C GLY F 76 23.50 -25.54 24.22
N ILE F 77 22.29 -25.55 23.66
CA ILE F 77 21.22 -26.39 24.20
C ILE F 77 21.44 -27.84 23.82
N TYR F 78 21.41 -28.70 24.81
CA TYR F 78 21.42 -30.14 24.61
C TYR F 78 20.44 -30.72 25.60
N PHE F 79 19.44 -31.45 25.10
CA PHE F 79 18.51 -32.14 26.02
C PHE F 79 18.01 -33.47 25.49
N PRO F 80 17.68 -34.39 26.39
CA PRO F 80 17.13 -35.66 25.95
C PRO F 80 15.68 -35.46 25.57
N ALA F 81 15.23 -36.18 24.54
CA ALA F 81 13.84 -36.11 24.12
C ALA F 81 12.94 -36.53 25.28
N LYS F 82 13.34 -37.62 25.93
CA LYS F 82 12.59 -38.21 27.03
C LYS F 82 12.39 -37.21 28.18
N ALA F 83 11.13 -37.11 28.62
CA ALA F 83 10.79 -36.34 29.79
C ALA F 83 10.03 -37.22 30.79
N VAL F 84 10.25 -36.93 32.08
CA VAL F 84 9.52 -37.59 33.17
C VAL F 84 8.92 -36.55 34.13
N VAL F 85 7.77 -36.86 34.71
CA VAL F 85 7.14 -35.94 35.69
C VAL F 85 7.79 -36.06 37.08
N GLY F 86 8.14 -37.29 37.44
CA GLY F 86 8.78 -37.53 38.72
C GLY F 86 10.29 -37.32 38.74
N VAL F 87 10.97 -38.26 39.40
CA VAL F 87 12.43 -38.24 39.50
C VAL F 87 12.96 -39.28 38.55
N ASP F 88 13.80 -38.85 37.62
CA ASP F 88 14.39 -39.79 36.68
C ASP F 88 15.36 -40.69 37.41
N THR F 89 15.03 -41.97 37.41
CA THR F 89 15.80 -42.97 38.15
C THR F 89 16.30 -44.12 37.27
N ALA F 90 15.79 -44.15 36.04
CA ALA F 90 16.11 -45.23 35.09
C ALA F 90 17.57 -45.22 34.66
N GLN F 91 18.07 -46.40 34.32
N GLN F 91 18.05 -46.41 34.31
CA GLN F 91 19.40 -46.54 33.71
CA GLN F 91 19.37 -46.59 33.72
C GLN F 91 19.23 -46.93 32.24
C GLN F 91 19.22 -46.92 32.24
N GLN F 92 20.27 -46.67 31.44
CA GLN F 92 20.21 -46.95 30.00
C GLN F 92 20.21 -48.47 29.73
N GLU F 93 19.02 -48.99 29.47
CA GLU F 93 18.86 -50.44 29.29
C GLU F 93 19.29 -50.89 27.89
N SER F 94 19.80 -52.13 27.85
CA SER F 94 20.14 -52.76 26.58
C SER F 94 18.89 -53.32 25.95
N ASP F 95 18.93 -53.37 24.63
CA ASP F 95 17.88 -54.00 23.85
C ASP F 95 18.51 -55.04 22.93
N ALA F 96 17.67 -55.80 22.23
CA ALA F 96 18.16 -56.84 21.32
C ALA F 96 17.26 -57.01 20.10
N LEU F 97 17.86 -57.49 19.01
CA LEU F 97 17.11 -57.80 17.79
C LEU F 97 17.53 -59.10 17.13
N THR F 98 16.52 -59.92 16.85
CA THR F 98 16.66 -61.14 16.04
C THR F 98 17.29 -60.83 14.67
N ASP F 99 17.95 -61.84 14.11
CA ASP F 99 18.53 -61.73 12.76
C ASP F 99 17.52 -61.20 11.76
N GLY F 100 17.91 -60.17 11.02
CA GLY F 100 17.04 -59.54 10.01
C GLY F 100 15.84 -58.76 10.57
N ARG F 101 15.69 -58.77 11.89
CA ARG F 101 14.54 -58.14 12.54
C ARG F 101 14.72 -56.64 12.77
N MET F 102 13.59 -55.94 12.81
CA MET F 102 13.56 -54.48 12.96
C MET F 102 12.71 -54.06 14.16
N LEU F 103 13.24 -53.11 14.91
CA LEU F 103 12.49 -52.45 15.99
C LEU F 103 11.79 -51.21 15.46
N ASN F 104 10.54 -51.03 15.86
CA ASN F 104 9.75 -49.86 15.47
C ASN F 104 9.07 -49.21 16.66
N VAL F 105 9.44 -47.95 16.90
CA VAL F 105 8.92 -47.22 18.05
C VAL F 105 8.43 -45.83 17.65
N THR F 106 7.28 -45.47 18.19
CA THR F 106 6.83 -44.09 18.17
C THR F 106 7.29 -43.44 19.46
N ARG F 107 7.82 -42.22 19.32
CA ARG F 107 8.34 -41.45 20.44
C ARG F 107 8.09 -40.00 20.18
N GLY F 108 7.41 -39.36 21.12
CA GLY F 108 7.11 -37.96 20.99
C GLY F 108 7.83 -37.18 22.06
N PHE F 109 7.93 -35.88 21.82
CA PHE F 109 8.52 -34.97 22.79
C PHE F 109 7.99 -33.57 22.65
N TRP F 110 7.94 -32.89 23.79
CA TRP F 110 7.57 -31.48 23.83
C TRP F 110 8.79 -30.65 23.60
N VAL F 111 8.59 -29.51 22.97
CA VAL F 111 9.61 -28.46 22.86
C VAL F 111 8.96 -27.18 23.36
N PRO F 112 9.14 -26.88 24.64
CA PRO F 112 8.38 -25.79 25.25
C PRO F 112 8.73 -24.40 24.76
N GLU F 113 7.80 -23.50 25.00
CA GLU F 113 7.90 -22.08 24.62
C GLU F 113 9.17 -21.42 25.10
N TYR F 114 9.60 -21.78 26.30
CA TYR F 114 10.79 -21.14 26.95
C TYR F 114 12.14 -21.52 26.32
N MET F 115 12.16 -22.58 25.53
CA MET F 115 13.36 -22.95 24.74
C MET F 115 13.64 -21.90 23.68
N ALA F 116 14.92 -21.69 23.40
CA ALA F 116 15.34 -20.67 22.42
C ALA F 116 14.76 -20.93 21.03
N ASP F 117 14.38 -19.86 20.37
CA ASP F 117 14.03 -19.93 18.95
C ASP F 117 15.28 -20.27 18.16
N GLY F 118 15.10 -20.98 17.04
CA GLY F 118 16.23 -21.30 16.14
C GLY F 118 16.19 -22.68 15.53
N LYS F 119 17.34 -23.12 15.01
CA LYS F 119 17.46 -24.44 14.39
C LYS F 119 17.83 -25.52 15.42
N TYR F 120 17.10 -26.63 15.36
CA TYR F 120 17.31 -27.77 16.23
C TYR F 120 17.59 -29.03 15.45
N THR F 121 18.37 -29.91 16.04
CA THR F 121 18.66 -31.23 15.46
C THR F 121 18.19 -32.31 16.42
N VAL F 122 17.32 -33.18 15.93
CA VAL F 122 16.93 -34.41 16.66
C VAL F 122 17.78 -35.54 16.17
N SER F 123 18.26 -36.35 17.10
CA SER F 123 19.19 -37.43 16.79
C SER F 123 18.85 -38.76 17.47
N LEU F 124 18.45 -39.71 16.63
CA LEU F 124 18.34 -41.11 17.05
C LEU F 124 19.73 -41.68 17.06
N GLN F 125 20.11 -42.25 18.19
CA GLN F 125 21.47 -42.75 18.38
C GLN F 125 21.44 -44.16 18.91
N VAL F 126 22.20 -45.02 18.25
CA VAL F 126 22.31 -46.45 18.60
C VAL F 126 23.75 -46.81 18.88
N VAL F 127 24.01 -47.37 20.05
CA VAL F 127 25.34 -47.91 20.36
C VAL F 127 25.23 -49.43 20.50
N ALA F 128 25.83 -50.11 19.54
CA ALA F 128 25.82 -51.57 19.52
C ALA F 128 26.86 -52.15 20.46
N GLU F 129 26.58 -53.36 20.94
CA GLU F 129 27.42 -54.06 21.93
C GLU F 129 28.91 -54.12 21.56
N ASN F 130 29.19 -54.03 20.27
CA ASN F 130 30.56 -54.09 19.73
C ASN F 130 31.30 -52.75 19.64
N GLY F 131 30.61 -51.67 19.99
CA GLY F 131 31.21 -50.32 19.98
C GLY F 131 30.80 -49.43 18.81
N LYS F 132 30.22 -50.04 17.78
CA LYS F 132 29.82 -49.31 16.58
C LYS F 132 28.62 -48.39 16.86
N VAL F 133 28.78 -47.14 16.43
CA VAL F 133 27.76 -46.10 16.63
C VAL F 133 26.99 -45.82 15.32
N PHE F 134 25.67 -45.89 15.41
CA PHE F 134 24.80 -45.60 14.28
C PHE F 134 23.84 -44.51 14.65
N LYS F 135 23.58 -43.61 13.71
CA LYS F 135 22.70 -42.47 13.97
C LYS F 135 21.76 -42.12 12.82
N ALA F 136 20.65 -41.49 13.17
CA ALA F 136 19.75 -40.91 12.19
C ALA F 136 19.25 -39.57 12.71
N ASN F 137 19.43 -38.53 11.91
CA ASN F 137 19.12 -37.16 12.33
C ASN F 137 18.00 -36.51 11.50
N GLN F 138 17.15 -35.77 12.17
CA GLN F 138 16.22 -34.85 11.52
C GLN F 138 16.32 -33.49 12.15
N GLU F 139 16.01 -32.48 11.35
CA GLU F 139 16.05 -31.11 11.82
C GLU F 139 14.64 -30.61 11.99
N PHE F 140 14.51 -29.62 12.85
CA PHE F 140 13.29 -28.85 12.92
C PHE F 140 13.68 -27.45 13.33
N VAL F 141 12.74 -26.53 13.18
CA VAL F 141 12.95 -25.15 13.57
C VAL F 141 11.86 -24.67 14.53
N LYS F 142 12.19 -23.61 15.25
CA LYS F 142 11.30 -23.01 16.23
C LYS F 142 11.33 -21.50 16.14
N GLY F 143 10.21 -20.91 15.71
CA GLY F 143 10.06 -19.44 15.62
C GLY F 143 10.73 -18.80 14.40
N VAL F 144 11.20 -19.63 13.49
CA VAL F 144 11.81 -19.20 12.22
C VAL F 144 11.43 -20.19 11.14
N ASP F 145 11.66 -19.82 9.89
CA ASP F 145 11.28 -20.68 8.75
C ASP F 145 12.28 -21.82 8.57
N LEU F 146 11.77 -22.99 8.14
CA LEU F 146 12.65 -24.13 7.87
C LEU F 146 13.63 -23.75 6.74
N ASN F 147 14.90 -24.06 6.94
CA ASN F 147 16.01 -23.78 5.97
C ASN F 147 16.30 -22.29 5.72
N SER F 148 15.72 -21.40 6.53
CA SER F 148 15.97 -19.96 6.40
C SER F 148 17.37 -19.63 6.89
N LEU F 149 17.95 -18.56 6.32
CA LEU F 149 19.30 -18.16 6.68
C LEU F 149 19.24 -17.50 8.03
N PRO F 150 20.20 -17.84 8.91
CA PRO F 150 20.25 -17.12 10.17
C PRO F 150 20.45 -15.64 9.92
N GLU F 151 19.78 -14.81 10.69
CA GLU F 151 19.98 -13.38 10.53
C GLU F 151 20.04 -12.59 11.81
N LEU F 152 20.81 -11.52 11.71
CA LEU F 152 20.85 -10.48 12.73
C LEU F 152 20.09 -9.29 12.14
N ASN F 153 18.77 -9.42 12.15
CA ASN F 153 17.88 -8.29 11.88
C ASN F 153 18.20 -7.56 10.57
N GLY F 154 17.98 -8.27 9.47
CA GLY F 154 18.29 -7.76 8.12
C GLY F 154 19.66 -8.18 7.59
N LEU F 155 20.62 -8.32 8.50
CA LEU F 155 21.94 -8.87 8.16
C LEU F 155 21.88 -10.39 8.11
N THR F 156 21.92 -10.92 6.91
CA THR F 156 21.76 -12.35 6.73
C THR F 156 23.14 -13.05 6.65
N ILE F 157 23.19 -14.28 7.18
CA ILE F 157 24.44 -15.06 7.25
C ILE F 157 24.29 -16.35 6.46
N ASP F 158 25.17 -16.53 5.48
CA ASP F 158 25.13 -17.70 4.57
C ASP F 158 26.46 -18.44 4.53
N ILE F 159 26.57 -19.48 5.36
CA ILE F 159 27.73 -20.35 5.37
C ILE F 159 27.36 -21.74 4.90
N LYS F 160 28.13 -22.22 3.93
CA LYS F 160 27.83 -23.50 3.28
C LYS F 160 29.10 -24.29 2.99
N ASN F 161 28.99 -25.60 3.22
CA ASN F 161 29.95 -26.56 2.69
C ASN F 161 29.88 -26.51 1.16
N GLN F 162 30.87 -25.87 0.56
CA GLN F 162 30.83 -25.45 -0.85
C GLN F 162 30.55 -26.57 -1.83
N PHE F 163 31.13 -27.74 -1.59
CA PHE F 163 31.03 -28.85 -2.56
C PHE F 163 30.37 -30.12 -2.01
N GLY F 164 29.63 -29.99 -0.92
CA GLY F 164 28.95 -31.14 -0.33
C GLY F 164 29.87 -32.26 0.18
N ILE F 165 31.09 -31.90 0.56
CA ILE F 165 32.06 -32.87 1.06
C ILE F 165 31.82 -33.14 2.55
N ASN F 166 31.30 -34.32 2.87
CA ASN F 166 30.82 -34.63 4.22
C ASN F 166 31.80 -35.43 5.06
N SER F 167 32.87 -35.87 4.42
CA SER F 167 33.94 -36.57 5.13
C SER F 167 35.28 -36.46 4.42
N VAL F 168 36.33 -36.72 5.19
CA VAL F 168 37.68 -36.82 4.66
C VAL F 168 38.34 -38.12 5.15
N GLU F 169 39.27 -38.64 4.35
CA GLU F 169 39.98 -39.89 4.71
C GLU F 169 40.94 -39.70 5.91
N SER F 170 41.36 -40.82 6.50
CA SER F 170 42.27 -40.81 7.66
C SER F 170 43.57 -40.07 7.33
N THR F 171 43.96 -40.15 6.06
CA THR F 171 45.20 -39.49 5.55
C THR F 171 45.06 -37.99 5.35
N GLY F 172 43.83 -37.49 5.49
CA GLY F 172 43.59 -36.05 5.42
C GLY F 172 42.77 -35.56 4.23
N GLY F 173 42.36 -34.31 4.34
CA GLY F 173 41.54 -33.70 3.30
C GLY F 173 41.23 -32.23 3.55
N PHE F 174 40.85 -31.54 2.49
CA PHE F 174 40.59 -30.12 2.53
C PHE F 174 39.15 -29.90 2.13
N VAL F 175 38.44 -29.20 3.00
CA VAL F 175 37.05 -28.84 2.78
C VAL F 175 36.91 -27.33 2.80
N PRO F 176 36.50 -26.74 1.68
CA PRO F 176 36.26 -25.32 1.64
C PRO F 176 34.82 -24.95 1.98
N PHE F 177 34.68 -23.79 2.59
CA PHE F 177 33.37 -23.24 2.94
C PHE F 177 33.17 -21.85 2.35
N THR F 178 32.01 -21.64 1.73
CA THR F 178 31.63 -20.31 1.27
C THR F 178 31.02 -19.53 2.42
N VAL F 179 31.43 -18.29 2.52
CA VAL F 179 30.94 -17.38 3.55
C VAL F 179 30.36 -16.14 2.90
N ASP F 180 29.06 -15.93 3.12
CA ASP F 180 28.37 -14.73 2.62
C ASP F 180 27.55 -14.06 3.72
N LEU F 181 28.02 -12.87 4.10
CA LEU F 181 27.35 -12.01 5.08
C LEU F 181 26.72 -10.83 4.34
N ASN F 182 25.41 -10.89 4.15
CA ASN F 182 24.69 -9.86 3.38
C ASN F 182 23.89 -8.87 4.24
N ASN F 183 24.30 -7.62 4.20
CA ASN F 183 23.63 -6.54 4.93
C ASN F 183 22.38 -6.01 4.21
N GLY F 184 21.23 -6.59 4.55
CA GLY F 184 19.92 -6.17 4.00
C GLY F 184 19.34 -4.90 4.62
N ARG F 185 19.98 -4.41 5.68
CA ARG F 185 19.52 -3.24 6.41
C ARG F 185 19.66 -1.95 5.60
N GLU F 186 18.99 -0.91 6.08
CA GLU F 186 19.07 0.42 5.49
C GLU F 186 20.29 1.19 5.99
N GLY F 187 20.84 0.73 7.11
CA GLY F 187 22.07 1.31 7.68
C GLY F 187 23.24 0.35 7.73
N GLU F 188 24.42 0.88 8.04
CA GLU F 188 25.62 0.04 8.18
C GLU F 188 25.50 -0.91 9.36
N ALA F 189 26.16 -2.06 9.22
CA ALA F 189 26.16 -3.10 10.25
C ALA F 189 27.58 -3.33 10.75
N ASN F 190 27.73 -3.31 12.07
CA ASN F 190 29.01 -3.62 12.72
C ASN F 190 28.99 -5.01 13.33
N VAL F 191 29.81 -5.88 12.77
CA VAL F 191 29.86 -7.27 13.22
C VAL F 191 31.26 -7.79 13.52
N GLU F 192 31.29 -8.76 14.44
CA GLU F 192 32.47 -9.58 14.65
C GLU F 192 32.10 -10.97 14.18
N PHE F 193 33.07 -11.63 13.55
CA PHE F 193 32.82 -12.92 12.89
C PHE F 193 33.97 -13.89 13.11
N TRP F 194 33.65 -15.16 13.31
CA TRP F 194 34.67 -16.20 13.50
C TRP F 194 34.16 -17.61 13.24
N MET F 195 35.10 -18.53 13.09
CA MET F 195 34.81 -19.92 12.82
C MET F 195 35.75 -20.84 13.61
N THR F 196 35.16 -21.91 14.15
CA THR F 196 35.92 -23.00 14.74
C THR F 196 35.43 -24.35 14.23
N ALA F 197 36.25 -25.36 14.47
CA ALA F 197 35.86 -26.78 14.26
C ALA F 197 35.94 -27.52 15.58
N VAL F 198 34.78 -27.83 16.14
CA VAL F 198 34.71 -28.50 17.41
C VAL F 198 34.73 -29.99 17.14
N GLY F 199 35.70 -30.69 17.71
CA GLY F 199 35.87 -32.13 17.39
C GLY F 199 36.25 -33.04 18.54
N PRO F 200 36.86 -34.20 18.22
CA PRO F 200 37.19 -35.17 19.25
C PRO F 200 38.20 -34.68 20.27
N ASP F 201 38.39 -35.49 21.29
CA ASP F 201 39.39 -35.25 22.36
C ASP F 201 39.39 -33.79 22.83
N GLY F 202 38.18 -33.23 22.95
CA GLY F 202 37.98 -31.86 23.41
C GLY F 202 38.54 -30.76 22.51
N LEU F 203 38.78 -31.09 21.25
CA LEU F 203 39.44 -30.15 20.33
C LEU F 203 38.51 -29.05 19.85
N ILE F 204 39.00 -27.82 19.91
CA ILE F 204 38.35 -26.65 19.32
C ILE F 204 39.35 -25.99 18.37
N ILE F 205 39.23 -26.32 17.09
CA ILE F 205 40.23 -25.93 16.11
C ILE F 205 39.83 -24.62 15.44
N PRO F 206 40.69 -23.58 15.55
CA PRO F 206 40.44 -22.36 14.78
C PRO F 206 40.37 -22.61 13.28
N VAL F 207 39.29 -22.10 12.69
CA VAL F 207 39.04 -22.20 11.26
C VAL F 207 39.09 -20.80 10.66
N ASN F 208 38.55 -19.83 11.40
CA ASN F 208 38.66 -18.42 11.05
C ASN F 208 38.82 -17.56 12.30
N ALA F 209 39.92 -16.81 12.32
CA ALA F 209 40.20 -15.91 13.43
C ALA F 209 39.11 -14.86 13.59
N ARG F 210 39.12 -14.19 14.72
CA ARG F 210 38.09 -13.18 14.97
C ARG F 210 38.34 -11.94 14.13
N GLU F 211 37.37 -11.67 13.25
CA GLU F 211 37.39 -10.52 12.37
C GLU F 211 36.29 -9.52 12.73
N LYS F 212 36.68 -8.25 12.78
CA LYS F 212 35.73 -7.13 12.96
C LYS F 212 35.44 -6.49 11.60
N TRP F 213 34.17 -6.20 11.34
CA TRP F 213 33.76 -5.64 10.05
C TRP F 213 32.68 -4.57 10.14
N VAL F 214 32.92 -3.50 9.39
CA VAL F 214 31.87 -2.53 9.07
C VAL F 214 31.39 -2.89 7.68
N ILE F 215 30.14 -3.30 7.60
CA ILE F 215 29.52 -3.64 6.31
C ILE F 215 28.45 -2.59 5.98
N ALA F 216 28.70 -1.86 4.91
CA ALA F 216 27.79 -0.79 4.48
C ALA F 216 26.45 -1.34 3.97
N SER F 217 25.47 -0.45 3.87
CA SER F 217 24.10 -0.80 3.50
C SER F 217 24.04 -1.44 2.11
N GLY F 218 23.44 -2.62 2.05
CA GLY F 218 23.30 -3.39 0.79
C GLY F 218 24.56 -4.14 0.34
N ASP F 219 25.67 -3.93 1.07
CA ASP F 219 26.97 -4.57 0.74
C ASP F 219 27.07 -6.00 1.27
N THR F 220 28.08 -6.70 0.77
CA THR F 220 28.32 -8.10 1.13
C THR F 220 29.78 -8.38 1.51
N TYR F 221 29.99 -8.99 2.66
CA TYR F 221 31.28 -9.62 2.97
C TYR F 221 31.17 -11.01 2.40
N SER F 222 31.97 -11.26 1.38
CA SER F 222 31.89 -12.53 0.69
C SER F 222 33.28 -13.11 0.48
N LYS F 223 33.43 -14.38 0.85
CA LYS F 223 34.70 -15.07 0.67
C LYS F 223 34.57 -16.58 0.76
N VAL F 224 35.68 -17.24 0.45
CA VAL F 224 35.83 -18.67 0.69
C VAL F 224 36.85 -18.88 1.79
N ARG F 225 36.54 -19.83 2.66
CA ARG F 225 37.39 -20.16 3.78
C ARG F 225 37.36 -21.65 4.01
N GLY F 226 38.53 -22.26 3.91
CA GLY F 226 38.66 -23.71 3.99
C GLY F 226 39.36 -24.16 5.24
N ILE F 227 39.17 -25.43 5.55
CA ILE F 227 39.90 -26.05 6.64
C ILE F 227 40.61 -27.27 6.08
N ASN F 228 41.89 -27.33 6.41
CA ASN F 228 42.66 -28.50 6.08
C ASN F 228 42.66 -29.48 7.25
N PHE F 229 41.99 -30.61 7.03
CA PHE F 229 42.03 -31.70 7.99
C PHE F 229 43.33 -32.46 7.85
N ASP F 230 44.30 -32.09 8.67
CA ASP F 230 45.62 -32.68 8.61
C ASP F 230 45.56 -34.17 8.95
N LYS F 231 46.41 -34.97 8.32
CA LYS F 231 46.50 -36.41 8.58
C LYS F 231 46.51 -36.70 10.08
N SER F 232 47.23 -35.87 10.83
CA SER F 232 47.41 -36.09 12.27
C SER F 232 46.16 -35.84 13.13
N TYR F 233 45.20 -35.08 12.60
CA TYR F 233 43.95 -34.82 13.34
C TYR F 233 43.22 -36.13 13.62
N PRO F 234 42.67 -36.28 14.83
CA PRO F 234 42.06 -37.56 15.19
C PRO F 234 40.79 -37.88 14.43
N ALA F 235 40.57 -39.18 14.28
CA ALA F 235 39.36 -39.69 13.66
C ALA F 235 38.16 -39.31 14.49
N GLY F 236 37.06 -39.05 13.80
CA GLY F 236 35.82 -38.66 14.48
C GLY F 236 35.04 -37.55 13.84
N GLU F 237 34.15 -36.98 14.64
CA GLU F 237 33.15 -36.01 14.16
C GLU F 237 33.60 -34.59 14.47
N TYR F 238 33.72 -33.80 13.41
CA TYR F 238 34.05 -32.37 13.52
C TYR F 238 32.83 -31.52 13.21
N THR F 239 32.51 -30.64 14.14
CA THR F 239 31.40 -29.69 13.97
C THR F 239 31.97 -28.34 13.54
N ILE F 240 31.87 -28.06 12.24
CA ILE F 240 32.30 -26.77 11.72
C ILE F 240 31.27 -25.71 12.09
N ASN F 241 31.73 -24.75 12.88
CA ASN F 241 30.86 -23.79 13.51
C ASN F 241 31.27 -22.35 13.21
N ALA F 242 30.34 -21.59 12.66
CA ALA F 242 30.57 -20.17 12.37
C ALA F 242 29.66 -19.32 13.21
N GLN F 243 30.22 -18.25 13.78
CA GLN F 243 29.42 -17.33 14.56
C GLN F 243 29.59 -15.88 14.13
N VAL F 244 28.49 -15.14 14.22
CA VAL F 244 28.49 -13.70 13.94
C VAL F 244 27.78 -12.93 15.04
N VAL F 245 28.47 -11.94 15.58
CA VAL F 245 27.91 -11.04 16.58
C VAL F 245 27.72 -9.64 16.01
N ASP F 246 26.53 -9.11 16.24
CA ASP F 246 26.25 -7.69 16.02
C ASP F 246 26.79 -6.94 17.22
N ILE F 247 27.79 -6.11 16.97
CA ILE F 247 28.54 -5.41 18.02
C ILE F 247 27.69 -4.36 18.75
N VAL F 248 26.68 -3.84 18.05
CA VAL F 248 25.78 -2.81 18.59
C VAL F 248 24.63 -3.43 19.39
N SER F 249 23.87 -4.33 18.77
CA SER F 249 22.75 -4.99 19.47
C SER F 249 23.19 -6.05 20.47
N GLY F 250 24.31 -6.72 20.18
CA GLY F 250 24.76 -7.86 20.96
C GLY F 250 24.13 -9.19 20.55
N GLU F 251 23.20 -9.16 19.60
CA GLU F 251 22.65 -10.41 19.05
C GLU F 251 23.77 -11.25 18.46
N ARG F 252 23.72 -12.54 18.72
CA ARG F 252 24.69 -13.47 18.16
C ARG F 252 23.95 -14.55 17.44
N VAL F 253 24.53 -15.00 16.34
CA VAL F 253 23.86 -15.97 15.53
C VAL F 253 24.92 -16.96 15.04
N GLU F 254 24.48 -18.17 14.78
CA GLU F 254 25.36 -19.30 14.49
C GLU F 254 24.94 -20.01 13.23
N GLN F 255 25.91 -20.60 12.57
CA GLN F 255 25.62 -21.65 11.59
C GLN F 255 26.64 -22.77 11.69
N SER F 256 26.17 -23.98 11.50
CA SER F 256 26.99 -25.15 11.72
C SER F 256 26.81 -26.23 10.67
N MET F 257 27.92 -26.90 10.40
CA MET F 257 28.01 -28.01 9.46
C MET F 257 28.91 -29.08 10.03
N THR F 258 28.62 -30.31 9.68
CA THR F 258 29.36 -31.42 10.26
C THR F 258 30.21 -32.12 9.21
N VAL F 259 31.44 -32.39 9.61
CA VAL F 259 32.40 -33.10 8.75
C VAL F 259 33.03 -34.18 9.61
N VAL F 260 33.06 -35.39 9.07
CA VAL F 260 33.65 -36.51 9.80
C VAL F 260 34.98 -36.94 9.18
N LYS F 261 35.97 -37.09 10.05
CA LYS F 261 37.26 -37.67 9.67
C LYS F 261 37.24 -39.18 9.96
N LYS F 262 37.34 -39.97 8.90
CA LYS F 262 37.37 -41.44 9.00
C LYS F 262 38.69 -41.96 9.57
N VAL G 30 -18.53 -19.33 11.03
CA VAL G 30 -19.42 -20.53 10.94
C VAL G 30 -18.61 -21.82 11.06
N ILE G 31 -17.74 -22.12 10.08
CA ILE G 31 -16.89 -23.33 10.11
C ILE G 31 -15.43 -22.99 10.40
N GLU G 32 -14.78 -23.84 11.21
CA GLU G 32 -13.34 -23.75 11.42
C GLU G 32 -12.62 -24.96 10.83
N ALA G 33 -11.70 -24.67 9.90
CA ALA G 33 -10.96 -25.70 9.19
C ALA G 33 -9.47 -25.67 9.49
N ASN G 34 -8.91 -26.83 9.81
CA ASN G 34 -7.44 -26.97 9.87
C ASN G 34 -6.92 -28.15 9.08
N LEU G 35 -5.64 -28.06 8.79
CA LEU G 35 -4.94 -29.05 8.01
C LEU G 35 -3.49 -29.08 8.46
N SER G 36 -2.99 -30.27 8.71
CA SER G 36 -1.56 -30.43 8.99
C SER G 36 -1.02 -31.62 8.21
N LEU G 37 0.24 -31.51 7.82
CA LEU G 37 0.96 -32.56 7.10
C LEU G 37 1.97 -33.30 8.00
N ASN G 38 2.01 -34.61 7.86
CA ASN G 38 2.98 -35.44 8.55
C ASN G 38 4.38 -35.27 7.92
N GLN G 39 4.43 -34.82 6.67
CA GLN G 39 5.67 -34.62 5.90
C GLN G 39 5.62 -33.35 5.00
N ASN G 40 6.68 -32.51 5.00
CA ASN G 40 6.78 -31.26 4.17
C ASN G 40 7.73 -31.40 3.00
N GLN G 41 8.51 -32.45 3.04
CA GLN G 41 9.74 -32.53 2.25
C GLN G 41 9.90 -33.86 1.54
N LEU G 42 9.66 -33.84 0.24
CA LEU G 42 9.75 -35.04 -0.58
C LEU G 42 10.95 -34.93 -1.49
N ALA G 43 11.60 -36.06 -1.71
CA ALA G 43 12.70 -36.12 -2.66
C ALA G 43 12.13 -36.20 -4.07
N SER G 44 13.01 -36.02 -5.05
CA SER G 44 12.63 -36.05 -6.48
C SER G 44 11.82 -37.29 -6.86
N ASN G 45 12.19 -38.43 -6.31
CA ASN G 45 11.50 -39.71 -6.56
C ASN G 45 10.09 -39.78 -5.93
N GLY G 46 9.63 -38.67 -5.39
CA GLY G 46 8.27 -38.56 -4.88
C GLY G 46 8.10 -39.22 -3.53
N GLY G 47 6.85 -39.30 -3.08
CA GLY G 47 6.57 -39.99 -1.84
C GLY G 47 5.13 -39.89 -1.37
N TYR G 48 4.90 -40.39 -0.17
CA TYR G 48 3.57 -40.42 0.44
C TYR G 48 3.48 -39.38 1.55
N ILE G 49 2.34 -38.70 1.59
CA ILE G 49 2.11 -37.66 2.59
C ILE G 49 0.77 -37.94 3.26
N SER G 50 0.81 -38.09 4.57
CA SER G 50 -0.39 -38.30 5.35
C SER G 50 -0.82 -37.01 5.99
N SER G 51 -2.08 -36.67 5.79
CA SER G 51 -2.60 -35.41 6.30
C SER G 51 -3.67 -35.66 7.35
N GLN G 52 -3.88 -34.65 8.18
CA GLN G 52 -4.93 -34.65 9.18
CA GLN G 52 -4.93 -34.68 9.17
C GLN G 52 -5.87 -33.47 8.95
N LEU G 53 -7.12 -33.78 8.65
CA LEU G 53 -8.14 -32.75 8.40
C LEU G 53 -9.02 -32.57 9.61
N GLY G 54 -9.21 -31.32 9.98
CA GLY G 54 -10.12 -30.98 11.05
C GLY G 54 -11.15 -29.99 10.57
N ILE G 55 -12.41 -30.30 10.83
CA ILE G 55 -13.53 -29.43 10.49
C ILE G 55 -14.49 -29.32 11.66
N ARG G 56 -14.53 -28.09 12.17
CA ARG G 56 -15.27 -27.78 13.39
C ARG G 56 -16.44 -26.83 13.14
N ASN G 57 -17.62 -27.24 13.58
CA ASN G 57 -18.79 -26.38 13.58
C ASN G 57 -18.79 -25.46 14.81
N GLU G 58 -18.40 -24.20 14.61
CA GLU G 58 -18.39 -23.20 15.69
C GLU G 58 -19.75 -22.52 15.89
N SER G 59 -20.72 -22.89 15.06
CA SER G 59 -22.04 -22.23 15.07
C SER G 59 -23.00 -22.90 16.06
N CYS G 60 -24.14 -22.23 16.29
CA CYS G 60 -25.12 -22.64 17.30
C CYS G 60 -26.16 -23.59 16.74
N GLU G 61 -26.61 -23.30 15.52
CA GLU G 61 -27.44 -24.22 14.76
C GLU G 61 -26.57 -25.34 14.16
N THR G 62 -27.25 -26.36 13.63
CA THR G 62 -26.57 -27.47 12.93
C THR G 62 -26.20 -27.02 11.52
N VAL G 63 -25.02 -27.42 11.05
CA VAL G 63 -24.52 -26.98 9.72
C VAL G 63 -24.23 -28.12 8.72
N LYS G 64 -24.70 -27.91 7.50
CA LYS G 64 -24.44 -28.81 6.37
C LYS G 64 -23.36 -28.19 5.46
N PHE G 65 -22.47 -29.03 4.94
CA PHE G 65 -21.38 -28.54 4.09
C PHE G 65 -20.76 -29.63 3.22
N LYS G 66 -20.12 -29.21 2.14
CA LYS G 66 -19.30 -30.11 1.34
C LYS G 66 -17.84 -29.76 1.53
N TYR G 67 -16.98 -30.77 1.48
CA TYR G 67 -15.55 -30.53 1.59
C TYR G 67 -14.71 -31.51 0.78
N TRP G 68 -13.47 -31.13 0.55
CA TRP G 68 -12.52 -31.93 -0.24
C TRP G 68 -11.07 -31.46 -0.06
N LEU G 69 -10.16 -32.25 -0.61
CA LEU G 69 -8.74 -31.99 -0.46
C LEU G 69 -8.06 -31.94 -1.83
N SER G 70 -7.42 -30.81 -2.10
CA SER G 70 -6.86 -30.52 -3.42
C SER G 70 -5.44 -30.02 -3.37
N ILE G 71 -4.68 -30.33 -4.40
CA ILE G 71 -3.27 -30.01 -4.50
C ILE G 71 -3.04 -29.07 -5.67
N LYS G 72 -2.17 -28.10 -5.47
CA LYS G 72 -1.76 -27.18 -6.53
C LYS G 72 -0.24 -27.11 -6.56
N GLY G 73 0.32 -27.36 -7.73
CA GLY G 73 1.79 -27.45 -7.87
C GLY G 73 2.34 -26.56 -8.95
N PRO G 74 3.62 -26.77 -9.31
CA PRO G 74 4.22 -25.95 -10.35
C PRO G 74 3.72 -26.30 -11.74
N GLU G 75 4.08 -25.47 -12.70
CA GLU G 75 3.76 -25.69 -14.12
C GLU G 75 2.26 -25.89 -14.40
N GLY G 76 1.42 -25.18 -13.66
CA GLY G 76 -0.02 -25.29 -13.80
C GLY G 76 -0.61 -26.62 -13.36
N ILE G 77 0.07 -27.31 -12.46
CA ILE G 77 -0.43 -28.56 -11.93
C ILE G 77 -1.55 -28.32 -10.93
N TYR G 78 -2.67 -28.97 -11.16
CA TYR G 78 -3.79 -28.99 -10.21
C TYR G 78 -4.28 -30.41 -10.18
N PHE G 79 -4.30 -31.03 -9.01
CA PHE G 79 -4.91 -32.36 -8.88
C PHE G 79 -5.60 -32.59 -7.55
N PRO G 80 -6.61 -33.46 -7.54
CA PRO G 80 -7.25 -33.81 -6.28
C PRO G 80 -6.37 -34.75 -5.51
N ALA G 81 -6.35 -34.62 -4.19
CA ALA G 81 -5.59 -35.52 -3.33
C ALA G 81 -6.08 -36.95 -3.54
N LYS G 82 -7.41 -37.10 -3.57
CA LYS G 82 -8.07 -38.39 -3.72
C LYS G 82 -7.66 -39.11 -5.01
N ALA G 83 -7.27 -40.37 -4.86
CA ALA G 83 -6.98 -41.24 -5.99
C ALA G 83 -7.84 -42.51 -5.90
N VAL G 84 -8.24 -43.01 -7.06
CA VAL G 84 -8.96 -44.29 -7.18
C VAL G 84 -8.30 -45.23 -8.20
N VAL G 85 -8.36 -46.53 -7.95
CA VAL G 85 -7.76 -47.51 -8.90
C VAL G 85 -8.69 -47.74 -10.09
N GLY G 86 -9.98 -47.77 -9.81
CA GLY G 86 -10.97 -48.00 -10.86
C GLY G 86 -11.38 -46.74 -11.63
N VAL G 87 -12.68 -46.64 -11.86
CA VAL G 87 -13.27 -45.51 -12.56
C VAL G 87 -13.93 -44.63 -11.51
N ASP G 88 -13.48 -43.38 -11.45
CA ASP G 88 -14.10 -42.46 -10.51
C ASP G 88 -15.51 -42.16 -10.94
N THR G 89 -16.44 -42.54 -10.07
CA THR G 89 -17.87 -42.41 -10.36
C THR G 89 -18.63 -41.60 -9.30
N ALA G 90 -17.95 -41.33 -8.19
CA ALA G 90 -18.56 -40.63 -7.06
C ALA G 90 -18.92 -39.18 -7.37
N GLN G 91 -19.90 -38.69 -6.64
CA GLN G 91 -20.27 -37.28 -6.67
C GLN G 91 -19.88 -36.64 -5.38
N GLN G 92 -19.77 -35.32 -5.37
CA GLN G 92 -19.40 -34.58 -4.16
C GLN G 92 -20.54 -34.59 -3.12
N GLU G 93 -20.42 -35.48 -2.15
CA GLU G 93 -21.46 -35.65 -1.13
C GLU G 93 -21.42 -34.55 -0.06
N SER G 94 -22.60 -34.22 0.44
CA SER G 94 -22.73 -33.29 1.57
C SER G 94 -22.46 -34.01 2.86
N ASP G 95 -21.97 -33.25 3.82
CA ASP G 95 -21.75 -33.74 5.17
C ASP G 95 -22.45 -32.79 6.14
N ALA G 96 -22.47 -33.17 7.41
CA ALA G 96 -23.12 -32.36 8.45
C ALA G 96 -22.42 -32.45 9.79
N LEU G 97 -22.59 -31.38 10.59
CA LEU G 97 -22.03 -31.35 11.95
C LEU G 97 -22.98 -30.75 12.96
N THR G 98 -23.15 -31.50 14.05
CA THR G 98 -23.87 -31.05 15.24
C THR G 98 -23.29 -29.75 15.79
N ASP G 99 -24.13 -28.98 16.47
CA ASP G 99 -23.69 -27.74 17.14
C ASP G 99 -22.45 -27.99 17.97
N GLY G 100 -21.43 -27.15 17.77
CA GLY G 100 -20.16 -27.26 18.50
C GLY G 100 -19.31 -28.48 18.16
N ARG G 101 -19.83 -29.34 17.28
CA ARG G 101 -19.20 -30.62 16.92
C ARG G 101 -18.10 -30.44 15.85
N MET G 102 -17.10 -31.33 15.92
CA MET G 102 -15.95 -31.28 15.03
C MET G 102 -15.77 -32.61 14.29
N LEU G 103 -15.50 -32.50 12.99
CA LEU G 103 -15.12 -33.65 12.17
C LEU G 103 -13.60 -33.82 12.15
N ASN G 104 -13.15 -35.06 12.29
CA ASN G 104 -11.72 -35.38 12.24
C ASN G 104 -11.41 -36.54 11.32
N VAL G 105 -10.61 -36.25 10.30
CA VAL G 105 -10.31 -37.25 9.27
C VAL G 105 -8.82 -37.30 8.99
N THR G 106 -8.30 -38.52 8.89
CA THR G 106 -6.98 -38.75 8.32
C THR G 106 -7.16 -39.02 6.83
N ARG G 107 -6.30 -38.40 6.04
CA ARG G 107 -6.34 -38.51 4.59
C ARG G 107 -4.94 -38.44 4.06
N GLY G 108 -4.57 -39.45 3.32
CA GLY G 108 -3.24 -39.49 2.75
C GLY G 108 -3.32 -39.41 1.26
N PHE G 109 -2.20 -39.06 0.65
CA PHE G 109 -2.07 -39.05 -0.79
C PHE G 109 -0.65 -39.28 -1.26
N TRP G 110 -0.55 -39.89 -2.43
CA TRP G 110 0.73 -40.07 -3.09
C TRP G 110 1.04 -38.87 -3.93
N VAL G 111 2.33 -38.57 -4.03
CA VAL G 111 2.85 -37.58 -4.95
C VAL G 111 3.94 -38.26 -5.75
N PRO G 112 3.58 -38.81 -6.91
CA PRO G 112 4.50 -39.66 -7.63
C PRO G 112 5.72 -38.97 -8.21
N GLU G 113 6.73 -39.79 -8.49
CA GLU G 113 8.01 -39.36 -9.05
C GLU G 113 7.87 -38.50 -10.30
N TYR G 114 6.90 -38.86 -11.15
CA TYR G 114 6.71 -38.19 -12.45
C TYR G 114 6.16 -36.76 -12.37
N MET G 115 5.60 -36.40 -11.21
CA MET G 115 5.17 -35.02 -10.95
C MET G 115 6.37 -34.09 -10.90
N ALA G 116 6.17 -32.85 -11.34
CA ALA G 116 7.26 -31.86 -11.39
C ALA G 116 7.84 -31.58 -10.02
N ASP G 117 9.16 -31.42 -9.99
CA ASP G 117 9.84 -30.92 -8.78
C ASP G 117 9.39 -29.49 -8.55
N GLY G 118 9.34 -29.08 -7.28
CA GLY G 118 9.04 -27.68 -6.93
C GLY G 118 8.19 -27.50 -5.69
N LYS G 119 7.60 -26.31 -5.56
CA LYS G 119 6.73 -25.99 -4.45
C LYS G 119 5.26 -26.36 -4.72
N TYR G 120 4.65 -27.02 -3.74
CA TYR G 120 3.26 -27.46 -3.83
C TYR G 120 2.46 -26.90 -2.68
N THR G 121 1.17 -26.69 -2.94
CA THR G 121 0.22 -26.24 -1.91
C THR G 121 -0.90 -27.26 -1.79
N VAL G 122 -1.07 -27.80 -0.58
CA VAL G 122 -2.23 -28.64 -0.27
C VAL G 122 -3.28 -27.77 0.36
N SER G 123 -4.53 -27.98 -0.05
CA SER G 123 -5.62 -27.15 0.39
C SER G 123 -6.88 -27.94 0.79
N LEU G 124 -7.16 -27.89 2.09
CA LEU G 124 -8.43 -28.35 2.62
C LEU G 124 -9.44 -27.26 2.36
N GLN G 125 -10.53 -27.63 1.71
CA GLN G 125 -11.54 -26.67 1.29
C GLN G 125 -12.91 -27.13 1.70
N VAL G 126 -13.63 -26.22 2.35
CA VAL G 126 -14.99 -26.46 2.84
C VAL G 126 -15.95 -25.45 2.23
N VAL G 127 -17.01 -25.95 1.60
CA VAL G 127 -18.09 -25.09 1.12
C VAL G 127 -19.37 -25.39 1.91
N ALA G 128 -19.75 -24.42 2.72
CA ALA G 128 -20.93 -24.55 3.57
C ALA G 128 -22.21 -24.27 2.79
N GLU G 129 -23.30 -24.88 3.24
CA GLU G 129 -24.60 -24.81 2.57
C GLU G 129 -25.06 -23.39 2.22
N ASN G 130 -24.55 -22.42 2.99
CA ASN G 130 -24.90 -21.00 2.83
C ASN G 130 -24.03 -20.21 1.82
N GLY G 131 -23.03 -20.87 1.27
CA GLY G 131 -22.15 -20.24 0.26
C GLY G 131 -20.77 -19.85 0.77
N LYS G 132 -20.62 -19.79 2.09
CA LYS G 132 -19.36 -19.39 2.70
C LYS G 132 -18.27 -20.45 2.50
N VAL G 133 -17.11 -19.98 2.04
CA VAL G 133 -15.96 -20.82 1.76
C VAL G 133 -14.89 -20.70 2.86
N PHE G 134 -14.48 -21.84 3.38
CA PHE G 134 -13.43 -21.90 4.39
C PHE G 134 -12.32 -22.80 3.92
N LYS G 135 -11.09 -22.41 4.19
CA LYS G 135 -9.92 -23.17 3.74
C LYS G 135 -8.80 -23.26 4.77
N ALA G 136 -8.00 -24.31 4.64
CA ALA G 136 -6.76 -24.45 5.40
C ALA G 136 -5.69 -25.03 4.49
N ASN G 137 -4.56 -24.33 4.39
CA ASN G 137 -3.50 -24.69 3.46
C ASN G 137 -2.19 -25.08 4.15
N GLN G 138 -1.53 -26.09 3.62
CA GLN G 138 -0.16 -26.39 3.97
C GLN G 138 0.66 -26.53 2.71
N GLU G 139 1.94 -26.25 2.84
CA GLU G 139 2.85 -26.35 1.72
C GLU G 139 3.72 -27.56 1.91
N PHE G 140 4.23 -28.06 0.80
CA PHE G 140 5.31 -29.02 0.82
C PHE G 140 6.14 -28.80 -0.42
N VAL G 141 7.31 -29.40 -0.43
CA VAL G 141 8.20 -29.32 -1.57
C VAL G 141 8.61 -30.70 -2.06
N LYS G 142 9.06 -30.73 -3.31
CA LYS G 142 9.49 -31.95 -3.96
C LYS G 142 10.75 -31.73 -4.77
N GLY G 143 11.84 -32.35 -4.32
CA GLY G 143 13.16 -32.29 -5.01
C GLY G 143 13.94 -30.99 -4.78
N VAL G 144 13.45 -30.17 -3.86
CA VAL G 144 14.10 -28.91 -3.46
C VAL G 144 13.88 -28.71 -1.97
N ASP G 145 14.63 -27.80 -1.38
CA ASP G 145 14.53 -27.56 0.08
C ASP G 145 13.29 -26.76 0.43
N LEU G 146 12.72 -27.04 1.60
CA LEU G 146 11.56 -26.28 2.07
C LEU G 146 11.97 -24.80 2.26
N ASN G 147 11.14 -23.90 1.74
CA ASN G 147 11.35 -22.42 1.83
C ASN G 147 12.57 -21.90 1.03
N SER G 148 13.18 -22.73 0.21
CA SER G 148 14.33 -22.31 -0.62
C SER G 148 13.87 -21.40 -1.73
N LEU G 149 14.75 -20.50 -2.16
CA LEU G 149 14.44 -19.56 -3.22
C LEU G 149 14.43 -20.30 -4.53
N PRO G 150 13.43 -20.02 -5.37
CA PRO G 150 13.47 -20.64 -6.69
C PRO G 150 14.71 -20.20 -7.41
N GLU G 151 15.33 -21.11 -8.15
CA GLU G 151 16.51 -20.72 -8.92
C GLU G 151 16.59 -21.30 -10.30
N LEU G 152 17.22 -20.52 -11.17
CA LEU G 152 17.64 -20.95 -12.48
C LEU G 152 19.16 -21.14 -12.41
N ASN G 153 19.55 -22.23 -11.78
CA ASN G 153 20.93 -22.71 -11.84
C ASN G 153 21.96 -21.65 -11.44
N GLY G 154 21.91 -21.28 -10.17
CA GLY G 154 22.80 -20.22 -9.64
C GLY G 154 22.14 -18.85 -9.59
N LEU G 155 21.28 -18.57 -10.57
CA LEU G 155 20.47 -17.35 -10.58
C LEU G 155 19.26 -17.51 -9.67
N THR G 156 19.32 -16.86 -8.53
CA THR G 156 18.27 -17.01 -7.53
C THR G 156 17.20 -15.91 -7.68
N ILE G 157 15.96 -16.27 -7.39
CA ILE G 157 14.80 -15.36 -7.52
C ILE G 157 14.14 -15.16 -6.17
N ASP G 158 14.08 -13.90 -5.74
CA ASP G 158 13.51 -13.55 -4.43
C ASP G 158 12.40 -12.50 -4.55
N ILE G 159 11.16 -12.97 -4.61
CA ILE G 159 10.00 -12.11 -4.61
C ILE G 159 9.19 -12.28 -3.34
N LYS G 160 8.90 -11.16 -2.71
CA LYS G 160 8.24 -11.15 -1.40
C LYS G 160 7.23 -10.03 -1.28
N ASN G 161 6.10 -10.36 -0.65
CA ASN G 161 5.15 -9.37 -0.14
C ASN G 161 5.86 -8.57 0.94
N GLN G 162 6.26 -7.36 0.59
CA GLN G 162 7.22 -6.56 1.38
C GLN G 162 6.81 -6.34 2.84
N PHE G 163 5.53 -6.11 3.07
CA PHE G 163 5.06 -5.76 4.42
C PHE G 163 4.05 -6.72 5.02
N GLY G 164 3.97 -7.93 4.48
CA GLY G 164 3.04 -8.93 4.99
C GLY G 164 1.55 -8.58 4.86
N ILE G 165 1.22 -7.74 3.87
CA ILE G 165 -0.16 -7.32 3.66
C ILE G 165 -0.91 -8.37 2.84
N ASN G 166 -1.82 -9.09 3.50
CA ASN G 166 -2.47 -10.27 2.90
C ASN G 166 -3.85 -10.02 2.35
N SER G 167 -4.36 -8.82 2.60
CA SER G 167 -5.64 -8.40 2.04
C SER G 167 -5.76 -6.88 1.91
N VAL G 168 -6.70 -6.48 1.08
CA VAL G 168 -7.07 -5.07 0.94
C VAL G 168 -8.59 -4.94 1.03
N GLU G 169 -9.05 -3.77 1.50
CA GLU G 169 -10.48 -3.49 1.64
C GLU G 169 -11.21 -3.36 0.27
N SER G 170 -12.53 -3.46 0.30
CA SER G 170 -13.36 -3.36 -0.92
C SER G 170 -13.12 -2.02 -1.63
N THR G 171 -12.80 -1.00 -0.85
CA THR G 171 -12.51 0.36 -1.38
C THR G 171 -11.13 0.51 -2.01
N GLY G 172 -10.30 -0.53 -1.89
CA GLY G 172 -9.00 -0.56 -2.54
C GLY G 172 -7.78 -0.53 -1.61
N GLY G 173 -6.64 -0.82 -2.21
CA GLY G 173 -5.38 -0.84 -1.47
C GLY G 173 -4.17 -1.09 -2.35
N PHE G 174 -3.01 -0.74 -1.80
CA PHE G 174 -1.76 -0.84 -2.52
C PHE G 174 -0.87 -1.80 -1.75
N VAL G 175 -0.40 -2.80 -2.47
CA VAL G 175 0.53 -3.79 -1.92
C VAL G 175 1.82 -3.76 -2.73
N PRO G 176 2.94 -3.41 -2.09
CA PRO G 176 4.23 -3.47 -2.75
C PRO G 176 4.93 -4.80 -2.59
N PHE G 177 5.68 -5.16 -3.63
CA PHE G 177 6.49 -6.37 -3.64
C PHE G 177 7.95 -6.08 -3.90
N THR G 178 8.82 -6.68 -3.10
CA THR G 178 10.27 -6.61 -3.35
C THR G 178 10.65 -7.67 -4.36
N VAL G 179 11.47 -7.27 -5.29
CA VAL G 179 11.98 -8.16 -6.33
C VAL G 179 13.49 -8.16 -6.31
N ASP G 180 14.06 -9.33 -6.04
CA ASP G 180 15.52 -9.51 -6.06
C ASP G 180 15.92 -10.72 -6.88
N LEU G 181 16.58 -10.44 -8.01
CA LEU G 181 17.12 -11.46 -8.91
C LEU G 181 18.65 -11.46 -8.77
N ASN G 182 19.17 -12.44 -8.06
CA ASN G 182 20.62 -12.50 -7.78
C ASN G 182 21.36 -13.55 -8.61
N ASN G 183 22.26 -13.07 -9.46
CA ASN G 183 23.10 -13.93 -10.30
C ASN G 183 24.31 -14.51 -9.55
N GLY G 184 24.14 -15.70 -8.98
CA GLY G 184 25.21 -16.42 -8.27
C GLY G 184 26.22 -17.12 -9.17
N ARG G 185 25.94 -17.15 -10.47
CA ARG G 185 26.76 -17.84 -11.45
C ARG G 185 28.10 -17.14 -11.65
N GLU G 186 29.02 -17.86 -12.28
CA GLU G 186 30.34 -17.33 -12.63
C GLU G 186 30.29 -16.54 -13.93
N GLY G 187 29.24 -16.76 -14.72
CA GLY G 187 29.02 -16.02 -15.98
C GLY G 187 27.75 -15.17 -15.98
N GLU G 188 27.61 -14.33 -16.99
CA GLU G 188 26.41 -13.49 -17.13
C GLU G 188 25.16 -14.35 -17.40
N ALA G 189 24.03 -13.84 -16.93
CA ALA G 189 22.73 -14.50 -17.08
C ALA G 189 21.79 -13.64 -17.90
N ASN G 190 21.20 -14.25 -18.92
CA ASN G 190 20.18 -13.58 -19.75
C ASN G 190 18.80 -14.08 -19.40
N VAL G 191 17.99 -13.17 -18.86
CA VAL G 191 16.64 -13.51 -18.42
C VAL G 191 15.56 -12.57 -18.94
N GLU G 192 14.36 -13.14 -19.06
CA GLU G 192 13.15 -12.36 -19.25
C GLU G 192 12.35 -12.54 -17.99
N PHE G 193 11.69 -11.46 -17.57
CA PHE G 193 11.01 -11.42 -16.27
C PHE G 193 9.68 -10.68 -16.38
N TRP G 194 8.67 -11.18 -15.68
CA TRP G 194 7.34 -10.54 -15.65
C TRP G 194 6.48 -10.96 -14.46
N MET G 195 5.43 -10.18 -14.24
CA MET G 195 4.51 -10.40 -13.15
C MET G 195 3.07 -10.16 -13.58
N THR G 196 2.19 -11.05 -13.14
CA THR G 196 0.74 -10.85 -13.27
C THR G 196 0.03 -11.10 -11.94
N ALA G 197 -1.21 -10.66 -11.88
CA ALA G 197 -2.14 -10.99 -10.78
C ALA G 197 -3.35 -11.74 -11.34
N VAL G 198 -3.38 -13.03 -11.08
CA VAL G 198 -4.45 -13.87 -11.59
C VAL G 198 -5.58 -13.86 -10.56
N GLY G 199 -6.76 -13.43 -10.98
CA GLY G 199 -7.86 -13.25 -10.03
C GLY G 199 -9.25 -13.66 -10.49
N PRO G 200 -10.30 -13.09 -9.87
CA PRO G 200 -11.68 -13.48 -10.21
C PRO G 200 -12.07 -13.18 -11.63
N ASP G 201 -13.25 -13.66 -11.99
CA ASP G 201 -13.87 -13.41 -13.30
C ASP G 201 -12.86 -13.54 -14.46
N GLY G 202 -12.00 -14.54 -14.34
CA GLY G 202 -10.99 -14.84 -15.36
C GLY G 202 -9.91 -13.78 -15.57
N LEU G 203 -9.75 -12.89 -14.59
CA LEU G 203 -8.84 -11.76 -14.74
C LEU G 203 -7.38 -12.17 -14.63
N ILE G 204 -6.58 -11.68 -15.56
CA ILE G 204 -5.12 -11.77 -15.51
C ILE G 204 -4.58 -10.34 -15.62
N ILE G 205 -4.25 -9.77 -14.47
CA ILE G 205 -3.89 -8.35 -14.41
C ILE G 205 -2.37 -8.17 -14.51
N PRO G 206 -1.89 -7.43 -15.52
CA PRO G 206 -0.47 -7.11 -15.55
C PRO G 206 -0.02 -6.34 -14.31
N VAL G 207 1.06 -6.85 -13.72
CA VAL G 207 1.67 -6.26 -12.54
C VAL G 207 3.07 -5.75 -12.91
N ASN G 208 3.76 -6.52 -13.76
CA ASN G 208 5.01 -6.10 -14.35
C ASN G 208 5.13 -6.57 -15.78
N ALA G 209 5.32 -5.62 -16.69
CA ALA G 209 5.49 -5.92 -18.10
C ALA G 209 6.71 -6.80 -18.34
N ARG G 210 6.79 -7.37 -19.53
CA ARG G 210 7.91 -8.27 -19.84
C ARG G 210 9.18 -7.48 -20.03
N GLU G 211 10.14 -7.75 -19.15
CA GLU G 211 11.46 -7.13 -19.17
C GLU G 211 12.54 -8.15 -19.54
N LYS G 212 13.43 -7.74 -20.45
CA LYS G 212 14.63 -8.52 -20.81
C LYS G 212 15.85 -7.93 -20.07
N TRP G 213 16.68 -8.81 -19.50
CA TRP G 213 17.85 -8.37 -18.73
C TRP G 213 19.09 -9.20 -18.92
N VAL G 214 20.20 -8.50 -19.09
CA VAL G 214 21.53 -9.09 -18.96
C VAL G 214 22.01 -8.73 -17.56
N ILE G 215 22.18 -9.76 -16.75
CA ILE G 215 22.68 -9.58 -15.39
C ILE G 215 24.08 -10.17 -15.28
N ALA G 216 25.05 -9.30 -15.03
CA ALA G 216 26.45 -9.71 -14.94
C ALA G 216 26.72 -10.58 -13.71
N SER G 217 27.87 -11.25 -13.73
CA SER G 217 28.25 -12.19 -12.68
C SER G 217 28.34 -11.52 -11.31
N GLY G 218 27.61 -12.10 -10.35
CA GLY G 218 27.56 -11.58 -8.97
C GLY G 218 26.67 -10.36 -8.75
N ASP G 219 26.12 -9.84 -9.86
CA ASP G 219 25.23 -8.66 -9.81
C ASP G 219 23.79 -8.99 -9.43
N THR G 220 23.03 -7.95 -9.11
CA THR G 220 21.64 -8.08 -8.68
C THR G 220 20.71 -7.12 -9.41
N TYR G 221 19.63 -7.65 -10.00
CA TYR G 221 18.49 -6.82 -10.41
C TYR G 221 17.63 -6.71 -9.17
N SER G 222 17.54 -5.51 -8.63
CA SER G 222 16.82 -5.31 -7.40
C SER G 222 15.89 -4.11 -7.50
N LYS G 223 14.64 -4.31 -7.12
CA LYS G 223 13.67 -3.24 -7.13
C LYS G 223 12.43 -3.53 -6.31
N VAL G 224 11.58 -2.51 -6.19
CA VAL G 224 10.25 -2.65 -5.61
C VAL G 224 9.22 -2.45 -6.71
N ARG G 225 8.20 -3.28 -6.67
CA ARG G 225 7.13 -3.24 -7.64
C ARG G 225 5.82 -3.53 -6.98
N GLY G 226 4.91 -2.57 -7.05
CA GLY G 226 3.64 -2.66 -6.35
C GLY G 226 2.47 -2.81 -7.27
N ILE G 227 1.37 -3.26 -6.70
CA ILE G 227 0.12 -3.34 -7.44
C ILE G 227 -0.90 -2.55 -6.66
N ASN G 228 -1.59 -1.69 -7.39
CA ASN G 228 -2.71 -0.98 -6.83
C ASN G 228 -3.99 -1.73 -7.11
N PHE G 229 -4.58 -2.26 -6.05
CA PHE G 229 -5.90 -2.88 -6.14
C PHE G 229 -6.97 -1.80 -6.15
N ASP G 230 -7.37 -1.42 -7.37
CA ASP G 230 -8.35 -0.35 -7.55
C ASP G 230 -9.68 -0.74 -6.93
N LYS G 231 -10.39 0.25 -6.39
CA LYS G 231 -11.74 0.05 -5.81
C LYS G 231 -12.62 -0.82 -6.73
N SER G 232 -12.52 -0.57 -8.03
CA SER G 232 -13.36 -1.24 -9.01
C SER G 232 -13.04 -2.73 -9.23
N TYR G 233 -11.83 -3.16 -8.87
CA TYR G 233 -11.45 -4.57 -9.03
C TYR G 233 -12.37 -5.45 -8.19
N PRO G 234 -12.80 -6.60 -8.73
CA PRO G 234 -13.77 -7.43 -8.02
C PRO G 234 -13.22 -8.07 -6.77
N ALA G 235 -14.15 -8.29 -5.84
CA ALA G 235 -13.85 -8.99 -4.60
C ALA G 235 -13.42 -10.41 -4.92
N GLY G 236 -12.50 -10.91 -4.11
CA GLY G 236 -12.00 -12.26 -4.28
C GLY G 236 -10.51 -12.45 -4.11
N GLU G 237 -10.05 -13.58 -4.63
CA GLU G 237 -8.68 -14.04 -4.40
C GLU G 237 -7.80 -13.71 -5.61
N TYR G 238 -6.74 -12.95 -5.34
CA TYR G 238 -5.74 -12.61 -6.35
C TYR G 238 -4.45 -13.34 -6.10
N THR G 239 -3.99 -14.05 -7.12
CA THR G 239 -2.71 -14.78 -7.06
C THR G 239 -1.64 -13.94 -7.76
N ILE G 240 -0.83 -13.28 -6.94
CA ILE G 240 0.28 -12.50 -7.47
C ILE G 240 1.39 -13.45 -7.90
N ASN G 241 1.69 -13.43 -9.20
CA ASN G 241 2.54 -14.42 -9.81
C ASN G 241 3.69 -13.78 -10.58
N ALA G 242 4.90 -14.15 -10.22
CA ALA G 242 6.11 -13.67 -10.90
C ALA G 242 6.81 -14.81 -11.61
N GLN G 243 7.24 -14.56 -12.83
CA GLN G 243 7.97 -15.57 -13.58
C GLN G 243 9.27 -15.04 -14.15
N VAL G 244 10.27 -15.93 -14.16
CA VAL G 244 11.56 -15.64 -14.77
C VAL G 244 12.00 -16.78 -15.69
N VAL G 245 12.32 -16.41 -16.91
CA VAL G 245 12.87 -17.35 -17.88
C VAL G 245 14.34 -17.05 -18.18
N ASP G 246 15.14 -18.10 -18.14
CA ASP G 246 16.50 -18.09 -18.66
C ASP G 246 16.40 -18.24 -20.17
N ILE G 247 16.81 -17.20 -20.87
CA ILE G 247 16.66 -17.11 -22.33
C ILE G 247 17.53 -18.12 -23.08
N VAL G 248 18.63 -18.52 -22.44
CA VAL G 248 19.60 -19.46 -23.03
C VAL G 248 19.20 -20.92 -22.77
N SER G 249 19.01 -21.28 -21.51
CA SER G 249 18.60 -22.64 -21.16
C SER G 249 17.12 -22.94 -21.46
N GLY G 250 16.27 -21.93 -21.36
CA GLY G 250 14.82 -22.09 -21.48
C GLY G 250 14.15 -22.50 -20.18
N GLU G 251 14.93 -22.73 -19.12
CA GLU G 251 14.34 -23.01 -17.81
C GLU G 251 13.49 -21.83 -17.38
N ARG G 252 12.32 -22.13 -16.83
CA ARG G 252 11.42 -21.11 -16.32
C ARG G 252 11.13 -21.42 -14.87
N VAL G 253 10.99 -20.37 -14.10
CA VAL G 253 10.79 -20.56 -12.68
C VAL G 253 9.78 -19.51 -12.24
N GLU G 254 9.06 -19.84 -11.17
CA GLU G 254 7.92 -19.05 -10.72
C GLU G 254 8.02 -18.76 -9.24
N GLN G 255 7.45 -17.65 -8.83
CA GLN G 255 7.10 -17.44 -7.44
C GLN G 255 5.75 -16.77 -7.31
N SER G 256 5.00 -17.17 -6.30
CA SER G 256 3.63 -16.74 -6.14
C SER G 256 3.26 -16.39 -4.71
N MET G 257 2.41 -15.38 -4.62
CA MET G 257 1.85 -14.88 -3.36
C MET G 257 0.40 -14.57 -3.55
N THR G 258 -0.37 -14.73 -2.48
CA THR G 258 -1.80 -14.56 -2.59
C THR G 258 -2.26 -13.32 -1.80
N VAL G 259 -3.12 -12.56 -2.45
CA VAL G 259 -3.70 -11.36 -1.86
C VAL G 259 -5.20 -11.43 -2.12
N VAL G 260 -5.98 -11.23 -1.07
CA VAL G 260 -7.45 -11.25 -1.21
C VAL G 260 -8.04 -9.84 -1.09
N LYS G 261 -8.90 -9.53 -2.04
CA LYS G 261 -9.72 -8.31 -1.99
C LYS G 261 -11.06 -8.63 -1.35
N LYS G 262 -11.30 -8.02 -0.19
CA LYS G 262 -12.57 -8.19 0.54
C LYS G 262 -13.74 -7.48 -0.14
N PRO H 29 -24.47 0.69 -17.76
CA PRO H 29 -23.08 0.84 -18.19
C PRO H 29 -22.51 -0.45 -18.79
N VAL H 30 -22.73 -0.62 -20.10
CA VAL H 30 -22.27 -1.81 -20.82
C VAL H 30 -21.19 -1.46 -21.86
N ILE H 31 -20.14 -2.25 -21.76
CA ILE H 31 -19.02 -2.25 -22.68
C ILE H 31 -19.08 -3.45 -23.61
N GLU H 32 -18.78 -3.22 -24.89
CA GLU H 32 -18.61 -4.31 -25.87
C GLU H 32 -17.16 -4.43 -26.30
N ALA H 33 -16.58 -5.61 -26.03
CA ALA H 33 -15.16 -5.88 -26.32
C ALA H 33 -14.98 -6.95 -27.38
N ASN H 34 -14.13 -6.67 -28.37
CA ASN H 34 -13.71 -7.69 -29.33
C ASN H 34 -12.21 -7.73 -29.49
N LEU H 35 -11.76 -8.86 -30.02
CA LEU H 35 -10.36 -9.13 -30.21
C LEU H 35 -10.24 -10.07 -31.38
N SER H 36 -9.34 -9.73 -32.30
CA SER H 36 -9.01 -10.64 -33.38
C SER H 36 -7.50 -10.69 -33.59
N LEU H 37 -7.02 -11.86 -34.01
CA LEU H 37 -5.59 -12.08 -34.27
C LEU H 37 -5.31 -12.16 -35.75
N ASN H 38 -4.20 -11.53 -36.16
CA ASN H 38 -3.73 -11.61 -37.55
C ASN H 38 -3.15 -13.00 -37.86
N GLN H 39 -2.79 -13.74 -36.81
CA GLN H 39 -2.50 -15.17 -36.99
C GLN H 39 -2.70 -16.03 -35.74
N ASN H 40 -2.97 -17.30 -36.01
CA ASN H 40 -3.36 -18.32 -35.03
CA ASN H 40 -3.36 -18.27 -34.99
C ASN H 40 -2.32 -19.37 -34.78
N GLN H 41 -1.31 -19.37 -35.64
CA GLN H 41 -0.49 -20.54 -35.82
C GLN H 41 0.99 -20.19 -35.87
N LEU H 42 1.68 -20.45 -34.77
CA LEU H 42 3.12 -20.20 -34.66
C LEU H 42 3.88 -21.50 -34.67
N ALA H 43 5.03 -21.49 -35.32
CA ALA H 43 5.92 -22.64 -35.28
C ALA H 43 6.69 -22.63 -33.95
N SER H 44 7.36 -23.74 -33.68
CA SER H 44 8.12 -23.91 -32.43
C SER H 44 9.09 -22.76 -32.13
N ASN H 45 9.71 -22.25 -33.18
CA ASN H 45 10.67 -21.11 -33.06
C ASN H 45 10.00 -19.77 -32.71
N GLY H 46 8.72 -19.82 -32.43
CA GLY H 46 7.98 -18.64 -31.98
C GLY H 46 7.64 -17.71 -33.12
N GLY H 47 7.12 -16.55 -32.78
CA GLY H 47 6.83 -15.53 -33.77
C GLY H 47 6.12 -14.30 -33.23
N TYR H 48 5.72 -13.45 -34.16
CA TYR H 48 5.03 -12.19 -33.85
C TYR H 48 3.56 -12.29 -34.20
N ILE H 49 2.72 -11.76 -33.32
CA ILE H 49 1.28 -11.80 -33.53
C ILE H 49 0.74 -10.39 -33.34
N SER H 50 0.09 -9.89 -34.38
CA SER H 50 -0.53 -8.58 -34.34
C SER H 50 -2.02 -8.74 -34.07
N SER H 51 -2.48 -8.04 -33.05
CA SER H 51 -3.88 -8.11 -32.66
C SER H 51 -4.61 -6.79 -32.90
N GLN H 52 -5.93 -6.89 -33.02
CA GLN H 52 -6.82 -5.72 -33.13
CA GLN H 52 -6.83 -5.74 -33.15
C GLN H 52 -7.81 -5.73 -31.98
N LEU H 53 -7.73 -4.70 -31.14
CA LEU H 53 -8.61 -4.55 -29.99
C LEU H 53 -9.71 -3.56 -30.30
N GLY H 54 -10.93 -3.95 -30.01
CA GLY H 54 -12.08 -3.07 -30.14
C GLY H 54 -12.79 -2.96 -28.80
N ILE H 55 -13.01 -1.73 -28.36
CA ILE H 55 -13.76 -1.46 -27.13
C ILE H 55 -14.81 -0.38 -27.41
N ARG H 56 -16.06 -0.80 -27.31
CA ARG H 56 -17.22 0.02 -27.64
C ARG H 56 -18.10 0.33 -26.43
N ASN H 57 -18.33 1.62 -26.21
CA ASN H 57 -19.27 2.07 -25.18
C ASN H 57 -20.69 2.04 -25.75
N GLU H 58 -21.44 1.00 -25.39
CA GLU H 58 -22.84 0.85 -25.82
C GLU H 58 -23.82 1.61 -24.90
N SER H 59 -23.29 2.27 -23.86
CA SER H 59 -24.11 2.95 -22.87
C SER H 59 -24.43 4.41 -23.26
N CYS H 60 -25.36 5.01 -22.52
CA CYS H 60 -25.92 6.34 -22.82
C CYS H 60 -25.12 7.47 -22.12
N GLU H 61 -24.74 7.23 -20.88
CA GLU H 61 -23.75 8.10 -20.22
C GLU H 61 -22.32 7.80 -20.69
N THR H 62 -21.39 8.65 -20.29
CA THR H 62 -19.97 8.47 -20.60
C THR H 62 -19.37 7.44 -19.62
N VAL H 63 -18.50 6.56 -20.10
CA VAL H 63 -17.95 5.47 -19.28
C VAL H 63 -16.41 5.49 -19.13
N LYS H 64 -15.97 5.32 -17.88
CA LYS H 64 -14.55 5.18 -17.55
C LYS H 64 -14.24 3.69 -17.27
N PHE H 65 -13.06 3.26 -17.72
CA PHE H 65 -12.67 1.85 -17.57
C PHE H 65 -11.16 1.65 -17.68
N LYS H 66 -10.69 0.54 -17.10
CA LYS H 66 -9.31 0.10 -17.31
C LYS H 66 -9.33 -1.12 -18.20
N TYR H 67 -8.32 -1.23 -19.04
CA TYR H 67 -8.19 -2.41 -19.88
C TYR H 67 -6.74 -2.82 -20.11
N TRP H 68 -6.56 -4.06 -20.53
CA TRP H 68 -5.23 -4.63 -20.80
C TRP H 68 -5.32 -5.90 -21.60
N LEU H 69 -4.15 -6.35 -22.07
CA LEU H 69 -4.06 -7.52 -22.92
C LEU H 69 -3.12 -8.53 -22.31
N SER H 70 -3.64 -9.72 -22.06
CA SER H 70 -2.92 -10.75 -21.31
C SER H 70 -2.96 -12.09 -22.02
N ILE H 71 -1.89 -12.84 -21.84
CA ILE H 71 -1.72 -14.15 -22.46
C ILE H 71 -1.68 -15.24 -21.39
N LYS H 72 -2.33 -16.36 -21.68
CA LYS H 72 -2.31 -17.53 -20.79
C LYS H 72 -1.96 -18.74 -21.61
N GLY H 73 -0.92 -19.44 -21.18
CA GLY H 73 -0.39 -20.56 -21.97
C GLY H 73 -0.28 -21.84 -21.16
N PRO H 74 0.41 -22.84 -21.72
CA PRO H 74 0.55 -24.10 -21.02
C PRO H 74 1.51 -24.01 -19.84
N GLU H 75 1.53 -25.06 -19.04
CA GLU H 75 2.45 -25.17 -17.92
C GLU H 75 2.38 -23.97 -16.95
N GLY H 76 1.19 -23.45 -16.75
CA GLY H 76 0.96 -22.35 -15.81
C GLY H 76 1.57 -21.03 -16.27
N ILE H 77 1.75 -20.90 -17.57
CA ILE H 77 2.28 -19.65 -18.11
C ILE H 77 1.19 -18.57 -18.10
N TYR H 78 1.52 -17.44 -17.52
CA TYR H 78 0.69 -16.25 -17.59
C TYR H 78 1.63 -15.09 -17.86
N PHE H 79 1.42 -14.36 -18.94
CA PHE H 79 2.22 -13.14 -19.18
C PHE H 79 1.44 -12.02 -19.86
N PRO H 80 1.83 -10.75 -19.57
CA PRO H 80 1.19 -9.65 -20.24
C PRO H 80 1.71 -9.51 -21.66
N ALA H 81 0.82 -9.15 -22.56
CA ALA H 81 1.20 -8.99 -23.96
C ALA H 81 2.28 -7.91 -24.04
N LYS H 82 2.04 -6.84 -23.29
CA LYS H 82 2.92 -5.67 -23.27
C LYS H 82 4.36 -6.01 -22.83
N ALA H 83 5.32 -5.52 -23.60
CA ALA H 83 6.75 -5.61 -23.23
C ALA H 83 7.39 -4.22 -23.21
N VAL H 84 8.37 -4.02 -22.32
CA VAL H 84 9.13 -2.75 -22.23
C VAL H 84 10.65 -2.98 -22.27
N VAL H 85 11.39 -2.05 -22.86
CA VAL H 85 12.87 -2.15 -22.92
C VAL H 85 13.53 -1.76 -21.60
N GLY H 86 12.97 -0.72 -20.99
CA GLY H 86 13.49 -0.24 -19.72
C GLY H 86 12.98 -0.97 -18.50
N VAL H 87 12.69 -0.20 -17.46
CA VAL H 87 12.16 -0.71 -16.21
C VAL H 87 10.67 -0.42 -16.19
N ASP H 88 9.86 -1.46 -16.08
CA ASP H 88 8.41 -1.25 -16.04
C ASP H 88 8.06 -0.57 -14.72
N THR H 89 7.52 0.63 -14.86
CA THR H 89 7.21 1.47 -13.70
C THR H 89 5.75 1.91 -13.68
N ALA H 90 5.06 1.69 -14.80
CA ALA H 90 3.68 2.15 -15.00
C ALA H 90 2.67 1.48 -14.07
N GLN H 91 1.62 2.22 -13.75
CA GLN H 91 0.48 1.65 -13.05
C GLN H 91 -0.65 1.54 -14.05
N GLN H 92 -1.66 0.74 -13.72
CA GLN H 92 -2.79 0.53 -14.65
C GLN H 92 -3.70 1.79 -14.78
N GLU H 93 -3.51 2.54 -15.86
CA GLU H 93 -4.23 3.82 -16.05
C GLU H 93 -5.67 3.57 -16.48
N SER H 94 -6.54 4.47 -16.07
CA SER H 94 -7.93 4.47 -16.54
C SER H 94 -8.02 5.10 -17.92
N ASP H 95 -9.02 4.66 -18.65
CA ASP H 95 -9.39 5.25 -19.96
C ASP H 95 -10.86 5.65 -19.94
N ALA H 96 -11.31 6.31 -21.01
CA ALA H 96 -12.71 6.72 -21.10
C ALA H 96 -13.25 6.67 -22.53
N LEU H 97 -14.58 6.53 -22.62
CA LEU H 97 -15.28 6.60 -23.92
C LEU H 97 -16.58 7.40 -23.88
N THR H 98 -16.67 8.31 -24.84
CA THR H 98 -17.89 9.04 -25.15
C THR H 98 -19.09 8.11 -25.39
N ASP H 99 -20.30 8.61 -25.12
CA ASP H 99 -21.54 7.86 -25.39
C ASP H 99 -21.53 7.33 -26.83
N GLY H 100 -21.79 6.02 -26.96
CA GLY H 100 -21.83 5.37 -28.27
C GLY H 100 -20.49 5.23 -28.97
N ARG H 101 -19.43 5.76 -28.36
CA ARG H 101 -18.10 5.76 -28.98
C ARG H 101 -17.34 4.46 -28.77
N MET H 102 -16.46 4.19 -29.71
CA MET H 102 -15.67 2.96 -29.72
C MET H 102 -14.18 3.28 -29.76
N LEU H 103 -13.41 2.55 -28.95
CA LEU H 103 -11.95 2.59 -28.99
C LEU H 103 -11.43 1.51 -29.93
N ASN H 104 -10.46 1.88 -30.77
CA ASN H 104 -9.84 0.93 -31.70
C ASN H 104 -8.32 0.99 -31.63
N VAL H 105 -7.72 -0.13 -31.23
CA VAL H 105 -6.27 -0.19 -31.03
C VAL H 105 -5.67 -1.41 -31.70
N THR H 106 -4.56 -1.17 -32.38
CA THR H 106 -3.71 -2.26 -32.83
C THR H 106 -2.67 -2.49 -31.75
N ARG H 107 -2.45 -3.75 -31.44
CA ARG H 107 -1.50 -4.16 -30.39
C ARG H 107 -0.86 -5.45 -30.81
N GLY H 108 0.46 -5.44 -30.89
CA GLY H 108 1.19 -6.62 -31.25
C GLY H 108 2.04 -7.10 -30.11
N PHE H 109 2.42 -8.37 -30.18
CA PHE H 109 3.27 -8.97 -29.18
C PHE H 109 4.10 -10.10 -29.77
N TRP H 110 5.28 -10.25 -29.20
CA TRP H 110 6.15 -11.37 -29.51
C TRP H 110 5.80 -12.56 -28.64
N VAL H 111 5.95 -13.74 -29.21
CA VAL H 111 5.86 -15.00 -28.46
C VAL H 111 7.15 -15.74 -28.76
N PRO H 112 8.16 -15.57 -27.90
CA PRO H 112 9.47 -16.09 -28.23
C PRO H 112 9.60 -17.60 -28.24
N GLU H 113 10.64 -18.04 -28.93
CA GLU H 113 10.99 -19.45 -29.10
C GLU H 113 11.03 -20.24 -27.77
N TYR H 114 11.55 -19.59 -26.73
CA TYR H 114 11.75 -20.24 -25.41
C TYR H 114 10.47 -20.52 -24.62
N MET H 115 9.38 -19.89 -25.04
CA MET H 115 8.04 -20.21 -24.47
C MET H 115 7.60 -21.61 -24.86
N ALA H 116 6.87 -22.26 -23.97
CA ALA H 116 6.45 -23.65 -24.19
C ALA H 116 5.58 -23.78 -25.43
N ASP H 117 5.79 -24.87 -26.16
CA ASP H 117 4.87 -25.26 -27.23
C ASP H 117 3.52 -25.62 -26.62
N GLY H 118 2.45 -25.37 -27.36
CA GLY H 118 1.10 -25.74 -26.93
C GLY H 118 0.01 -24.73 -27.27
N LYS H 119 -1.13 -24.88 -26.58
CA LYS H 119 -2.29 -24.00 -26.78
C LYS H 119 -2.21 -22.76 -25.88
N TYR H 120 -2.40 -21.60 -26.48
CA TYR H 120 -2.38 -20.32 -25.77
C TYR H 120 -3.71 -19.59 -25.94
N THR H 121 -4.06 -18.83 -24.92
CA THR H 121 -5.25 -17.99 -24.94
C THR H 121 -4.83 -16.54 -24.77
N VAL H 122 -5.16 -15.71 -25.75
CA VAL H 122 -5.01 -14.24 -25.64
C VAL H 122 -6.33 -13.69 -25.16
N SER H 123 -6.25 -12.78 -24.21
CA SER H 123 -7.44 -12.23 -23.57
C SER H 123 -7.40 -10.71 -23.44
N LEU H 124 -8.28 -10.08 -24.21
CA LEU H 124 -8.59 -8.66 -24.00
C LEU H 124 -9.53 -8.57 -22.82
N GLN H 125 -9.15 -7.78 -21.84
CA GLN H 125 -9.91 -7.67 -20.60
C GLN H 125 -10.16 -6.23 -20.28
N VAL H 126 -11.43 -5.94 -19.98
CA VAL H 126 -11.89 -4.60 -19.62
C VAL H 126 -12.54 -4.63 -18.24
N VAL H 127 -12.06 -3.79 -17.34
CA VAL H 127 -12.72 -3.58 -16.05
C VAL H 127 -13.30 -2.15 -15.99
N ALA H 128 -14.61 -2.08 -15.99
CA ALA H 128 -15.31 -0.79 -16.00
C ALA H 128 -15.37 -0.23 -14.59
N GLU H 129 -15.43 1.09 -14.50
CA GLU H 129 -15.40 1.83 -13.21
C GLU H 129 -16.42 1.32 -12.18
N ASN H 130 -17.50 0.70 -12.68
CA ASN H 130 -18.58 0.15 -11.84
C ASN H 130 -18.38 -1.29 -11.33
N GLY H 131 -17.29 -1.92 -11.76
CA GLY H 131 -16.97 -3.30 -11.32
C GLY H 131 -17.22 -4.38 -12.36
N LYS H 132 -18.01 -4.05 -13.38
CA LYS H 132 -18.35 -5.04 -14.42
C LYS H 132 -17.15 -5.40 -15.31
N VAL H 133 -16.96 -6.70 -15.47
CA VAL H 133 -15.83 -7.24 -16.25
C VAL H 133 -16.28 -7.73 -17.62
N PHE H 134 -15.60 -7.26 -18.65
CA PHE H 134 -15.88 -7.68 -20.01
C PHE H 134 -14.62 -8.21 -20.66
N LYS H 135 -14.76 -9.28 -21.44
CA LYS H 135 -13.61 -9.92 -22.07
C LYS H 135 -13.85 -10.37 -23.48
N ALA H 136 -12.75 -10.48 -24.23
CA ALA H 136 -12.78 -11.10 -25.56
C ALA H 136 -11.51 -11.92 -25.74
N ASN H 137 -11.69 -13.20 -26.08
CA ASN H 137 -10.58 -14.14 -26.13
C ASN H 137 -10.35 -14.70 -27.52
N GLN H 138 -9.09 -14.83 -27.88
CA GLN H 138 -8.71 -15.61 -29.05
C GLN H 138 -7.65 -16.61 -28.66
N GLU H 139 -7.60 -17.70 -29.40
CA GLU H 139 -6.63 -18.73 -29.16
C GLU H 139 -5.59 -18.69 -30.26
N PHE H 140 -4.41 -19.17 -29.93
CA PHE H 140 -3.42 -19.48 -30.93
C PHE H 140 -2.63 -20.67 -30.41
N VAL H 141 -1.88 -21.28 -31.32
CA VAL H 141 -1.05 -22.41 -30.97
C VAL H 141 0.39 -22.14 -31.34
N LYS H 142 1.27 -22.87 -30.67
CA LYS H 142 2.71 -22.79 -30.90
C LYS H 142 3.33 -24.18 -30.97
N GLY H 143 3.81 -24.54 -32.15
CA GLY H 143 4.52 -25.83 -32.37
C GLY H 143 3.63 -27.04 -32.49
N VAL H 144 2.32 -26.79 -32.58
CA VAL H 144 1.32 -27.84 -32.80
C VAL H 144 0.24 -27.27 -33.71
N ASP H 145 -0.60 -28.12 -34.25
CA ASP H 145 -1.64 -27.70 -35.19
C ASP H 145 -2.81 -27.07 -34.47
N LEU H 146 -3.42 -26.08 -35.10
CA LEU H 146 -4.54 -25.42 -34.49
C LEU H 146 -5.67 -26.37 -34.28
N ASN H 147 -5.90 -27.30 -35.21
CA ASN H 147 -7.07 -28.17 -35.07
C ASN H 147 -6.91 -29.31 -34.07
N SER H 148 -5.68 -29.51 -33.60
CA SER H 148 -5.29 -30.82 -33.07
C SER H 148 -5.70 -31.05 -31.59
N LEU H 149 -5.97 -32.30 -31.26
CA LEU H 149 -6.25 -32.72 -29.86
C LEU H 149 -4.91 -32.72 -29.14
N PRO H 150 -4.89 -32.31 -27.86
CA PRO H 150 -3.64 -32.49 -27.12
C PRO H 150 -3.21 -33.95 -27.14
N GLU H 151 -1.91 -34.18 -27.28
CA GLU H 151 -1.42 -35.56 -27.26
C GLU H 151 -0.11 -35.78 -26.51
N LEU H 152 -0.01 -36.97 -25.94
CA LEU H 152 1.23 -37.50 -25.38
C LEU H 152 1.76 -38.53 -26.36
N ASN H 153 2.32 -38.04 -27.45
CA ASN H 153 3.08 -38.85 -28.38
C ASN H 153 2.30 -40.08 -28.87
N GLY H 154 1.25 -39.82 -29.64
CA GLY H 154 0.37 -40.87 -30.16
C GLY H 154 -0.88 -41.09 -29.32
N LEU H 155 -0.73 -40.91 -28.02
CA LEU H 155 -1.88 -40.97 -27.09
C LEU H 155 -2.64 -39.65 -27.09
N THR H 156 -3.81 -39.67 -27.70
CA THR H 156 -4.56 -38.44 -27.89
C THR H 156 -5.60 -38.27 -26.79
N ILE H 157 -5.84 -37.02 -26.42
CA ILE H 157 -6.77 -36.67 -25.33
C ILE H 157 -7.93 -35.80 -25.84
N ASP H 158 -9.15 -36.28 -25.63
CA ASP H 158 -10.37 -35.58 -26.14
C ASP H 158 -11.40 -35.37 -25.04
N ILE H 159 -11.36 -34.18 -24.46
CA ILE H 159 -12.35 -33.75 -23.47
C ILE H 159 -13.21 -32.60 -23.98
N LYS H 160 -14.51 -32.78 -23.84
CA LYS H 160 -15.50 -31.84 -24.40
C LYS H 160 -16.71 -31.64 -23.49
N ASN H 161 -17.14 -30.38 -23.39
CA ASN H 161 -18.43 -30.02 -22.79
C ASN H 161 -19.53 -30.60 -23.69
N GLN H 162 -20.13 -31.68 -23.22
CA GLN H 162 -20.94 -32.57 -24.06
C GLN H 162 -22.10 -31.87 -24.77
N PHE H 163 -22.76 -30.95 -24.08
CA PHE H 163 -23.97 -30.32 -24.63
C PHE H 163 -23.87 -28.80 -24.79
N GLY H 164 -22.66 -28.26 -24.79
CA GLY H 164 -22.45 -26.83 -24.95
C GLY H 164 -23.02 -25.96 -23.85
N ILE H 165 -23.16 -26.52 -22.66
CA ILE H 165 -23.72 -25.79 -21.52
C ILE H 165 -22.64 -24.92 -20.88
N ASN H 166 -22.74 -23.61 -21.09
CA ASN H 166 -21.67 -22.67 -20.71
C ASN H 166 -21.90 -21.98 -19.38
N SER H 167 -23.08 -22.18 -18.80
CA SER H 167 -23.37 -21.66 -17.48
C SER H 167 -24.45 -22.45 -16.75
N VAL H 168 -24.49 -22.25 -15.44
CA VAL H 168 -25.56 -22.79 -14.61
C VAL H 168 -26.12 -21.70 -13.69
N GLU H 169 -27.39 -21.84 -13.30
CA GLU H 169 -28.03 -20.83 -12.41
C GLU H 169 -27.41 -20.79 -11.03
N SER H 170 -27.73 -19.74 -10.31
CA SER H 170 -27.32 -19.62 -8.90
C SER H 170 -27.82 -20.80 -8.05
N THR H 171 -28.99 -21.33 -8.40
CA THR H 171 -29.60 -22.48 -7.68
C THR H 171 -28.97 -23.83 -8.00
N GLY H 172 -28.07 -23.85 -8.97
CA GLY H 172 -27.30 -25.04 -9.30
C GLY H 172 -27.58 -25.67 -10.66
N GLY H 173 -26.72 -26.60 -11.02
CA GLY H 173 -26.81 -27.26 -12.30
C GLY H 173 -25.77 -28.35 -12.50
N PHE H 174 -26.05 -29.22 -13.44
CA PHE H 174 -25.18 -30.34 -13.76
C PHE H 174 -24.72 -30.19 -15.19
N VAL H 175 -23.40 -30.24 -15.35
CA VAL H 175 -22.76 -30.20 -16.66
C VAL H 175 -21.94 -31.46 -16.86
N PRO H 176 -22.29 -32.26 -17.86
CA PRO H 176 -21.51 -33.44 -18.18
C PRO H 176 -20.42 -33.18 -19.22
N PHE H 177 -19.33 -33.92 -19.07
CA PHE H 177 -18.20 -33.86 -20.00
C PHE H 177 -17.84 -35.24 -20.56
N THR H 178 -17.64 -35.29 -21.86
CA THR H 178 -17.18 -36.52 -22.50
C THR H 178 -15.67 -36.58 -22.41
N VAL H 179 -15.18 -37.77 -22.08
CA VAL H 179 -13.76 -38.02 -21.95
C VAL H 179 -13.34 -39.16 -22.85
N ASP H 180 -12.44 -38.88 -23.76
CA ASP H 180 -11.88 -39.91 -24.64
C ASP H 180 -10.36 -39.83 -24.73
N LEU H 181 -9.72 -40.87 -24.19
CA LEU H 181 -8.26 -41.04 -24.22
C LEU H 181 -7.90 -42.18 -25.18
N ASN H 182 -7.41 -41.82 -26.36
CA ASN H 182 -7.16 -42.79 -27.42
C ASN H 182 -5.67 -43.08 -27.62
N ASN H 183 -5.28 -44.31 -27.34
CA ASN H 183 -3.91 -44.76 -27.55
C ASN H 183 -3.58 -45.12 -29.02
N GLY H 184 -3.06 -44.14 -29.76
CA GLY H 184 -2.64 -44.33 -31.17
C GLY H 184 -1.29 -45.00 -31.36
N ARG H 185 -0.58 -45.21 -30.25
CA ARG H 185 0.74 -45.83 -30.27
C ARG H 185 0.70 -47.30 -30.66
N GLU H 186 1.88 -47.83 -30.99
CA GLU H 186 2.03 -49.25 -31.32
C GLU H 186 2.20 -50.09 -30.06
N GLY H 187 2.55 -49.45 -28.96
CA GLY H 187 2.66 -50.12 -27.65
C GLY H 187 1.68 -49.60 -26.61
N GLU H 188 1.61 -50.29 -25.47
CA GLU H 188 0.75 -49.86 -24.37
C GLU H 188 1.22 -48.53 -23.76
N ALA H 189 0.25 -47.78 -23.25
CA ALA H 189 0.49 -46.49 -22.63
C ALA H 189 0.07 -46.52 -21.18
N ASN H 190 0.97 -46.06 -20.32
CA ASN H 190 0.69 -45.92 -18.88
C ASN H 190 0.48 -44.47 -18.52
N VAL H 191 -0.76 -44.17 -18.12
CA VAL H 191 -1.14 -42.80 -17.78
C VAL H 191 -1.83 -42.66 -16.44
N GLU H 192 -1.67 -41.46 -15.88
CA GLU H 192 -2.49 -41.03 -14.77
C GLU H 192 -3.33 -39.89 -15.29
N PHE H 193 -4.57 -39.82 -14.82
CA PHE H 193 -5.55 -38.88 -15.36
C PHE H 193 -6.40 -38.30 -14.24
N TRP H 194 -6.71 -37.02 -14.36
CA TRP H 194 -7.59 -36.36 -13.39
C TRP H 194 -8.22 -35.08 -13.91
N MET H 195 -9.21 -34.63 -13.16
CA MET H 195 -9.94 -33.43 -13.50
C MET H 195 -10.26 -32.61 -12.26
N THR H 196 -10.10 -31.29 -12.40
CA THR H 196 -10.54 -30.35 -11.37
C THR H 196 -11.32 -29.22 -11.99
N ALA H 197 -12.01 -28.49 -11.12
CA ALA H 197 -12.67 -27.24 -11.49
C ALA H 197 -12.09 -26.11 -10.65
N VAL H 198 -11.28 -25.30 -11.29
CA VAL H 198 -10.62 -24.19 -10.61
C VAL H 198 -11.55 -22.98 -10.67
N GLY H 199 -11.92 -22.46 -9.52
CA GLY H 199 -12.93 -21.42 -9.45
C GLY H 199 -12.71 -20.31 -8.45
N PRO H 200 -13.79 -19.62 -8.04
CA PRO H 200 -13.65 -18.48 -7.14
C PRO H 200 -13.10 -18.84 -5.79
N ASP H 201 -12.85 -17.80 -5.00
CA ASP H 201 -12.38 -17.93 -3.60
C ASP H 201 -11.31 -19.01 -3.44
N GLY H 202 -10.42 -19.07 -4.41
CA GLY H 202 -9.30 -20.01 -4.41
C GLY H 202 -9.68 -21.50 -4.51
N LEU H 203 -10.90 -21.77 -4.97
CA LEU H 203 -11.42 -23.14 -4.96
C LEU H 203 -10.80 -23.98 -6.07
N ILE H 204 -10.40 -25.18 -5.70
CA ILE H 204 -9.97 -26.22 -6.64
C ILE H 204 -10.83 -27.45 -6.36
N ILE H 205 -11.89 -27.60 -7.15
CA ILE H 205 -12.91 -28.63 -6.88
C ILE H 205 -12.61 -29.92 -7.64
N PRO H 206 -12.47 -31.04 -6.91
CA PRO H 206 -12.29 -32.30 -7.63
C PRO H 206 -13.48 -32.62 -8.51
N VAL H 207 -13.19 -32.95 -9.74
CA VAL H 207 -14.18 -33.33 -10.73
C VAL H 207 -13.97 -34.80 -11.11
N ASN H 208 -12.70 -35.19 -11.19
CA ASN H 208 -12.33 -36.59 -11.34
C ASN H 208 -11.09 -36.91 -10.54
N ALA H 209 -11.23 -37.87 -9.65
CA ALA H 209 -10.11 -38.32 -8.82
C ALA H 209 -8.97 -38.82 -9.68
N ARG H 210 -7.81 -38.96 -9.07
CA ARG H 210 -6.65 -39.44 -9.81
C ARG H 210 -6.80 -40.92 -10.14
N GLU H 211 -6.85 -41.20 -11.43
CA GLU H 211 -6.95 -42.56 -11.97
C GLU H 211 -5.70 -42.98 -12.71
N LYS H 212 -5.22 -44.18 -12.41
CA LYS H 212 -4.07 -44.79 -13.09
C LYS H 212 -4.60 -45.80 -14.11
N TRP H 213 -4.03 -45.78 -15.31
CA TRP H 213 -4.51 -46.64 -16.38
C TRP H 213 -3.41 -47.19 -17.25
N VAL H 214 -3.54 -48.49 -17.52
CA VAL H 214 -2.81 -49.15 -18.60
C VAL H 214 -3.79 -49.22 -19.76
N ILE H 215 -3.46 -48.53 -20.84
CA ILE H 215 -4.26 -48.54 -22.04
C ILE H 215 -3.50 -49.27 -23.14
N ALA H 216 -4.05 -50.39 -23.57
CA ALA H 216 -3.41 -51.21 -24.59
C ALA H 216 -3.41 -50.51 -25.96
N SER H 217 -2.58 -51.02 -26.85
CA SER H 217 -2.40 -50.44 -28.19
C SER H 217 -3.71 -50.40 -28.99
N GLY H 218 -4.05 -49.21 -29.47
CA GLY H 218 -5.28 -48.97 -30.25
C GLY H 218 -6.56 -48.87 -29.42
N ASP H 219 -6.45 -49.12 -28.12
CA ASP H 219 -7.60 -49.09 -27.20
C ASP H 219 -7.94 -47.69 -26.74
N THR H 220 -9.12 -47.57 -26.15
CA THR H 220 -9.64 -46.27 -25.73
C THR H 220 -10.27 -46.31 -24.35
N TYR H 221 -9.82 -45.39 -23.50
CA TYR H 221 -10.52 -45.10 -22.24
C TYR H 221 -11.57 -44.08 -22.58
N SER H 222 -12.82 -44.48 -22.48
CA SER H 222 -13.90 -43.63 -22.91
C SER H 222 -15.01 -43.62 -21.89
N LYS H 223 -15.43 -42.43 -21.51
CA LYS H 223 -16.51 -42.27 -20.53
C LYS H 223 -17.12 -40.89 -20.51
N VAL H 224 -18.18 -40.75 -19.73
CA VAL H 224 -18.78 -39.45 -19.43
C VAL H 224 -18.57 -39.16 -17.97
N ARG H 225 -18.23 -37.92 -17.71
CA ARG H 225 -17.95 -37.47 -16.35
C ARG H 225 -18.49 -36.08 -16.16
N GLY H 226 -19.39 -35.94 -15.22
CA GLY H 226 -20.06 -34.70 -14.99
C GLY H 226 -19.66 -34.04 -13.68
N ILE H 227 -19.97 -32.76 -13.59
CA ILE H 227 -19.82 -32.04 -12.35
C ILE H 227 -21.16 -31.43 -11.98
N ASN H 228 -21.53 -31.65 -10.72
CA ASN H 228 -22.73 -31.05 -10.16
C ASN H 228 -22.38 -29.75 -9.45
N PHE H 229 -22.77 -28.65 -10.07
CA PHE H 229 -22.57 -27.34 -9.46
C PHE H 229 -23.64 -27.17 -8.42
N ASP H 230 -23.29 -27.49 -7.18
CA ASP H 230 -24.21 -27.39 -6.05
C ASP H 230 -24.64 -25.94 -5.84
N LYS H 231 -25.89 -25.77 -5.43
CA LYS H 231 -26.45 -24.43 -5.11
C LYS H 231 -25.46 -23.61 -4.29
N SER H 232 -24.84 -24.25 -3.32
CA SER H 232 -23.95 -23.57 -2.36
C SER H 232 -22.61 -23.08 -2.95
N TYR H 233 -22.19 -23.65 -4.08
CA TYR H 233 -20.95 -23.20 -4.74
C TYR H 233 -21.06 -21.74 -5.13
N PRO H 234 -19.98 -20.98 -4.93
CA PRO H 234 -20.07 -19.53 -5.16
C PRO H 234 -20.23 -19.14 -6.61
N ALA H 235 -20.89 -18.01 -6.80
CA ALA H 235 -21.02 -17.41 -8.11
C ALA H 235 -19.65 -17.07 -8.67
N GLY H 236 -19.53 -17.21 -9.98
CA GLY H 236 -18.29 -16.87 -10.68
C GLY H 236 -17.86 -17.82 -11.77
N GLU H 237 -16.59 -17.70 -12.13
CA GLU H 237 -16.02 -18.43 -13.27
C GLU H 237 -15.30 -19.68 -12.81
N TYR H 238 -15.76 -20.82 -13.33
CA TYR H 238 -15.10 -22.12 -13.09
C TYR H 238 -14.36 -22.60 -14.33
N THR H 239 -13.08 -22.90 -14.15
CA THR H 239 -12.24 -23.43 -15.23
C THR H 239 -12.15 -24.94 -15.06
N ILE H 240 -12.92 -25.66 -15.88
CA ILE H 240 -12.91 -27.12 -15.86
C ILE H 240 -11.64 -27.57 -16.56
N ASN H 241 -10.80 -28.24 -15.80
CA ASN H 241 -9.44 -28.58 -16.23
C ASN H 241 -9.15 -30.06 -16.10
N ALA H 242 -8.76 -30.65 -17.22
CA ALA H 242 -8.40 -32.06 -17.26
C ALA H 242 -6.95 -32.22 -17.57
N GLN H 243 -6.28 -33.12 -16.85
CA GLN H 243 -4.86 -33.38 -17.11
C GLN H 243 -4.56 -34.84 -17.25
N VAL H 244 -3.61 -35.13 -18.11
CA VAL H 244 -3.11 -36.49 -18.30
C VAL H 244 -1.59 -36.53 -18.30
N VAL H 245 -1.05 -37.39 -17.45
CA VAL H 245 0.39 -37.63 -17.39
C VAL H 245 0.77 -39.01 -17.90
N ASP H 246 1.76 -39.03 -18.78
CA ASP H 246 2.44 -40.27 -19.18
C ASP H 246 3.41 -40.62 -18.06
N ILE H 247 3.15 -41.73 -17.40
CA ILE H 247 3.89 -42.16 -16.21
C ILE H 247 5.34 -42.55 -16.52
N VAL H 248 5.58 -42.95 -17.75
CA VAL H 248 6.91 -43.37 -18.22
C VAL H 248 7.73 -42.15 -18.65
N SER H 249 7.22 -41.40 -19.62
CA SER H 249 7.97 -40.23 -20.15
C SER H 249 7.97 -39.06 -19.17
N GLY H 250 6.89 -38.93 -18.40
CA GLY H 250 6.66 -37.75 -17.56
C GLY H 250 6.01 -36.56 -18.29
N GLU H 251 5.77 -36.69 -19.59
CA GLU H 251 5.04 -35.66 -20.33
C GLU H 251 3.64 -35.48 -19.74
N ARG H 252 3.24 -34.24 -19.58
CA ARG H 252 1.93 -33.93 -19.09
C ARG H 252 1.22 -33.06 -20.11
N VAL H 253 -0.09 -33.27 -20.22
CA VAL H 253 -0.85 -32.53 -21.18
C VAL H 253 -2.19 -32.17 -20.54
N GLU H 254 -2.76 -31.07 -21.00
CA GLU H 254 -3.96 -30.45 -20.40
C GLU H 254 -5.03 -30.17 -21.42
N GLN H 255 -6.28 -30.18 -20.97
CA GLN H 255 -7.37 -29.58 -21.72
C GLN H 255 -8.33 -28.87 -20.77
N SER H 256 -8.86 -27.74 -21.22
CA SER H 256 -9.65 -26.88 -20.36
C SER H 256 -10.87 -26.31 -21.04
N MET H 257 -11.92 -26.16 -20.23
CA MET H 257 -13.20 -25.58 -20.61
C MET H 257 -13.71 -24.71 -19.49
N THR H 258 -14.45 -23.68 -19.85
CA THR H 258 -14.91 -22.74 -18.86
C THR H 258 -16.45 -22.81 -18.67
N VAL H 259 -16.86 -22.80 -17.41
CA VAL H 259 -18.26 -22.81 -17.02
C VAL H 259 -18.45 -21.73 -15.96
N VAL H 260 -19.47 -20.90 -16.15
CA VAL H 260 -19.74 -19.84 -15.18
C VAL H 260 -21.01 -20.13 -14.38
N LYS H 261 -20.89 -19.99 -13.07
CA LYS H 261 -22.04 -20.02 -12.17
C LYS H 261 -22.56 -18.62 -11.91
N LYS H 262 -23.79 -18.39 -12.33
CA LYS H 262 -24.44 -17.10 -12.17
C LYS H 262 -24.90 -16.94 -10.73
#